data_6YJZ
#
_entry.id   6YJZ
#
_cell.length_a   279.135
_cell.length_b   53.433
_cell.length_c   109.372
_cell.angle_alpha   90.00
_cell.angle_beta   90.00
_cell.angle_gamma   90.00
#
_symmetry.space_group_name_H-M   'C 1 2 1'
#
loop_
_entity.id
_entity.type
_entity.pdbx_description
1 polymer 'Pyridoxal Kinase'
2 non-polymer 'TETRAETHYLENE GLYCOL'
3 non-polymer GLYCEROL
4 non-polymer 1,2-ETHANEDIOL
5 water water
#
_entity_poly.entity_id   1
_entity_poly.type   'polypeptide(L)'
_entity_poly.pdbx_seq_one_letter_code
;GPMEGECRVLSIQSHVVRGYVGNRAAMFPLQVLGFEVDAVNSVQFSNHTGYAHWKGQVLKSQELHELYEGLKVNDVNKYD
YVLTGYTRDKSFLAMVVDIVRELKQQNSRLVYVCDPVMGDKWNGEGSMYVPQDLLPVYRDKVVPVADIITPNQFEAELLS
GRKIHSQEEAFEVMDMLHCMGPDTVVITSSDLPSSQGSDYLIALGSQRMRKPDGSTVTQRIRMEMRKVEAVFVGTGDLFA
AMLLAWTHKHPDNLKVACEKTVSAMQHVLQRTIRCAKAEAGEGQKPSPAQLELRMVQSKRDIEDPEIVVQATVL
;
_entity_poly.pdbx_strand_id   A,B,C,D
#
loop_
_chem_comp.id
_chem_comp.type
_chem_comp.name
_chem_comp.formula
EDO non-polymer 1,2-ETHANEDIOL 'C2 H6 O2'
GOL non-polymer GLYCEROL 'C3 H8 O3'
PG4 non-polymer 'TETRAETHYLENE GLYCOL' 'C8 H18 O5'
#
# COMPACT_ATOMS: atom_id res chain seq x y z
N GLU A 6 26.25 16.38 -4.59
CA GLU A 6 27.27 15.37 -4.84
C GLU A 6 27.28 14.34 -3.70
N CYS A 7 27.08 14.81 -2.48
CA CYS A 7 27.15 13.99 -1.28
C CYS A 7 25.85 14.17 -0.51
N ARG A 8 25.07 13.10 -0.39
CA ARG A 8 23.73 13.17 0.20
C ARG A 8 23.74 12.53 1.59
N VAL A 9 23.18 13.25 2.56
CA VAL A 9 23.09 12.81 3.95
C VAL A 9 21.62 12.61 4.29
N LEU A 10 21.31 11.48 4.90
CA LEU A 10 20.00 11.24 5.50
C LEU A 10 20.09 11.60 6.98
N SER A 11 19.41 12.66 7.39
CA SER A 11 19.39 13.10 8.78
C SER A 11 18.01 12.84 9.35
N ILE A 12 17.95 12.03 10.39
CA ILE A 12 16.70 11.64 11.04
C ILE A 12 16.76 12.22 12.45
N GLN A 13 16.14 13.39 12.63
CA GLN A 13 16.29 14.10 13.90
C GLN A 13 15.04 14.93 14.16
N SER A 14 15.05 15.60 15.31
CA SER A 14 13.93 16.41 15.74
C SER A 14 13.79 17.67 14.87
N HIS A 15 12.57 18.20 14.85
CA HIS A 15 12.27 19.46 14.21
C HIS A 15 11.51 20.35 15.19
N VAL A 16 11.88 21.62 15.22
CA VAL A 16 11.17 22.63 16.00
C VAL A 16 10.76 23.76 15.06
N VAL A 17 9.56 24.29 15.29
CA VAL A 17 9.11 25.45 14.53
C VAL A 17 10.08 26.61 14.71
N ARG A 18 10.33 26.98 15.96
CA ARG A 18 11.34 27.97 16.32
C ARG A 18 12.52 27.26 16.95
N GLY A 19 13.73 27.62 16.53
CA GLY A 19 14.94 27.21 17.21
C GLY A 19 15.82 26.35 16.33
N TYR A 20 16.91 25.88 16.95
CA TYR A 20 17.93 25.09 16.24
C TYR A 20 18.34 23.91 17.13
N VAL A 21 17.67 22.79 16.90
CA VAL A 21 18.03 21.50 17.47
C VAL A 21 17.69 20.45 16.42
N GLY A 22 18.28 19.27 16.57
CA GLY A 22 18.02 18.20 15.62
C GLY A 22 18.25 18.67 14.20
N ASN A 23 17.32 18.33 13.31
CA ASN A 23 17.49 18.68 11.90
C ASN A 23 17.67 20.17 11.71
N ARG A 24 16.96 20.99 12.49
CA ARG A 24 17.10 22.43 12.36
C ARG A 24 18.55 22.87 12.58
N ALA A 25 19.25 22.21 13.50
CA ALA A 25 20.65 22.54 13.76
C ALA A 25 21.61 21.84 12.82
N ALA A 26 21.16 20.84 12.07
CA ALA A 26 22.05 20.05 11.23
C ALA A 26 21.87 20.29 9.74
N MET A 27 20.64 20.49 9.28
CA MET A 27 20.41 20.58 7.84
C MET A 27 21.04 21.84 7.24
N PHE A 28 20.82 22.99 7.86
CA PHE A 28 21.34 24.23 7.30
C PHE A 28 22.86 24.22 7.18
N PRO A 29 23.63 23.97 8.23
CA PRO A 29 25.09 23.92 8.04
C PRO A 29 25.51 22.96 6.95
N LEU A 30 25.03 21.71 7.02
CA LEU A 30 25.37 20.74 5.99
C LEU A 30 25.01 21.26 4.59
N GLN A 31 23.88 21.95 4.47
CA GLN A 31 23.50 22.49 3.17
C GLN A 31 24.47 23.57 2.72
N VAL A 32 24.91 24.45 3.63
CA VAL A 32 25.82 25.51 3.22
C VAL A 32 27.23 24.96 2.97
N LEU A 33 27.54 23.81 3.55
CA LEU A 33 28.82 23.14 3.31
C LEU A 33 28.79 22.24 2.09
N GLY A 34 27.71 22.27 1.30
CA GLY A 34 27.67 21.61 0.02
C GLY A 34 27.05 20.24 0.00
N PHE A 35 26.40 19.82 1.07
CA PHE A 35 25.79 18.50 1.14
C PHE A 35 24.29 18.59 0.86
N GLU A 36 23.82 17.72 -0.02
CA GLU A 36 22.38 17.50 -0.13
C GLU A 36 21.89 16.77 1.11
N VAL A 37 20.74 17.18 1.63
CA VAL A 37 20.25 16.65 2.90
C VAL A 37 18.79 16.22 2.74
N ASP A 38 18.52 14.96 3.01
CA ASP A 38 17.15 14.45 3.16
C ASP A 38 16.84 14.38 4.65
N ALA A 39 15.80 15.08 5.08
CA ALA A 39 15.52 15.28 6.49
C ALA A 39 14.23 14.59 6.89
N VAL A 40 14.33 13.63 7.81
CA VAL A 40 13.17 13.06 8.48
C VAL A 40 13.04 13.73 9.83
N ASN A 41 11.98 14.50 10.00
CA ASN A 41 11.71 15.19 11.27
C ASN A 41 11.07 14.19 12.22
N SER A 42 11.87 13.70 13.17
CA SER A 42 11.39 12.70 14.11
C SER A 42 10.28 13.23 15.00
N VAL A 43 10.22 14.55 15.21
CA VAL A 43 9.16 15.18 15.97
C VAL A 43 8.96 16.58 15.41
N GLN A 44 7.79 17.16 15.69
CA GLN A 44 7.53 18.56 15.38
C GLN A 44 6.99 19.22 16.65
N PHE A 45 7.83 20.01 17.30
CA PHE A 45 7.47 20.76 18.49
C PHE A 45 7.57 22.25 18.19
N SER A 46 6.80 23.05 18.92
CA SER A 46 6.92 24.50 18.79
C SER A 46 8.34 24.96 19.09
N ASN A 47 8.99 24.33 20.08
CA ASN A 47 10.30 24.74 20.55
C ASN A 47 10.85 23.59 21.40
N HIS A 48 12.13 23.68 21.76
CA HIS A 48 12.73 22.59 22.52
C HIS A 48 12.27 22.66 23.99
N THR A 49 12.40 21.53 24.68
CA THR A 49 11.80 21.34 25.99
C THR A 49 12.49 22.14 27.09
N GLY A 50 13.52 22.93 26.77
CA GLY A 50 14.09 23.83 27.76
C GLY A 50 13.25 25.05 28.03
N TYR A 51 12.33 25.38 27.13
CA TYR A 51 11.40 26.47 27.37
C TYR A 51 10.46 26.12 28.53
N ALA A 52 9.79 27.15 29.06
CA ALA A 52 8.82 26.91 30.12
C ALA A 52 7.66 26.05 29.63
N HIS A 53 7.31 26.16 28.36
CA HIS A 53 6.20 25.43 27.78
C HIS A 53 6.61 24.90 26.42
N TRP A 54 5.94 23.82 26.01
CA TRP A 54 6.16 23.25 24.70
C TRP A 54 4.89 22.50 24.27
N LYS A 55 4.66 22.48 22.96
CA LYS A 55 3.56 21.74 22.38
C LYS A 55 4.04 21.14 21.06
N GLY A 56 3.53 19.96 20.73
CA GLY A 56 3.88 19.36 19.47
C GLY A 56 3.46 17.91 19.39
N GLN A 57 3.98 17.24 18.37
CA GLN A 57 3.65 15.87 18.04
C GLN A 57 4.93 15.11 17.77
N VAL A 58 4.90 13.79 18.01
CA VAL A 58 6.05 12.92 17.79
C VAL A 58 5.74 12.00 16.62
N LEU A 59 6.69 11.80 15.72
CA LEU A 59 6.46 10.91 14.64
C LEU A 59 6.60 9.50 15.13
N LYS A 60 5.71 8.61 14.76
CA LYS A 60 5.79 7.25 15.18
C LYS A 60 6.84 6.51 14.38
N SER A 61 7.29 5.39 14.90
CA SER A 61 8.27 4.56 14.23
C SER A 61 7.72 4.04 12.94
N GLN A 62 6.45 3.69 12.90
CA GLN A 62 5.77 3.26 11.72
C GLN A 62 5.74 4.34 10.70
N GLU A 63 5.53 5.56 11.12
CA GLU A 63 5.52 6.70 10.26
C GLU A 63 6.90 6.93 9.69
N LEU A 64 7.95 6.70 10.46
CA LEU A 64 9.28 6.78 9.96
C LEU A 64 9.52 5.75 8.88
N HIS A 65 9.00 4.55 9.09
CA HIS A 65 9.08 3.48 8.17
C HIS A 65 8.38 3.84 6.88
N GLU A 66 7.24 4.49 6.97
CA GLU A 66 6.50 4.92 5.81
C GLU A 66 7.29 5.88 4.99
N LEU A 67 7.89 6.83 5.62
CA LEU A 67 8.70 7.81 4.88
C LEU A 67 9.89 7.12 4.20
N TYR A 68 10.58 6.23 4.92
CA TYR A 68 11.70 5.53 4.31
C TYR A 68 11.24 4.69 3.13
N GLU A 69 10.11 4.01 3.26
CA GLU A 69 9.59 3.21 2.16
C GLU A 69 9.14 4.08 0.99
N GLY A 70 8.66 5.29 1.27
CA GLY A 70 8.35 6.21 0.19
C GLY A 70 9.58 6.60 -0.60
N LEU A 71 10.69 6.88 0.10
CA LEU A 71 11.95 7.12 -0.60
C LEU A 71 12.41 5.88 -1.35
N LYS A 72 12.19 4.70 -0.76
CA LYS A 72 12.70 3.46 -1.31
C LYS A 72 11.98 3.06 -2.58
N VAL A 73 10.65 3.18 -2.60
CA VAL A 73 9.86 2.77 -3.76
C VAL A 73 10.10 3.70 -4.94
N ASN A 74 10.52 4.93 -4.70
CA ASN A 74 10.96 5.83 -5.75
C ASN A 74 12.44 5.67 -6.06
N ASP A 75 13.09 4.69 -5.46
CA ASP A 75 14.49 4.38 -5.75
C ASP A 75 15.39 5.58 -5.48
N VAL A 76 15.06 6.35 -4.44
CA VAL A 76 15.85 7.50 -4.05
C VAL A 76 16.28 7.36 -2.58
N ASN A 77 16.36 6.12 -2.09
CA ASN A 77 16.92 5.85 -0.77
C ASN A 77 18.41 5.56 -0.87
N LYS A 78 19.12 6.39 -1.62
CA LYS A 78 20.55 6.24 -1.88
C LYS A 78 21.29 7.36 -1.18
N TYR A 79 22.21 7.01 -0.29
CA TYR A 79 22.87 7.98 0.56
C TYR A 79 24.34 7.66 0.71
N ASP A 80 25.14 8.72 0.87
CA ASP A 80 26.54 8.59 1.24
C ASP A 80 26.72 8.61 2.75
N TYR A 81 25.83 9.29 3.47
CA TYR A 81 25.94 9.41 4.91
C TYR A 81 24.57 9.22 5.55
N VAL A 82 24.59 8.82 6.82
CA VAL A 82 23.41 8.84 7.67
C VAL A 82 23.79 9.51 8.98
N LEU A 83 22.91 10.35 9.49
CA LEU A 83 23.19 11.20 10.63
C LEU A 83 22.01 11.13 11.59
N THR A 84 22.29 10.83 12.86
CA THR A 84 21.25 10.74 13.87
C THR A 84 21.75 11.31 15.19
N GLY A 85 20.80 11.63 16.07
CA GLY A 85 21.11 12.17 17.37
C GLY A 85 20.14 11.73 18.46
N TYR A 86 19.42 12.69 19.03
CA TYR A 86 18.59 12.41 20.18
C TYR A 86 17.33 11.63 19.78
N THR A 87 17.11 10.50 20.45
CA THR A 87 15.93 9.68 20.28
C THR A 87 15.47 9.21 21.66
N ARG A 88 14.16 9.25 21.90
CA ARG A 88 13.61 8.83 23.18
C ARG A 88 12.92 7.46 23.13
N ASP A 89 12.62 6.95 21.97
CA ASP A 89 11.89 5.72 21.85
C ASP A 89 12.78 4.61 21.36
N LYS A 90 12.79 3.48 22.01
CA LYS A 90 13.59 2.32 21.59
C LYS A 90 13.18 1.85 20.20
N SER A 91 11.90 1.86 19.88
CA SER A 91 11.42 1.41 18.60
C SER A 91 11.96 2.22 17.49
N PHE A 92 12.01 3.51 17.71
CA PHE A 92 12.49 4.42 16.74
C PHE A 92 13.94 4.19 16.44
N LEU A 93 14.75 4.01 17.48
CA LEU A 93 16.18 3.75 17.31
C LEU A 93 16.43 2.42 16.61
N ALA A 94 15.63 1.40 16.94
CA ALA A 94 15.78 0.12 16.26
C ALA A 94 15.46 0.24 14.78
N MET A 95 14.43 0.98 14.45
CA MET A 95 14.08 1.19 13.07
C MET A 95 15.19 1.95 12.37
N VAL A 96 15.82 2.89 13.03
CA VAL A 96 16.95 3.61 12.48
C VAL A 96 18.10 2.66 12.20
N VAL A 97 18.34 1.73 13.11
CA VAL A 97 19.41 0.75 12.91
C VAL A 97 19.10 -0.13 11.70
N ASP A 98 17.84 -0.54 11.56
CA ASP A 98 17.47 -1.31 10.38
C ASP A 98 17.73 -0.54 9.10
N ILE A 99 17.36 0.75 9.09
CA ILE A 99 17.59 1.58 7.91
C ILE A 99 19.08 1.67 7.62
N VAL A 100 19.89 1.90 8.65
CA VAL A 100 21.34 2.01 8.46
C VAL A 100 21.90 0.71 7.90
N ARG A 101 21.46 -0.43 8.45
CA ARG A 101 21.98 -1.71 7.96
C ARG A 101 21.60 -1.95 6.51
N GLU A 102 20.34 -1.66 6.15
CA GLU A 102 19.92 -1.82 4.76
C GLU A 102 20.74 -0.92 3.84
N LEU A 103 20.92 0.35 4.23
CA LEU A 103 21.66 1.28 3.39
C LEU A 103 23.11 0.86 3.23
N LYS A 104 23.74 0.39 4.32
CA LYS A 104 25.13 -0.05 4.22
C LYS A 104 25.25 -1.32 3.39
N GLN A 105 24.24 -2.19 3.43
CA GLN A 105 24.21 -3.32 2.51
C GLN A 105 24.10 -2.84 1.07
N GLN A 106 23.42 -1.71 0.84
CA GLN A 106 23.36 -1.14 -0.49
C GLN A 106 24.67 -0.46 -0.88
N ASN A 107 25.34 0.20 0.08
CA ASN A 107 26.55 0.97 -0.18
C ASN A 107 27.53 0.69 0.93
N SER A 108 28.57 -0.10 0.63
CA SER A 108 29.50 -0.52 1.67
C SER A 108 30.34 0.62 2.22
N ARG A 109 30.48 1.72 1.47
CA ARG A 109 31.27 2.87 1.91
C ARG A 109 30.41 3.95 2.57
N LEU A 110 29.17 3.63 2.91
CA LEU A 110 28.32 4.58 3.63
C LEU A 110 28.86 4.79 5.04
N VAL A 111 28.91 6.05 5.47
CA VAL A 111 29.41 6.43 6.78
C VAL A 111 28.23 6.80 7.66
N TYR A 112 28.07 6.11 8.78
CA TYR A 112 27.02 6.40 9.75
C TYR A 112 27.62 7.23 10.87
N VAL A 113 27.21 8.49 10.94
CA VAL A 113 27.62 9.40 12.00
C VAL A 113 26.52 9.40 13.06
N CYS A 114 26.88 9.04 14.29
CA CYS A 114 25.90 8.86 15.36
C CYS A 114 26.33 9.61 16.61
N ASP A 115 25.47 10.49 17.10
CA ASP A 115 25.62 11.06 18.42
C ASP A 115 24.78 10.22 19.39
N PRO A 116 25.41 9.37 20.22
CA PRO A 116 24.64 8.49 21.13
C PRO A 116 24.12 9.24 22.35
N VAL A 117 23.11 10.08 22.14
CA VAL A 117 22.62 10.96 23.20
C VAL A 117 21.95 10.12 24.28
N MET A 118 22.47 10.22 25.50
CA MET A 118 21.90 9.48 26.63
C MET A 118 21.92 10.29 27.91
N GLY A 119 23.01 11.01 28.16
CA GLY A 119 23.14 11.75 29.39
C GLY A 119 24.33 12.67 29.37
N ASP A 120 24.72 13.14 30.54
CA ASP A 120 25.85 14.06 30.67
C ASP A 120 26.32 14.06 32.11
N LYS A 121 27.23 14.98 32.43
CA LYS A 121 27.90 15.05 33.73
C LYS A 121 28.21 13.66 34.28
N SER A 127 23.83 11.65 35.45
CA SER A 127 22.45 11.88 35.10
C SER A 127 22.17 11.52 33.64
N MET A 128 21.26 10.58 33.43
CA MET A 128 20.88 10.11 32.10
C MET A 128 19.46 10.60 31.81
N TYR A 129 19.33 11.46 30.81
CA TYR A 129 18.04 12.05 30.43
C TYR A 129 17.44 11.36 29.21
N VAL A 130 17.61 10.05 29.10
CA VAL A 130 16.97 9.24 28.07
C VAL A 130 16.43 7.99 28.76
N PRO A 131 15.36 7.37 28.28
CA PRO A 131 14.91 6.12 28.92
C PRO A 131 16.04 5.11 29.01
N GLN A 132 16.18 4.49 30.18
CA GLN A 132 17.32 3.61 30.42
C GLN A 132 17.37 2.45 29.43
N ASP A 133 16.22 1.96 28.97
CA ASP A 133 16.20 0.85 28.04
C ASP A 133 16.91 1.16 26.73
N LEU A 134 17.35 2.40 26.51
CA LEU A 134 18.09 2.73 25.30
C LEU A 134 19.58 2.49 25.43
N LEU A 135 20.12 2.40 26.65
CA LEU A 135 21.55 2.16 26.79
C LEU A 135 21.96 0.83 26.15
N PRO A 136 21.30 -0.30 26.42
CA PRO A 136 21.65 -1.52 25.68
C PRO A 136 21.56 -1.34 24.18
N VAL A 137 20.49 -0.70 23.70
CA VAL A 137 20.29 -0.54 22.26
C VAL A 137 21.46 0.20 21.64
N TYR A 138 21.84 1.34 22.23
CA TYR A 138 23.01 2.06 21.74
C TYR A 138 24.27 1.21 21.87
N ARG A 139 24.36 0.38 22.90
CA ARG A 139 25.60 -0.38 23.12
C ARG A 139 25.70 -1.54 22.14
N ASP A 140 24.62 -2.29 21.96
CA ASP A 140 24.66 -3.56 21.24
C ASP A 140 24.11 -3.47 19.82
N LYS A 141 23.50 -2.36 19.44
CA LYS A 141 22.89 -2.27 18.11
C LYS A 141 23.31 -1.04 17.33
N VAL A 142 23.36 0.13 17.96
CA VAL A 142 23.63 1.36 17.22
C VAL A 142 25.13 1.55 17.01
N VAL A 143 25.89 1.61 18.10
CA VAL A 143 27.33 1.85 17.99
C VAL A 143 28.00 0.83 17.09
N PRO A 144 27.68 -0.46 17.16
CA PRO A 144 28.37 -1.43 16.28
C PRO A 144 28.31 -1.09 14.80
N VAL A 145 27.24 -0.47 14.31
CA VAL A 145 27.14 -0.12 12.89
C VAL A 145 27.48 1.34 12.63
N ALA A 146 27.95 2.07 13.65
CA ALA A 146 28.37 3.45 13.46
C ALA A 146 29.84 3.50 13.04
N ASP A 147 30.16 4.49 12.21
CA ASP A 147 31.51 4.72 11.74
C ASP A 147 32.18 5.90 12.43
N ILE A 148 31.39 6.89 12.84
CA ILE A 148 31.86 8.04 13.60
C ILE A 148 30.86 8.26 14.72
N ILE A 149 31.33 8.26 15.96
CA ILE A 149 30.48 8.55 17.11
C ILE A 149 31.07 9.73 17.88
N THR A 150 30.18 10.55 18.43
CA THR A 150 30.57 11.78 19.12
C THR A 150 30.03 11.77 20.54
N PRO A 151 30.31 10.76 21.34
CA PRO A 151 29.81 10.74 22.71
C PRO A 151 30.53 11.77 23.57
N ASN A 152 29.87 12.17 24.65
CA ASN A 152 30.56 12.86 25.71
C ASN A 152 31.24 11.82 26.61
N GLN A 153 31.93 12.28 27.65
CA GLN A 153 32.63 11.35 28.52
C GLN A 153 31.65 10.39 29.19
N PHE A 154 30.55 10.92 29.73
CA PHE A 154 29.62 10.06 30.45
C PHE A 154 29.03 8.99 29.53
N GLU A 155 28.73 9.35 28.28
CA GLU A 155 28.20 8.37 27.35
C GLU A 155 29.26 7.34 26.96
N ALA A 156 30.53 7.76 26.85
CA ALA A 156 31.59 6.80 26.61
C ALA A 156 31.73 5.81 27.76
N GLU A 157 31.58 6.30 29.00
CA GLU A 157 31.61 5.42 30.16
C GLU A 157 30.43 4.45 30.13
N LEU A 158 29.22 4.97 29.86
CA LEU A 158 28.05 4.11 29.79
C LEU A 158 28.24 3.01 28.75
N LEU A 159 28.70 3.37 27.55
CA LEU A 159 28.85 2.40 26.48
C LEU A 159 29.97 1.40 26.78
N SER A 160 31.06 1.86 27.43
CA SER A 160 32.18 0.97 27.71
C SER A 160 31.98 0.18 28.99
N GLY A 161 31.20 0.70 29.94
CA GLY A 161 31.05 0.09 31.24
C GLY A 161 32.09 0.50 32.26
N ARG A 162 33.14 1.20 31.83
CA ARG A 162 34.27 1.54 32.70
C ARG A 162 34.29 3.03 32.96
N LYS A 163 34.63 3.41 34.19
CA LYS A 163 34.80 4.81 34.54
C LYS A 163 36.15 5.32 34.04
N ILE A 164 36.18 6.59 33.65
CA ILE A 164 37.39 7.23 33.15
C ILE A 164 37.87 8.22 34.19
N HIS A 165 39.11 8.05 34.64
CA HIS A 165 39.75 8.97 35.57
C HIS A 165 40.96 9.69 34.99
N SER A 166 41.39 9.32 33.78
CA SER A 166 42.61 9.87 33.21
C SER A 166 42.50 9.86 31.69
N GLN A 167 43.38 10.63 31.06
CA GLN A 167 43.43 10.61 29.60
C GLN A 167 43.85 9.24 29.09
N GLU A 168 44.77 8.57 29.80
CA GLU A 168 45.13 7.21 29.42
C GLU A 168 43.92 6.28 29.48
N GLU A 169 43.17 6.35 30.58
CA GLU A 169 41.96 5.55 30.70
C GLU A 169 40.93 5.97 29.66
N ALA A 170 40.87 7.27 29.35
CA ALA A 170 39.94 7.74 28.32
C ALA A 170 40.26 7.12 26.97
N PHE A 171 41.54 7.07 26.60
CA PHE A 171 41.90 6.48 25.32
C PHE A 171 41.79 4.96 25.33
N GLU A 172 41.93 4.33 26.50
CA GLU A 172 41.63 2.89 26.57
C GLU A 172 40.14 2.63 26.32
N VAL A 173 39.28 3.47 26.92
CA VAL A 173 37.85 3.35 26.66
C VAL A 173 37.55 3.62 25.19
N MET A 174 38.22 4.61 24.59
CA MET A 174 38.03 4.89 23.18
C MET A 174 38.52 3.75 22.31
N ASP A 175 39.56 3.03 22.74
CA ASP A 175 39.98 1.83 22.03
C ASP A 175 38.91 0.75 22.11
N MET A 176 38.30 0.58 23.29
CA MET A 176 37.18 -0.35 23.40
C MET A 176 36.05 0.04 22.45
N LEU A 177 35.75 1.33 22.35
CA LEU A 177 34.68 1.78 21.48
C LEU A 177 35.03 1.53 20.02
N HIS A 178 36.28 1.82 19.62
CA HIS A 178 36.76 1.41 18.31
C HIS A 178 36.48 -0.06 18.06
N CYS A 179 36.83 -0.90 19.04
CA CYS A 179 36.55 -2.33 18.93
C CYS A 179 35.07 -2.59 18.72
N MET A 180 34.21 -1.77 19.31
CA MET A 180 32.77 -1.98 19.14
C MET A 180 32.30 -1.66 17.73
N GLY A 181 33.01 -0.83 16.98
CA GLY A 181 32.64 -0.55 15.60
C GLY A 181 33.31 0.65 14.97
N PRO A 182 32.98 1.85 15.45
CA PRO A 182 33.38 3.06 14.73
C PRO A 182 34.89 3.24 14.67
N ASP A 183 35.40 3.48 13.46
CA ASP A 183 36.82 3.76 13.27
C ASP A 183 37.21 5.15 13.74
N THR A 184 36.25 6.03 14.00
CA THR A 184 36.51 7.37 14.50
C THR A 184 35.67 7.61 15.75
N VAL A 185 36.33 8.00 16.83
CA VAL A 185 35.68 8.23 18.12
C VAL A 185 36.13 9.60 18.61
N VAL A 186 35.17 10.49 18.87
CA VAL A 186 35.44 11.80 19.41
C VAL A 186 34.66 11.93 20.71
N ILE A 187 35.37 12.01 21.83
CA ILE A 187 34.76 12.44 23.09
C ILE A 187 34.75 13.97 23.05
N THR A 188 33.58 14.57 22.94
CA THR A 188 33.49 15.98 22.78
C THR A 188 33.56 16.76 24.04
N SER A 189 33.24 16.14 25.15
CA SER A 189 33.30 16.81 26.39
C SER A 189 33.77 15.90 27.46
N SER A 190 34.50 16.38 28.43
CA SER A 190 35.01 15.55 29.48
C SER A 190 35.34 16.34 30.70
N ASP A 191 35.57 15.69 31.82
CA ASP A 191 36.01 16.33 33.06
C ASP A 191 37.51 16.25 33.25
N LEU A 192 38.23 15.86 32.22
CA LEU A 192 39.66 15.75 32.34
C LEU A 192 40.31 17.10 32.57
N PRO A 193 41.38 17.14 33.37
CA PRO A 193 42.06 18.39 33.66
C PRO A 193 42.83 18.93 32.50
N SER A 194 42.93 20.22 32.38
CA SER A 194 43.58 20.78 31.28
C SER A 194 44.77 21.57 31.73
N SER A 195 45.80 21.65 30.92
CA SER A 195 46.94 22.41 31.29
C SER A 195 46.61 23.88 31.34
N GLN A 196 45.81 24.34 30.41
CA GLN A 196 45.45 25.73 30.31
C GLN A 196 44.63 26.29 31.45
N GLY A 197 43.85 25.48 32.12
CA GLY A 197 43.07 25.97 33.22
C GLY A 197 41.83 25.18 33.42
N SER A 198 41.05 25.55 34.42
CA SER A 198 39.81 24.86 34.75
C SER A 198 38.66 25.18 33.83
N ASP A 199 38.80 26.24 33.09
CA ASP A 199 37.83 26.69 32.18
C ASP A 199 38.00 26.18 30.81
N TYR A 200 38.91 25.24 30.58
CA TYR A 200 39.06 24.67 29.31
C TYR A 200 38.54 23.27 29.40
N LEU A 201 37.81 22.81 28.41
CA LEU A 201 37.29 21.47 28.46
C LEU A 201 38.17 20.60 27.58
N ILE A 202 38.34 19.36 27.92
CA ILE A 202 39.15 18.50 27.11
C ILE A 202 38.33 17.64 26.13
N ALA A 203 38.71 17.60 24.87
CA ALA A 203 38.04 16.78 23.91
C ALA A 203 39.07 15.87 23.30
N LEU A 204 38.75 14.62 23.07
CA LEU A 204 39.74 13.68 22.57
C LEU A 204 39.24 13.03 21.28
N GLY A 205 40.18 12.72 20.42
CA GLY A 205 39.86 12.09 19.14
C GLY A 205 40.76 10.90 18.89
N SER A 206 40.17 9.86 18.29
CA SER A 206 40.90 8.64 17.96
C SER A 206 40.38 8.14 16.63
N GLN A 207 41.30 7.90 15.69
CA GLN A 207 40.94 7.42 14.37
C GLN A 207 41.83 6.25 14.00
N ARG A 208 41.20 5.13 13.64
CA ARG A 208 41.92 3.96 13.17
C ARG A 208 42.07 4.07 11.66
N MET A 209 43.30 4.28 11.20
CA MET A 209 43.59 4.44 9.78
C MET A 209 44.22 3.15 9.26
N ARG A 210 43.56 2.55 8.28
CA ARG A 210 44.05 1.32 7.64
C ARG A 210 45.03 1.71 6.54
N LYS A 211 46.30 1.35 6.72
CA LYS A 211 47.30 1.64 5.70
C LYS A 211 47.18 0.64 4.55
N PRO A 212 47.69 1.00 3.37
CA PRO A 212 47.71 0.01 2.27
C PRO A 212 48.55 -1.21 2.62
N ASP A 213 49.57 -1.03 3.46
CA ASP A 213 50.31 -2.15 4.03
C ASP A 213 49.40 -3.22 4.61
N GLY A 214 48.15 -2.87 4.93
CA GLY A 214 47.31 -3.71 5.73
C GLY A 214 47.43 -3.46 7.21
N SER A 215 48.51 -2.82 7.64
CA SER A 215 48.65 -2.39 9.03
C SER A 215 47.71 -1.23 9.31
N THR A 216 47.29 -1.13 10.58
CA THR A 216 46.40 -0.09 11.04
C THR A 216 47.08 0.69 12.14
N VAL A 217 47.01 2.01 12.06
CA VAL A 217 47.60 2.88 13.08
C VAL A 217 46.52 3.77 13.64
N THR A 218 46.56 4.00 14.95
CA THR A 218 45.57 4.82 15.65
C THR A 218 46.15 6.21 15.83
N GLN A 219 45.60 7.18 15.09
CA GLN A 219 45.94 8.59 15.30
C GLN A 219 45.09 9.12 16.45
N ARG A 220 45.76 9.66 17.46
CA ARG A 220 45.10 10.17 18.66
C ARG A 220 45.40 11.66 18.79
N ILE A 221 44.38 12.44 19.16
CA ILE A 221 44.47 13.84 19.28
C ILE A 221 43.82 14.39 20.53
N ARG A 222 44.32 15.54 21.00
CA ARG A 222 43.85 16.19 22.19
C ARG A 222 43.47 17.59 21.82
N MET A 223 42.37 18.07 22.36
CA MET A 223 41.87 19.40 22.07
C MET A 223 41.40 20.01 23.34
N GLU A 224 41.63 21.29 23.53
CA GLU A 224 41.18 21.97 24.72
C GLU A 224 40.46 23.19 24.23
N MET A 225 39.27 23.48 24.71
CA MET A 225 38.54 24.65 24.26
C MET A 225 38.02 25.42 25.44
N ARG A 226 37.94 26.74 25.33
CA ARG A 226 37.43 27.60 26.37
C ARG A 226 35.99 27.28 26.53
N LYS A 227 35.50 27.22 27.75
CA LYS A 227 34.15 26.88 27.93
C LYS A 227 33.28 28.12 27.84
N VAL A 228 32.14 27.99 27.21
CA VAL A 228 31.08 28.99 27.24
C VAL A 228 30.15 28.62 28.38
N GLU A 229 30.02 29.51 29.36
CA GLU A 229 29.22 29.22 30.55
C GLU A 229 27.80 29.70 30.30
N ALA A 230 27.08 28.90 29.52
CA ALA A 230 25.67 29.10 29.23
C ALA A 230 25.13 27.79 28.70
N VAL A 231 23.84 27.55 28.92
CA VAL A 231 23.20 26.30 28.53
C VAL A 231 22.68 26.46 27.10
N PHE A 232 23.27 25.71 26.18
CA PHE A 232 22.86 25.72 24.78
C PHE A 232 22.20 24.38 24.44
N VAL A 233 21.25 24.44 23.51
CA VAL A 233 20.55 23.26 23.01
C VAL A 233 20.92 23.07 21.55
N GLY A 234 21.16 21.83 21.15
CA GLY A 234 21.51 21.51 19.79
C GLY A 234 22.98 21.52 19.47
N THR A 235 23.85 21.75 20.46
CA THR A 235 25.28 21.81 20.19
C THR A 235 25.80 20.48 19.66
N GLY A 236 25.34 19.36 20.23
CA GLY A 236 25.79 18.07 19.76
C GLY A 236 25.39 17.81 18.33
N ASP A 237 24.20 18.26 17.94
CA ASP A 237 23.73 18.04 16.57
C ASP A 237 24.57 18.82 15.57
N LEU A 238 24.75 20.12 15.83
CA LEU A 238 25.62 20.93 14.99
C LEU A 238 27.03 20.33 14.93
N PHE A 239 27.55 19.88 16.07
CA PHE A 239 28.91 19.34 16.09
C PHE A 239 29.01 18.11 15.21
N ALA A 240 28.08 17.16 15.36
CA ALA A 240 28.13 15.95 14.55
C ALA A 240 28.00 16.27 13.08
N ALA A 241 27.13 17.23 12.73
CA ALA A 241 26.94 17.58 11.32
C ALA A 241 28.22 18.15 10.71
N MET A 242 28.82 19.13 11.39
CA MET A 242 30.02 19.75 10.84
C MET A 242 31.21 18.80 10.89
N LEU A 243 31.27 17.90 11.86
CA LEU A 243 32.33 16.90 11.87
C LEU A 243 32.17 15.94 10.70
N LEU A 244 30.93 15.53 10.41
CA LEU A 244 30.67 14.80 9.18
C LEU A 244 31.28 15.52 7.99
N ALA A 245 30.95 16.80 7.83
CA ALA A 245 31.44 17.54 6.68
C ALA A 245 32.98 17.54 6.63
N TRP A 246 33.62 17.93 7.74
CA TRP A 246 35.05 18.19 7.71
C TRP A 246 35.86 16.90 7.68
N THR A 247 35.35 15.80 8.24
CA THR A 247 36.00 14.51 8.05
C THR A 247 35.80 14.01 6.63
N HIS A 248 34.68 14.37 5.99
CA HIS A 248 34.53 14.05 4.58
C HIS A 248 35.58 14.74 3.75
N LYS A 249 35.89 16.00 4.09
CA LYS A 249 36.92 16.72 3.35
C LYS A 249 38.33 16.27 3.73
N HIS A 250 38.52 15.78 4.95
CA HIS A 250 39.83 15.34 5.45
C HIS A 250 39.70 13.94 6.02
N PRO A 251 39.53 12.94 5.15
CA PRO A 251 39.20 11.58 5.64
C PRO A 251 40.32 10.91 6.42
N ASP A 252 41.57 11.32 6.24
CA ASP A 252 42.68 10.71 6.96
C ASP A 252 43.47 11.73 7.77
N ASN A 253 42.85 12.87 8.08
CA ASN A 253 43.47 13.93 8.87
C ASN A 253 42.43 14.41 9.88
N LEU A 254 42.17 13.57 10.89
CA LEU A 254 41.20 13.94 11.92
C LEU A 254 41.63 15.21 12.64
N LYS A 255 42.94 15.48 12.71
CA LYS A 255 43.42 16.70 13.33
C LYS A 255 42.75 17.92 12.71
N VAL A 256 42.82 18.04 11.38
CA VAL A 256 42.27 19.22 10.72
C VAL A 256 40.75 19.21 10.76
N ALA A 257 40.13 18.03 10.58
CA ALA A 257 38.67 17.95 10.64
C ALA A 257 38.16 18.46 11.98
N CYS A 258 38.78 18.01 13.07
CA CYS A 258 38.34 18.43 14.39
C CYS A 258 38.69 19.89 14.66
N GLU A 259 39.85 20.35 14.19
CA GLU A 259 40.18 21.77 14.35
C GLU A 259 39.10 22.64 13.70
N LYS A 260 38.69 22.29 12.48
CA LYS A 260 37.67 23.07 11.79
C LYS A 260 36.31 22.96 12.47
N THR A 261 35.92 21.73 12.85
CA THR A 261 34.64 21.56 13.53
C THR A 261 34.58 22.37 14.81
N VAL A 262 35.62 22.26 15.64
CA VAL A 262 35.64 22.95 16.92
C VAL A 262 35.70 24.46 16.73
N SER A 263 36.42 24.92 15.71
CA SER A 263 36.49 26.35 15.45
C SER A 263 35.14 26.90 15.01
N ALA A 264 34.44 26.18 14.12
CA ALA A 264 33.10 26.61 13.72
C ALA A 264 32.15 26.61 14.91
N MET A 265 32.22 25.58 15.75
CA MET A 265 31.42 25.55 16.97
C MET A 265 31.72 26.76 17.85
N GLN A 266 33.00 27.09 18.01
CA GLN A 266 33.38 28.23 18.83
C GLN A 266 32.81 29.53 18.26
N HIS A 267 32.90 29.70 16.95
CA HIS A 267 32.33 30.90 16.33
C HIS A 267 30.82 30.97 16.57
N VAL A 268 30.12 29.86 16.35
CA VAL A 268 28.66 29.85 16.51
C VAL A 268 28.29 30.18 17.96
N LEU A 269 28.94 29.54 18.92
CA LEU A 269 28.59 29.75 20.32
C LEU A 269 28.98 31.15 20.78
N GLN A 270 30.12 31.66 20.31
CA GLN A 270 30.52 33.03 20.64
C GLN A 270 29.48 34.03 20.15
N ARG A 271 29.10 33.93 18.87
CA ARG A 271 28.07 34.82 18.34
C ARG A 271 26.75 34.65 19.08
N THR A 272 26.39 33.41 19.41
CA THR A 272 25.11 33.15 20.07
C THR A 272 25.06 33.77 21.45
N ILE A 273 26.12 33.59 22.24
CA ILE A 273 26.13 34.16 23.59
C ILE A 273 26.18 35.68 23.52
N ARG A 274 26.93 36.23 22.55
CA ARG A 274 26.96 37.67 22.39
C ARG A 274 25.56 38.22 22.11
N CYS A 275 24.88 37.66 21.12
CA CYS A 275 23.55 38.16 20.76
C CYS A 275 22.53 37.87 21.84
N ALA A 276 22.70 36.78 22.61
CA ALA A 276 21.77 36.50 23.70
C ALA A 276 21.93 37.51 24.81
N LYS A 277 23.16 37.80 25.21
CA LYS A 277 23.39 38.82 26.23
C LYS A 277 22.91 40.18 25.76
N ALA A 278 23.05 40.46 24.46
CA ALA A 278 22.52 41.72 23.92
C ALA A 278 21.00 41.76 24.02
N GLU A 279 20.34 40.67 23.61
CA GLU A 279 18.88 40.64 23.62
C GLU A 279 18.33 40.74 25.04
N ALA A 280 18.98 40.09 25.99
CA ALA A 280 18.66 40.28 27.39
C ALA A 280 19.34 41.54 27.91
N GLY A 281 19.08 41.87 29.17
CA GLY A 281 19.71 43.03 29.78
C GLY A 281 21.10 42.72 30.32
N GLU A 282 21.90 43.77 30.47
CA GLU A 282 23.23 43.61 31.02
C GLU A 282 23.13 43.12 32.46
N GLY A 283 23.85 42.04 32.76
CA GLY A 283 23.74 41.38 34.03
C GLY A 283 22.53 40.46 34.15
N GLN A 284 21.75 40.31 33.09
CA GLN A 284 20.56 39.47 33.11
C GLN A 284 20.85 38.14 32.43
N LYS A 285 20.28 37.07 32.98
CA LYS A 285 20.50 35.74 32.43
C LYS A 285 19.66 35.58 31.17
N PRO A 286 20.26 35.27 30.02
CA PRO A 286 19.46 35.08 28.81
C PRO A 286 18.52 33.89 28.96
N SER A 287 17.32 34.04 28.42
CA SER A 287 16.31 32.99 28.46
C SER A 287 16.65 31.90 27.46
N PRO A 288 16.02 30.73 27.58
CA PRO A 288 16.18 29.71 26.53
C PRO A 288 15.85 30.24 25.14
N ALA A 289 14.84 31.09 25.03
CA ALA A 289 14.47 31.65 23.72
C ALA A 289 15.57 32.54 23.18
N GLN A 290 16.27 33.27 24.05
CA GLN A 290 17.33 34.17 23.63
C GLN A 290 18.61 33.43 23.29
N LEU A 291 18.78 32.19 23.75
CA LEU A 291 20.02 31.46 23.56
C LEU A 291 19.99 30.54 22.34
N GLU A 292 18.91 30.56 21.56
CA GLU A 292 18.88 29.78 20.33
C GLU A 292 20.13 30.09 19.50
N LEU A 293 20.78 29.03 19.01
CA LEU A 293 21.97 29.21 18.20
C LEU A 293 21.69 30.13 17.03
N ARG A 294 22.47 31.21 16.93
CA ARG A 294 22.35 32.15 15.81
CA ARG A 294 22.36 32.14 15.81
C ARG A 294 22.96 31.47 14.58
N MET A 295 22.19 30.56 14.00
CA MET A 295 22.69 29.71 12.93
C MET A 295 22.87 30.46 11.62
N VAL A 296 21.83 31.16 11.15
CA VAL A 296 21.94 31.82 9.86
C VAL A 296 23.06 32.85 9.88
N GLN A 297 23.15 33.62 10.96
CA GLN A 297 24.14 34.69 11.05
C GLN A 297 25.56 34.17 11.12
N SER A 298 25.75 32.87 11.34
CA SER A 298 27.07 32.26 11.34
C SER A 298 27.38 31.53 10.04
N LYS A 299 26.53 31.66 9.03
CA LYS A 299 26.71 30.93 7.78
C LYS A 299 28.16 30.97 7.32
N ARG A 300 28.71 32.17 7.15
CA ARG A 300 30.08 32.31 6.64
C ARG A 300 31.07 31.57 7.53
N ASP A 301 30.98 31.78 8.85
CA ASP A 301 31.89 31.09 9.76
C ASP A 301 31.75 29.58 9.63
N ILE A 302 30.57 29.09 9.29
CA ILE A 302 30.39 27.65 9.10
C ILE A 302 30.98 27.21 7.76
N GLU A 303 30.93 28.07 6.74
CA GLU A 303 31.42 27.66 5.43
C GLU A 303 32.94 27.49 5.42
N ASP A 304 33.66 28.38 6.11
CA ASP A 304 35.11 28.31 6.16
C ASP A 304 35.57 28.86 7.50
N PRO A 305 35.62 28.01 8.53
CA PRO A 305 35.91 28.50 9.88
C PRO A 305 37.37 28.91 10.03
N GLU A 306 37.58 30.08 10.64
CA GLU A 306 38.91 30.48 11.07
C GLU A 306 39.39 29.54 12.18
N ILE A 307 40.56 28.94 11.98
CA ILE A 307 41.05 27.95 12.94
C ILE A 307 41.44 28.67 14.23
N VAL A 308 40.66 28.46 15.28
CA VAL A 308 40.91 29.05 16.59
C VAL A 308 41.27 28.00 17.64
N VAL A 309 41.38 26.74 17.25
CA VAL A 309 41.81 25.67 18.15
C VAL A 309 42.75 24.76 17.38
N GLN A 310 43.81 24.33 18.05
CA GLN A 310 44.80 23.42 17.47
C GLN A 310 44.76 22.11 18.23
N ALA A 311 44.69 21.01 17.49
CA ALA A 311 44.73 19.68 18.08
C ALA A 311 46.17 19.22 18.24
N THR A 312 46.41 18.44 19.28
CA THR A 312 47.74 17.93 19.60
C THR A 312 47.79 16.44 19.25
N VAL A 313 48.69 16.09 18.32
CA VAL A 313 48.90 14.69 17.99
C VAL A 313 49.69 14.02 19.10
N LEU A 314 49.25 12.82 19.50
CA LEU A 314 49.89 12.10 20.59
C LEU A 314 50.74 10.95 20.05
N GLU B 6 17.31 39.45 12.44
CA GLU B 6 16.52 40.64 12.74
C GLU B 6 15.12 40.54 12.13
N CYS B 7 14.97 39.69 11.12
CA CYS B 7 13.73 39.54 10.38
C CYS B 7 13.30 38.08 10.40
N ARG B 8 12.15 37.82 11.01
CA ARG B 8 11.67 36.46 11.21
C ARG B 8 10.40 36.22 10.38
N VAL B 9 10.41 35.12 9.63
CA VAL B 9 9.32 34.74 8.74
C VAL B 9 8.65 33.49 9.31
N LEU B 10 7.33 33.53 9.44
CA LEU B 10 6.56 32.34 9.79
C LEU B 10 6.09 31.68 8.49
N SER B 11 6.70 30.55 8.15
CA SER B 11 6.38 29.83 6.92
C SER B 11 5.59 28.58 7.30
N ILE B 12 4.33 28.53 6.89
CA ILE B 12 3.45 27.39 7.14
C ILE B 12 3.26 26.67 5.82
N GLN B 13 4.08 25.64 5.57
CA GLN B 13 4.06 24.98 4.29
C GLN B 13 4.45 23.52 4.46
N SER B 14 4.44 22.79 3.34
CA SER B 14 4.75 21.37 3.35
C SER B 14 6.24 21.14 3.61
N HIS B 15 6.54 19.97 4.16
CA HIS B 15 7.91 19.48 4.28
C HIS B 15 8.01 18.15 3.53
N VAL B 16 9.08 18.00 2.75
CA VAL B 16 9.41 16.76 2.08
C VAL B 16 10.76 16.30 2.58
N VAL B 17 10.89 14.99 2.81
CA VAL B 17 12.16 14.42 3.25
C VAL B 17 13.23 14.66 2.19
N ARG B 18 12.93 14.27 0.94
CA ARG B 18 13.78 14.57 -0.20
C ARG B 18 13.10 15.61 -1.07
N GLY B 19 13.87 16.58 -1.53
CA GLY B 19 13.41 17.51 -2.54
C GLY B 19 13.15 18.90 -1.97
N TYR B 20 12.62 19.76 -2.85
CA TYR B 20 12.47 21.18 -2.53
C TYR B 20 11.10 21.65 -3.01
N VAL B 21 10.12 21.57 -2.11
CA VAL B 21 8.82 22.19 -2.27
C VAL B 21 8.40 22.69 -0.91
N GLY B 22 7.47 23.64 -0.91
CA GLY B 22 7.03 24.22 0.35
C GLY B 22 8.22 24.73 1.16
N ASN B 23 8.24 24.37 2.45
CA ASN B 23 9.28 24.89 3.33
C ASN B 23 10.68 24.49 2.87
N ARG B 24 10.84 23.27 2.36
CA ARG B 24 12.14 22.86 1.87
C ARG B 24 12.65 23.81 0.79
N ALA B 25 11.75 24.28 -0.07
CA ALA B 25 12.14 25.21 -1.12
C ALA B 25 12.22 26.65 -0.64
N ALA B 26 11.66 26.95 0.53
CA ALA B 26 11.58 28.32 1.01
C ALA B 26 12.52 28.62 2.16
N MET B 27 12.73 27.67 3.08
CA MET B 27 13.55 27.96 4.25
C MET B 27 15.01 28.19 3.85
N PHE B 28 15.59 27.28 3.08
CA PHE B 28 17.01 27.37 2.77
C PHE B 28 17.36 28.68 2.06
N PRO B 29 16.70 29.07 0.97
CA PRO B 29 17.01 30.39 0.38
C PRO B 29 16.83 31.52 1.38
N LEU B 30 15.69 31.57 2.06
CA LEU B 30 15.47 32.60 3.07
C LEU B 30 16.59 32.61 4.09
N GLN B 31 16.96 31.43 4.60
CA GLN B 31 18.07 31.35 5.55
C GLN B 31 19.36 31.85 4.92
N VAL B 32 19.61 31.48 3.66
CA VAL B 32 20.86 31.88 3.02
C VAL B 32 20.84 33.36 2.67
N LEU B 33 19.65 33.95 2.55
CA LEU B 33 19.50 35.37 2.30
C LEU B 33 19.38 36.18 3.58
N GLY B 34 19.65 35.56 4.74
CA GLY B 34 19.76 36.28 5.99
C GLY B 34 18.49 36.37 6.82
N PHE B 35 17.47 35.56 6.52
CA PHE B 35 16.21 35.61 7.24
C PHE B 35 16.12 34.47 8.25
N GLU B 36 15.69 34.80 9.47
CA GLU B 36 15.26 33.78 10.40
C GLU B 36 13.91 33.22 9.95
N VAL B 37 13.74 31.90 10.04
CA VAL B 37 12.51 31.26 9.59
C VAL B 37 12.00 30.32 10.68
N ASP B 38 10.77 30.54 11.13
CA ASP B 38 10.03 29.58 11.92
C ASP B 38 9.12 28.82 10.96
N ALA B 39 9.31 27.51 10.86
CA ALA B 39 8.63 26.70 9.87
C ALA B 39 7.66 25.74 10.54
N VAL B 40 6.38 25.89 10.22
CA VAL B 40 5.37 24.88 10.52
C VAL B 40 5.23 24.01 9.27
N ASN B 41 5.66 22.76 9.39
CA ASN B 41 5.54 21.80 8.30
C ASN B 41 4.10 21.34 8.25
N SER B 42 3.34 21.86 7.29
CA SER B 42 1.94 21.49 7.15
C SER B 42 1.76 20.03 6.81
N VAL B 43 2.79 19.38 6.27
CA VAL B 43 2.79 17.94 6.03
C VAL B 43 4.24 17.48 6.09
N GLN B 44 4.41 16.17 6.30
CA GLN B 44 5.71 15.52 6.14
C GLN B 44 5.47 14.35 5.19
N PHE B 45 5.90 14.51 3.95
CA PHE B 45 5.85 13.48 2.93
C PHE B 45 7.28 13.06 2.59
N SER B 46 7.41 11.83 2.07
CA SER B 46 8.71 11.38 1.61
C SER B 46 9.25 12.26 0.48
N ASN B 47 8.36 12.80 -0.34
CA ASN B 47 8.71 13.57 -1.52
C ASN B 47 7.45 14.27 -2.01
N HIS B 48 7.58 15.09 -3.06
CA HIS B 48 6.42 15.83 -3.53
C HIS B 48 5.53 14.94 -4.39
N THR B 49 4.26 15.35 -4.50
CA THR B 49 3.24 14.52 -5.11
C THR B 49 3.44 14.34 -6.61
N GLY B 50 4.40 15.04 -7.21
CA GLY B 50 4.73 14.82 -8.60
C GLY B 50 5.44 13.50 -8.85
N TYR B 51 6.09 12.94 -7.83
CA TYR B 51 6.65 11.61 -7.96
C TYR B 51 5.56 10.58 -8.22
N ALA B 52 5.98 9.40 -8.66
CA ALA B 52 5.01 8.32 -8.88
C ALA B 52 4.32 7.93 -7.58
N HIS B 53 5.05 7.97 -6.47
CA HIS B 53 4.52 7.64 -5.16
C HIS B 53 4.92 8.72 -4.16
N TRP B 54 4.17 8.78 -3.06
CA TRP B 54 4.53 9.61 -1.92
C TRP B 54 3.82 9.05 -0.70
N LYS B 55 4.52 9.06 0.44
CA LYS B 55 3.95 8.62 1.69
C LYS B 55 4.26 9.66 2.76
N GLY B 56 3.38 9.75 3.75
CA GLY B 56 3.60 10.65 4.87
C GLY B 56 2.31 10.96 5.57
N GLN B 57 2.33 12.06 6.31
CA GLN B 57 1.18 12.52 7.08
C GLN B 57 0.99 14.02 6.87
N VAL B 58 -0.24 14.45 7.09
CA VAL B 58 -0.60 15.87 7.01
C VAL B 58 -0.88 16.36 8.42
N LEU B 59 -0.51 17.60 8.69
CA LEU B 59 -0.79 18.21 9.98
C LEU B 59 -2.26 18.61 10.03
N LYS B 60 -2.97 18.23 11.09
CA LYS B 60 -4.33 18.54 11.24
C LYS B 60 -4.46 19.99 11.62
N SER B 61 -5.59 20.59 11.36
CA SER B 61 -5.79 21.96 11.69
C SER B 61 -5.70 22.19 13.16
N GLN B 62 -6.20 21.31 13.98
CA GLN B 62 -6.09 21.48 15.39
C GLN B 62 -4.61 21.39 15.85
N GLU B 63 -3.80 20.56 15.21
CA GLU B 63 -2.40 20.44 15.48
C GLU B 63 -1.67 21.72 15.17
N LEU B 64 -2.06 22.43 14.11
CA LEU B 64 -1.51 23.72 13.79
C LEU B 64 -1.85 24.67 14.90
N HIS B 65 -3.04 24.61 15.42
CA HIS B 65 -3.39 25.43 16.51
C HIS B 65 -2.56 25.14 17.74
N GLU B 66 -2.29 23.90 18.02
CA GLU B 66 -1.52 23.55 19.16
C GLU B 66 -0.09 24.06 19.05
N LEU B 67 0.49 23.95 17.88
CA LEU B 67 1.84 24.46 17.67
C LEU B 67 1.88 25.99 17.82
N TYR B 68 0.91 26.68 17.22
CA TYR B 68 0.87 28.13 17.34
C TYR B 68 0.66 28.56 18.78
N GLU B 69 -0.16 27.81 19.52
CA GLU B 69 -0.39 28.13 20.93
C GLU B 69 0.86 27.86 21.77
N GLY B 70 1.63 26.85 21.41
CA GLY B 70 2.90 26.64 22.07
C GLY B 70 3.86 27.80 21.86
N LEU B 71 3.92 28.31 20.63
CA LEU B 71 4.70 29.53 20.39
C LEU B 71 4.14 30.69 21.21
N LYS B 72 2.81 30.83 21.26
CA LYS B 72 2.18 31.98 21.87
C LYS B 72 2.42 32.01 23.38
N VAL B 73 2.20 30.88 24.06
CA VAL B 73 2.34 30.84 25.51
C VAL B 73 3.80 31.08 25.91
N ASN B 74 4.75 30.87 25.02
CA ASN B 74 6.13 31.24 25.25
C ASN B 74 6.43 32.67 24.79
N ASP B 75 5.42 33.39 24.32
CA ASP B 75 5.59 34.77 23.87
C ASP B 75 6.63 34.86 22.75
N VAL B 76 6.61 33.87 21.85
CA VAL B 76 7.48 33.87 20.69
C VAL B 76 6.64 33.76 19.42
N ASN B 77 5.41 34.28 19.48
CA ASN B 77 4.54 34.39 18.32
C ASN B 77 4.76 35.71 17.58
N LYS B 78 6.01 36.15 17.47
CA LYS B 78 6.35 37.48 16.97
C LYS B 78 7.00 37.33 15.60
N TYR B 79 6.40 37.96 14.59
CA TYR B 79 6.84 37.76 13.22
C TYR B 79 6.74 39.04 12.42
N ASP B 80 7.69 39.23 11.52
CA ASP B 80 7.66 40.32 10.55
C ASP B 80 6.96 39.90 9.27
N TYR B 81 6.97 38.61 8.95
CA TYR B 81 6.36 38.11 7.73
C TYR B 81 5.58 36.83 8.04
N VAL B 82 4.56 36.58 7.23
CA VAL B 82 3.89 35.29 7.16
C VAL B 82 3.91 34.84 5.70
N LEU B 83 4.23 33.56 5.49
CA LEU B 83 4.43 33.02 4.15
C LEU B 83 3.68 31.71 4.05
N THR B 84 2.78 31.61 3.08
CA THR B 84 2.04 30.38 2.84
C THR B 84 1.97 30.13 1.35
N GLY B 85 1.65 28.88 1.01
CA GLY B 85 1.50 28.49 -0.37
C GLY B 85 0.45 27.42 -0.53
N TYR B 86 0.89 26.20 -0.82
CA TYR B 86 -0.03 25.11 -1.11
C TYR B 86 -0.74 24.67 0.16
N THR B 87 -2.07 24.74 0.14
CA THR B 87 -2.92 24.23 1.21
C THR B 87 -4.13 23.58 0.55
N ARG B 88 -4.51 22.40 1.03
CA ARG B 88 -5.62 21.65 0.45
C ARG B 88 -6.84 21.57 1.35
N ASP B 89 -6.75 22.05 2.58
CA ASP B 89 -7.82 21.91 3.56
C ASP B 89 -8.40 23.28 3.89
N LYS B 90 -9.72 23.41 3.73
CA LYS B 90 -10.38 24.68 4.05
C LYS B 90 -10.16 25.05 5.51
N SER B 91 -10.27 24.08 6.41
CA SER B 91 -10.07 24.37 7.83
C SER B 91 -8.66 24.87 8.10
N PHE B 92 -7.66 24.25 7.46
CA PHE B 92 -6.28 24.70 7.63
C PHE B 92 -6.12 26.14 7.17
N LEU B 93 -6.70 26.48 6.01
CA LEU B 93 -6.62 27.85 5.51
C LEU B 93 -7.31 28.82 6.46
N ALA B 94 -8.46 28.42 7.02
CA ALA B 94 -9.16 29.30 7.95
C ALA B 94 -8.36 29.52 9.22
N MET B 95 -7.68 28.51 9.68
CA MET B 95 -6.85 28.64 10.83
C MET B 95 -5.67 29.54 10.48
N VAL B 96 -5.14 29.44 9.30
CA VAL B 96 -4.07 30.34 8.87
C VAL B 96 -4.57 31.78 8.87
N VAL B 97 -5.80 31.99 8.41
CA VAL B 97 -6.36 33.33 8.40
C VAL B 97 -6.51 33.86 9.81
N ASP B 98 -6.98 33.02 10.73
CA ASP B 98 -7.09 33.43 12.14
C ASP B 98 -5.72 33.82 12.69
N ILE B 99 -4.71 32.99 12.44
CA ILE B 99 -3.36 33.28 12.92
C ILE B 99 -2.87 34.60 12.35
N VAL B 100 -3.08 34.81 11.05
CA VAL B 100 -2.61 36.04 10.41
C VAL B 100 -3.33 37.25 10.97
N ARG B 101 -4.63 37.14 11.21
CA ARG B 101 -5.37 38.26 11.79
C ARG B 101 -4.85 38.59 13.17
N GLU B 102 -4.63 37.57 14.00
CA GLU B 102 -4.10 37.81 15.35
C GLU B 102 -2.73 38.46 15.29
N LEU B 103 -1.84 37.93 14.45
CA LEU B 103 -0.50 38.50 14.33
C LEU B 103 -0.56 39.95 13.84
N LYS B 104 -1.46 40.24 12.90
CA LYS B 104 -1.56 41.61 12.39
C LYS B 104 -2.17 42.54 13.42
N GLN B 105 -3.03 42.03 14.30
CA GLN B 105 -3.44 42.81 15.46
C GLN B 105 -2.26 43.10 16.37
N GLN B 106 -1.37 42.12 16.54
CA GLN B 106 -0.19 42.34 17.36
C GLN B 106 0.87 43.17 16.63
N ASN B 107 0.99 43.03 15.31
CA ASN B 107 1.95 43.78 14.51
C ASN B 107 1.23 44.32 13.29
N SER B 108 0.98 45.63 13.27
CA SER B 108 0.29 46.24 12.14
C SER B 108 1.16 46.28 10.88
N ARG B 109 2.48 46.19 11.03
CA ARG B 109 3.40 46.23 9.90
C ARG B 109 3.65 44.85 9.31
N LEU B 110 3.10 43.80 9.90
CA LEU B 110 3.36 42.46 9.42
C LEU B 110 2.94 42.31 7.96
N VAL B 111 3.78 41.66 7.17
CA VAL B 111 3.55 41.47 5.75
C VAL B 111 3.20 40.00 5.52
N TYR B 112 1.99 39.74 5.06
CA TYR B 112 1.52 38.39 4.75
C TYR B 112 1.76 38.13 3.28
N VAL B 113 2.77 37.32 2.98
CA VAL B 113 3.04 36.88 1.62
C VAL B 113 2.28 35.58 1.38
N CYS B 114 1.40 35.58 0.38
CA CYS B 114 0.53 34.44 0.13
C CYS B 114 0.62 34.07 -1.33
N ASP B 115 1.01 32.83 -1.61
CA ASP B 115 0.85 32.26 -2.94
C ASP B 115 -0.51 31.56 -2.98
N PRO B 116 -1.53 32.16 -3.59
CA PRO B 116 -2.87 31.51 -3.58
C PRO B 116 -2.93 30.34 -4.55
N VAL B 117 -2.31 29.23 -4.17
CA VAL B 117 -2.16 28.08 -5.05
C VAL B 117 -3.51 27.41 -5.24
N MET B 118 -4.00 27.37 -6.48
CA MET B 118 -5.27 26.74 -6.77
C MET B 118 -5.23 25.94 -8.07
N GLY B 119 -4.56 26.47 -9.09
CA GLY B 119 -4.54 25.80 -10.36
C GLY B 119 -3.61 26.47 -11.35
N ASP B 120 -3.72 26.04 -12.61
CA ASP B 120 -2.90 26.59 -13.69
C ASP B 120 -3.62 26.37 -15.02
N LYS B 121 -2.89 26.49 -16.12
CA LYS B 121 -3.48 26.42 -17.45
C LYS B 121 -2.88 25.25 -18.23
N TRP B 122 -3.64 24.79 -19.22
CA TRP B 122 -3.24 23.72 -20.12
C TRP B 122 -2.99 24.23 -21.53
N ASN B 123 -2.31 25.38 -21.63
CA ASN B 123 -2.04 26.00 -22.93
C ASN B 123 -3.35 26.24 -23.69
N GLU B 125 -7.03 25.90 -21.63
CA GLU B 125 -8.06 26.07 -20.60
C GLU B 125 -7.48 25.74 -19.22
N GLY B 126 -8.05 26.38 -18.20
CA GLY B 126 -7.52 26.27 -16.86
C GLY B 126 -8.09 25.10 -16.06
N SER B 127 -7.30 24.64 -15.09
CA SER B 127 -7.67 23.54 -14.21
C SER B 127 -7.17 23.81 -12.80
N MET B 128 -8.04 23.60 -11.82
CA MET B 128 -7.70 23.71 -10.42
C MET B 128 -7.19 22.37 -9.90
N TYR B 129 -6.12 22.41 -9.09
CA TYR B 129 -5.65 21.23 -8.39
C TYR B 129 -5.84 21.35 -6.88
N VAL B 130 -6.85 22.12 -6.45
CA VAL B 130 -7.24 22.16 -5.05
C VAL B 130 -8.77 22.09 -4.98
N PRO B 131 -9.31 21.66 -3.84
CA PRO B 131 -10.77 21.62 -3.69
C PRO B 131 -11.40 22.96 -4.02
N GLN B 132 -12.50 22.92 -4.77
CA GLN B 132 -13.19 24.16 -5.14
C GLN B 132 -13.57 24.98 -3.91
N ASP B 133 -13.84 24.31 -2.79
CA ASP B 133 -14.23 25.03 -1.58
C ASP B 133 -13.19 26.06 -1.15
N LEU B 134 -11.97 25.97 -1.68
CA LEU B 134 -10.91 26.91 -1.30
C LEU B 134 -11.01 28.23 -2.05
N LEU B 135 -11.63 28.26 -3.22
CA LEU B 135 -11.72 29.53 -3.95
C LEU B 135 -12.45 30.60 -3.16
N PRO B 136 -13.64 30.36 -2.62
CA PRO B 136 -14.27 31.39 -1.77
C PRO B 136 -13.38 31.81 -0.62
N VAL B 137 -12.80 30.85 0.10
CA VAL B 137 -11.96 31.17 1.25
C VAL B 137 -10.78 32.02 0.81
N TYR B 138 -10.14 31.68 -0.31
CA TYR B 138 -9.07 32.53 -0.82
C TYR B 138 -9.61 33.90 -1.23
N ARG B 139 -10.82 33.93 -1.79
CA ARG B 139 -11.36 35.20 -2.29
C ARG B 139 -11.81 36.09 -1.15
N ASP B 140 -12.58 35.54 -0.21
CA ASP B 140 -13.26 36.33 0.80
C ASP B 140 -12.56 36.33 2.14
N LYS B 141 -11.55 35.47 2.35
CA LYS B 141 -10.89 35.40 3.65
C LYS B 141 -9.38 35.58 3.56
N VAL B 142 -8.73 34.84 2.67
CA VAL B 142 -7.27 34.85 2.63
C VAL B 142 -6.76 36.13 1.95
N VAL B 143 -7.08 36.31 0.69
CA VAL B 143 -6.54 37.43 -0.07
C VAL B 143 -6.83 38.77 0.63
N PRO B 144 -8.00 38.99 1.23
CA PRO B 144 -8.22 40.28 1.91
C PRO B 144 -7.17 40.62 2.97
N VAL B 145 -6.59 39.63 3.65
CA VAL B 145 -5.58 39.90 4.66
C VAL B 145 -4.17 39.71 4.15
N ALA B 146 -3.99 39.41 2.87
CA ALA B 146 -2.66 39.28 2.29
C ALA B 146 -2.15 40.64 1.84
N ASP B 147 -0.83 40.78 1.85
CA ASP B 147 -0.16 41.98 1.38
C ASP B 147 0.60 41.79 0.08
N ILE B 148 1.11 40.59 -0.17
CA ILE B 148 1.78 40.25 -1.42
C ILE B 148 1.22 38.91 -1.88
N ILE B 149 0.66 38.88 -3.09
CA ILE B 149 0.15 37.66 -3.69
C ILE B 149 0.87 37.43 -5.00
N THR B 150 1.15 36.16 -5.30
CA THR B 150 1.89 35.77 -6.51
C THR B 150 1.06 34.76 -7.29
N PRO B 151 -0.16 35.10 -7.67
CA PRO B 151 -0.98 34.17 -8.46
C PRO B 151 -0.45 34.09 -9.88
N ASN B 152 -0.72 32.95 -10.52
CA ASN B 152 -0.60 32.89 -11.96
C ASN B 152 -1.87 33.48 -12.58
N GLN B 153 -1.91 33.56 -13.91
CA GLN B 153 -3.04 34.19 -14.57
C GLN B 153 -4.34 33.48 -14.21
N PHE B 154 -4.34 32.15 -14.19
CA PHE B 154 -5.54 31.40 -13.88
C PHE B 154 -6.09 31.78 -12.51
N GLU B 155 -5.22 31.87 -11.51
CA GLU B 155 -5.68 32.19 -10.16
C GLU B 155 -6.18 33.63 -10.08
N ALA B 156 -5.55 34.56 -10.80
CA ALA B 156 -6.04 35.92 -10.85
C ALA B 156 -7.45 35.97 -11.46
N GLU B 157 -7.66 35.21 -12.54
CA GLU B 157 -8.98 35.16 -13.16
C GLU B 157 -10.00 34.56 -12.19
N LEU B 158 -9.63 33.51 -11.47
CA LEU B 158 -10.55 32.90 -10.52
C LEU B 158 -10.92 33.87 -9.41
N LEU B 159 -9.93 34.58 -8.86
CA LEU B 159 -10.20 35.47 -7.75
C LEU B 159 -10.97 36.71 -8.18
N SER B 160 -10.73 37.19 -9.40
CA SER B 160 -11.40 38.41 -9.86
C SER B 160 -12.76 38.13 -10.48
N GLY B 161 -12.99 36.93 -11.00
CA GLY B 161 -14.18 36.63 -11.74
C GLY B 161 -14.16 37.09 -13.18
N ARG B 162 -13.06 37.67 -13.64
CA ARG B 162 -12.90 38.13 -15.02
C ARG B 162 -11.86 37.28 -15.73
N LYS B 163 -12.09 37.01 -17.00
CA LYS B 163 -11.09 36.37 -17.86
C LYS B 163 -10.18 37.44 -18.44
N ILE B 164 -8.91 37.11 -18.59
CA ILE B 164 -7.90 38.02 -19.08
C ILE B 164 -7.58 37.68 -20.53
N HIS B 165 -7.71 38.68 -21.41
CA HIS B 165 -7.40 38.51 -22.82
C HIS B 165 -6.32 39.46 -23.31
N SER B 166 -5.90 40.43 -22.50
CA SER B 166 -4.93 41.42 -22.92
C SER B 166 -4.19 41.93 -21.69
N GLN B 167 -3.03 42.54 -21.93
CA GLN B 167 -2.29 43.16 -20.84
C GLN B 167 -3.13 44.21 -20.13
N GLU B 168 -3.92 44.97 -20.89
CA GLU B 168 -4.82 45.95 -20.29
C GLU B 168 -5.79 45.28 -19.32
N GLU B 169 -6.44 44.20 -19.77
CA GLU B 169 -7.36 43.49 -18.88
C GLU B 169 -6.61 42.81 -17.74
N ALA B 170 -5.39 42.33 -17.98
CA ALA B 170 -4.60 41.77 -16.90
C ALA B 170 -4.37 42.78 -15.80
N PHE B 171 -4.04 44.01 -16.17
CA PHE B 171 -3.79 45.04 -15.15
C PHE B 171 -5.08 45.55 -14.52
N GLU B 172 -6.20 45.52 -15.25
CA GLU B 172 -7.48 45.82 -14.60
C GLU B 172 -7.82 44.76 -13.55
N VAL B 173 -7.56 43.49 -13.86
CA VAL B 173 -7.78 42.43 -12.88
C VAL B 173 -6.83 42.58 -11.70
N MET B 174 -5.58 42.98 -11.96
CA MET B 174 -4.65 43.20 -10.86
C MET B 174 -5.09 44.38 -10.01
N ASP B 175 -5.73 45.39 -10.61
CA ASP B 175 -6.33 46.47 -9.84
C ASP B 175 -7.48 45.96 -8.99
N MET B 176 -8.29 45.04 -9.52
CA MET B 176 -9.36 44.45 -8.73
C MET B 176 -8.78 43.68 -7.54
N LEU B 177 -7.69 42.94 -7.78
CA LEU B 177 -7.03 42.20 -6.71
C LEU B 177 -6.47 43.16 -5.66
N HIS B 178 -5.84 44.26 -6.10
CA HIS B 178 -5.45 45.31 -5.17
C HIS B 178 -6.63 45.75 -4.32
N CYS B 179 -7.77 46.01 -4.96
CA CYS B 179 -8.98 46.39 -4.23
C CYS B 179 -9.32 45.36 -3.18
N MET B 180 -9.12 44.08 -3.50
CA MET B 180 -9.45 43.03 -2.54
C MET B 180 -8.53 43.04 -1.32
N GLY B 181 -7.31 43.57 -1.43
CA GLY B 181 -6.44 43.65 -0.27
C GLY B 181 -4.98 43.93 -0.56
N PRO B 182 -4.31 43.03 -1.27
CA PRO B 182 -2.84 43.09 -1.37
C PRO B 182 -2.37 44.30 -2.18
N ASP B 183 -1.42 45.03 -1.61
CA ASP B 183 -0.82 46.18 -2.27
C ASP B 183 0.21 45.79 -3.33
N THR B 184 0.67 44.54 -3.33
CA THR B 184 1.61 44.05 -4.34
C THR B 184 1.04 42.78 -4.95
N VAL B 185 0.87 42.77 -6.26
CA VAL B 185 0.30 41.65 -7.01
C VAL B 185 1.24 41.34 -8.16
N VAL B 186 1.75 40.12 -8.21
CA VAL B 186 2.60 39.66 -9.29
C VAL B 186 1.92 38.49 -9.96
N ILE B 187 1.61 38.63 -11.25
CA ILE B 187 1.16 37.50 -12.06
C ILE B 187 2.42 36.86 -12.64
N THR B 188 2.79 35.71 -12.09
CA THR B 188 3.99 35.02 -12.41
C THR B 188 3.96 34.33 -13.71
N SER B 189 2.80 33.97 -14.19
CA SER B 189 2.74 33.28 -15.43
C SER B 189 1.56 33.74 -16.19
N SER B 190 1.62 33.87 -17.50
CA SER B 190 0.50 34.31 -18.27
C SER B 190 0.49 33.82 -19.70
N ASP B 191 -0.67 33.87 -20.34
CA ASP B 191 -0.85 33.55 -21.75
C ASP B 191 -0.61 34.75 -22.65
N LEU B 192 -0.24 35.89 -22.10
CA LEU B 192 -0.10 37.11 -22.88
C LEU B 192 1.03 36.97 -23.90
N PRO B 193 0.88 37.56 -25.08
CA PRO B 193 1.91 37.38 -26.11
C PRO B 193 3.19 38.11 -25.74
N SER B 194 4.34 37.52 -26.06
CA SER B 194 5.62 38.10 -25.76
C SER B 194 6.20 38.72 -27.01
N SER B 195 7.04 39.73 -26.83
CA SER B 195 7.67 40.43 -27.95
C SER B 195 8.66 39.52 -28.68
N GLN B 196 9.29 38.58 -27.98
CA GLN B 196 10.32 37.76 -28.57
C GLN B 196 9.78 36.51 -29.26
N GLY B 197 8.53 36.14 -29.02
CA GLY B 197 7.94 34.96 -29.62
C GLY B 197 7.31 34.07 -28.57
N SER B 198 7.03 32.84 -28.97
CA SER B 198 6.36 31.89 -28.08
C SER B 198 7.31 31.23 -27.09
N ASP B 199 8.59 31.37 -27.26
CA ASP B 199 9.47 30.76 -26.33
C ASP B 199 9.74 31.60 -25.09
N TYR B 200 9.17 32.79 -25.01
CA TYR B 200 9.32 33.61 -23.86
C TYR B 200 7.97 33.79 -23.20
N LEU B 201 7.96 33.85 -21.88
CA LEU B 201 6.75 33.98 -21.11
C LEU B 201 6.68 35.34 -20.50
N ILE B 202 5.46 35.79 -20.26
CA ILE B 202 5.18 37.11 -19.75
C ILE B 202 4.77 37.10 -18.28
N ALA B 203 5.33 37.98 -17.49
CA ALA B 203 4.97 38.10 -16.13
C ALA B 203 4.71 39.55 -15.89
N LEU B 204 3.80 39.84 -15.01
CA LEU B 204 3.38 41.20 -14.74
C LEU B 204 3.49 41.51 -13.26
N GLY B 205 3.77 42.77 -12.94
CA GLY B 205 3.85 43.20 -11.56
C GLY B 205 3.13 44.51 -11.35
N SER B 206 2.46 44.65 -10.20
CA SER B 206 1.70 45.84 -9.87
C SER B 206 1.83 46.10 -8.38
N GLN B 207 2.19 47.32 -8.02
CA GLN B 207 2.39 47.69 -6.62
C GLN B 207 1.72 49.02 -6.35
N ARG B 208 0.81 49.03 -5.37
CA ARG B 208 0.15 50.26 -4.95
C ARG B 208 1.02 50.99 -3.95
N MET B 209 1.47 52.19 -4.30
CA MET B 209 2.33 53.00 -3.47
C MET B 209 1.51 54.13 -2.88
N ARG B 210 1.59 54.28 -1.56
CA ARG B 210 0.97 55.42 -0.88
C ARG B 210 1.87 56.63 -1.05
N LYS B 211 1.28 57.75 -1.43
CA LYS B 211 2.06 58.93 -1.76
C LYS B 211 2.33 59.78 -0.53
N PRO B 212 3.35 60.63 -0.57
CA PRO B 212 3.52 61.63 0.51
C PRO B 212 2.32 62.55 0.62
N ASP B 213 1.57 62.73 -0.46
CA ASP B 213 0.31 63.47 -0.40
C ASP B 213 -0.80 62.68 0.27
N GLY B 214 -0.62 61.36 0.40
CA GLY B 214 -1.67 60.47 0.85
C GLY B 214 -2.42 59.78 -0.27
N SER B 215 -2.21 60.20 -1.51
CA SER B 215 -2.80 59.53 -2.66
C SER B 215 -2.05 58.24 -2.97
N THR B 216 -2.68 57.37 -3.76
CA THR B 216 -2.13 56.07 -4.10
C THR B 216 -1.92 55.99 -5.61
N VAL B 217 -0.74 55.52 -6.02
CA VAL B 217 -0.41 55.36 -7.43
C VAL B 217 0.14 53.95 -7.64
N THR B 218 -0.19 53.35 -8.79
CA THR B 218 0.16 51.97 -9.07
C THR B 218 1.35 51.92 -10.02
N GLN B 219 2.47 51.38 -9.52
CA GLN B 219 3.63 51.07 -10.37
C GLN B 219 3.38 49.74 -11.07
N ARG B 220 3.60 49.70 -12.38
CA ARG B 220 3.33 48.53 -13.19
C ARG B 220 4.58 48.14 -13.98
N ILE B 221 4.86 46.85 -14.05
CA ILE B 221 6.04 46.34 -14.73
C ILE B 221 5.70 45.08 -15.54
N ARG B 222 6.47 44.87 -16.60
CA ARG B 222 6.34 43.74 -17.50
C ARG B 222 7.68 43.04 -17.60
N MET B 223 7.71 41.73 -17.68
CA MET B 223 8.95 40.99 -17.74
C MET B 223 8.81 39.82 -18.62
N GLU B 224 9.88 39.44 -19.28
CA GLU B 224 9.86 38.31 -20.14
C GLU B 224 10.94 37.30 -19.78
N MET B 225 10.60 36.04 -19.69
CA MET B 225 11.53 35.05 -19.32
C MET B 225 11.56 33.96 -20.31
N ARG B 226 12.72 33.37 -20.50
CA ARG B 226 12.86 32.25 -21.39
C ARG B 226 12.07 31.13 -20.80
N LYS B 227 11.31 30.40 -21.57
CA LYS B 227 10.57 29.32 -20.99
C LYS B 227 11.44 28.08 -20.92
N VAL B 228 11.47 27.40 -19.80
CA VAL B 228 12.21 26.16 -19.63
C VAL B 228 11.28 24.99 -19.92
N GLU B 229 11.72 24.09 -20.80
CA GLU B 229 10.86 22.99 -21.27
C GLU B 229 11.01 21.78 -20.34
N ALA B 230 10.42 21.91 -19.17
CA ALA B 230 10.41 20.83 -18.19
C ALA B 230 9.46 21.20 -17.06
N VAL B 231 8.88 20.19 -16.43
CA VAL B 231 7.97 20.38 -15.31
C VAL B 231 8.79 20.40 -14.03
N PHE B 232 8.79 21.54 -13.34
CA PHE B 232 9.45 21.70 -12.06
C PHE B 232 8.41 21.90 -10.98
N VAL B 233 8.67 21.33 -9.80
CA VAL B 233 7.80 21.48 -8.65
C VAL B 233 8.54 22.32 -7.60
N GLY B 234 7.78 23.12 -6.86
CA GLY B 234 8.34 24.03 -5.89
C GLY B 234 8.74 25.39 -6.44
N THR B 235 8.59 25.60 -7.76
CA THR B 235 8.96 26.88 -8.34
C THR B 235 8.19 28.02 -7.71
N GLY B 236 6.88 27.85 -7.53
CA GLY B 236 6.09 28.90 -6.90
C GLY B 236 6.55 29.22 -5.49
N ASP B 237 6.93 28.19 -4.73
CA ASP B 237 7.36 28.40 -3.35
C ASP B 237 8.70 29.11 -3.30
N LEU B 238 9.67 28.66 -4.12
CA LEU B 238 10.94 29.36 -4.18
C LEU B 238 10.76 30.79 -4.65
N PHE B 239 9.90 31.00 -5.65
CA PHE B 239 9.66 32.34 -6.17
C PHE B 239 9.08 33.24 -5.09
N ALA B 240 8.05 32.77 -4.38
CA ALA B 240 7.44 33.58 -3.34
C ALA B 240 8.45 33.90 -2.23
N ALA B 241 9.28 32.92 -1.88
CA ALA B 241 10.27 33.16 -0.83
C ALA B 241 11.28 34.23 -1.25
N MET B 242 11.85 34.07 -2.45
CA MET B 242 12.86 35.03 -2.89
C MET B 242 12.25 36.39 -3.18
N LEU B 243 10.99 36.43 -3.62
CA LEU B 243 10.31 37.71 -3.78
C LEU B 243 10.10 38.39 -2.44
N LEU B 244 9.73 37.62 -1.42
CA LEU B 244 9.68 38.17 -0.06
C LEU B 244 11.02 38.81 0.29
N ALA B 245 12.11 38.05 0.12
CA ALA B 245 13.43 38.56 0.49
C ALA B 245 13.76 39.85 -0.27
N TRP B 246 13.57 39.84 -1.60
CA TRP B 246 14.02 40.96 -2.41
C TRP B 246 13.10 42.17 -2.33
N THR B 247 11.80 41.98 -2.09
CA THR B 247 10.95 43.14 -1.80
C THR B 247 11.23 43.68 -0.41
N HIS B 248 11.68 42.83 0.52
CA HIS B 248 12.15 43.33 1.80
C HIS B 248 13.38 44.21 1.61
N LYS B 249 14.29 43.80 0.73
CA LYS B 249 15.43 44.65 0.43
C LYS B 249 15.05 45.85 -0.45
N HIS B 250 14.09 45.66 -1.36
CA HIS B 250 13.68 46.70 -2.31
C HIS B 250 12.19 47.00 -2.12
N PRO B 251 11.83 47.65 -1.02
CA PRO B 251 10.39 47.81 -0.70
C PRO B 251 9.62 48.67 -1.67
N ASP B 252 10.27 49.60 -2.38
CA ASP B 252 9.57 50.53 -3.26
C ASP B 252 10.03 50.40 -4.71
N ASN B 253 10.72 49.31 -5.05
CA ASN B 253 11.25 49.08 -6.40
C ASN B 253 10.89 47.64 -6.78
N LEU B 254 9.63 47.43 -7.14
CA LEU B 254 9.21 46.10 -7.58
C LEU B 254 10.02 45.63 -8.77
N LYS B 255 10.50 46.57 -9.59
CA LYS B 255 11.31 46.21 -10.75
C LYS B 255 12.55 45.43 -10.34
N VAL B 256 13.33 45.98 -9.42
CA VAL B 256 14.59 45.35 -9.03
C VAL B 256 14.32 44.05 -8.27
N ALA B 257 13.33 44.06 -7.37
CA ALA B 257 13.00 42.85 -6.63
C ALA B 257 12.62 41.72 -7.59
N CYS B 258 11.75 42.01 -8.55
CA CYS B 258 11.33 40.99 -9.50
C CYS B 258 12.48 40.57 -10.41
N GLU B 259 13.35 41.51 -10.79
CA GLU B 259 14.49 41.16 -11.63
C GLU B 259 15.42 40.19 -10.90
N LYS B 260 15.72 40.48 -9.63
CA LYS B 260 16.56 39.58 -8.85
C LYS B 260 15.88 38.23 -8.64
N THR B 261 14.60 38.24 -8.28
CA THR B 261 13.89 36.98 -8.05
C THR B 261 13.86 36.12 -9.30
N VAL B 262 13.52 36.73 -10.45
CA VAL B 262 13.40 35.97 -11.68
C VAL B 262 14.76 35.51 -12.18
N SER B 263 15.82 36.31 -11.97
CA SER B 263 17.14 35.86 -12.36
C SER B 263 17.61 34.70 -11.50
N ALA B 264 17.33 34.75 -10.19
CA ALA B 264 17.68 33.61 -9.34
C ALA B 264 16.91 32.37 -9.76
N MET B 265 15.62 32.52 -10.06
CA MET B 265 14.84 31.42 -10.60
C MET B 265 15.47 30.87 -11.87
N GLN B 266 15.91 31.76 -12.76
CA GLN B 266 16.48 31.31 -14.03
C GLN B 266 17.78 30.55 -13.81
N HIS B 267 18.63 31.04 -12.90
CA HIS B 267 19.87 30.33 -12.60
C HIS B 267 19.56 28.95 -12.02
N VAL B 268 18.65 28.88 -11.05
CA VAL B 268 18.33 27.60 -10.42
C VAL B 268 17.76 26.64 -11.46
N LEU B 269 16.86 27.12 -12.32
CA LEU B 269 16.22 26.25 -13.29
C LEU B 269 17.20 25.82 -14.38
N GLN B 270 18.09 26.72 -14.81
CA GLN B 270 19.11 26.36 -15.78
C GLN B 270 20.02 25.27 -15.24
N ARG B 271 20.58 25.49 -14.04
CA ARG B 271 21.42 24.46 -13.44
C ARG B 271 20.65 23.16 -13.25
N THR B 272 19.40 23.25 -12.82
CA THR B 272 18.62 22.05 -12.53
C THR B 272 18.40 21.24 -13.81
N ILE B 273 18.00 21.90 -14.90
CA ILE B 273 17.72 21.18 -16.13
C ILE B 273 19.02 20.62 -16.71
N ARG B 274 20.13 21.36 -16.59
CA ARG B 274 21.41 20.84 -17.06
C ARG B 274 21.80 19.58 -16.31
N CYS B 275 21.80 19.64 -14.97
CA CYS B 275 22.16 18.47 -14.18
C CYS B 275 21.17 17.32 -14.38
N ALA B 276 19.90 17.63 -14.60
CA ALA B 276 18.91 16.58 -14.83
C ALA B 276 19.15 15.88 -16.16
N LYS B 277 19.51 16.64 -17.20
CA LYS B 277 19.87 16.02 -18.46
C LYS B 277 21.16 15.23 -18.35
N ALA B 278 22.08 15.67 -17.49
CA ALA B 278 23.30 14.91 -17.26
C ALA B 278 22.99 13.56 -16.61
N GLU B 279 22.25 13.57 -15.49
CA GLU B 279 21.86 12.33 -14.84
C GLU B 279 21.17 11.40 -15.83
N ALA B 280 20.14 11.90 -16.50
CA ALA B 280 19.48 11.13 -17.54
C ALA B 280 20.38 11.05 -18.76
N GLY B 281 20.00 10.19 -19.70
CA GLY B 281 20.74 10.08 -20.93
C GLY B 281 20.48 11.24 -21.88
N GLU B 282 21.40 11.43 -22.83
CA GLU B 282 21.21 12.43 -23.86
C GLU B 282 19.97 12.09 -24.67
N GLY B 283 19.02 13.02 -24.74
CA GLY B 283 17.78 12.81 -25.42
C GLY B 283 16.72 12.09 -24.62
N GLN B 284 16.96 11.83 -23.34
CA GLN B 284 16.00 11.13 -22.48
C GLN B 284 15.31 12.12 -21.56
N LYS B 285 14.01 11.94 -21.38
CA LYS B 285 13.21 12.86 -20.55
C LYS B 285 13.59 12.68 -19.08
N PRO B 286 14.01 13.74 -18.39
CA PRO B 286 14.36 13.59 -16.96
C PRO B 286 13.14 13.25 -16.12
N SER B 287 13.36 12.43 -15.10
CA SER B 287 12.31 12.06 -14.17
C SER B 287 12.05 13.20 -13.19
N PRO B 288 10.92 13.14 -12.46
CA PRO B 288 10.72 14.14 -11.40
C PRO B 288 11.85 14.16 -10.39
N ALA B 289 12.36 12.98 -10.01
CA ALA B 289 13.46 12.92 -9.06
C ALA B 289 14.69 13.61 -9.60
N GLN B 290 14.94 13.49 -10.91
CA GLN B 290 16.09 14.15 -11.53
C GLN B 290 15.86 15.65 -11.72
N LEU B 291 14.61 16.11 -11.67
CA LEU B 291 14.30 17.52 -11.87
C LEU B 291 14.21 18.31 -10.57
N GLU B 292 14.46 17.69 -9.42
CA GLU B 292 14.47 18.43 -8.16
C GLU B 292 15.41 19.63 -8.27
N LEU B 293 14.92 20.79 -7.83
CA LEU B 293 15.71 22.02 -7.89
C LEU B 293 17.07 21.81 -7.25
N ARG B 294 18.13 22.06 -8.02
CA ARG B 294 19.49 21.95 -7.51
C ARG B 294 19.77 23.20 -6.67
N MET B 295 19.20 23.20 -5.46
CA MET B 295 19.19 24.41 -4.66
C MET B 295 20.51 24.62 -3.92
N VAL B 296 21.01 23.58 -3.27
CA VAL B 296 22.30 23.70 -2.56
C VAL B 296 23.36 24.20 -3.52
N GLN B 297 23.47 23.55 -4.68
CA GLN B 297 24.46 23.94 -5.67
C GLN B 297 24.20 25.33 -6.24
N SER B 298 23.00 25.87 -6.04
CA SER B 298 22.66 27.21 -6.49
C SER B 298 22.78 28.25 -5.38
N LYS B 299 23.27 27.86 -4.20
CA LYS B 299 23.37 28.77 -3.07
C LYS B 299 23.83 30.17 -3.49
N ARG B 300 25.02 30.25 -4.11
CA ARG B 300 25.59 31.55 -4.43
C ARG B 300 24.70 32.32 -5.40
N ASP B 301 24.14 31.64 -6.40
CA ASP B 301 23.23 32.33 -7.32
C ASP B 301 22.03 32.89 -6.57
N ILE B 302 21.58 32.20 -5.52
CA ILE B 302 20.49 32.75 -4.71
C ILE B 302 20.98 33.92 -3.88
N GLU B 303 22.23 33.87 -3.43
CA GLU B 303 22.75 34.94 -2.59
C GLU B 303 22.86 36.25 -3.35
N ASP B 304 23.32 36.19 -4.60
CA ASP B 304 23.54 37.39 -5.41
C ASP B 304 23.43 37.01 -6.88
N PRO B 305 22.21 36.86 -7.38
CA PRO B 305 22.04 36.36 -8.75
C PRO B 305 22.57 37.33 -9.80
N GLU B 306 23.19 36.77 -10.84
CA GLU B 306 23.52 37.55 -12.03
C GLU B 306 22.21 37.95 -12.71
N ILE B 307 22.03 39.26 -12.91
CA ILE B 307 20.81 39.76 -13.53
C ILE B 307 20.82 39.38 -15.00
N VAL B 308 19.90 38.49 -15.41
CA VAL B 308 19.80 38.05 -16.79
C VAL B 308 18.44 38.37 -17.40
N VAL B 309 17.58 39.09 -16.67
CA VAL B 309 16.30 39.53 -17.19
C VAL B 309 16.09 40.98 -16.79
N GLN B 310 15.41 41.72 -17.66
CA GLN B 310 15.20 43.15 -17.47
C GLN B 310 13.72 43.47 -17.64
N ALA B 311 13.16 44.15 -16.64
CA ALA B 311 11.75 44.50 -16.66
C ALA B 311 11.53 45.86 -17.31
N THR B 312 10.37 46.04 -17.91
CA THR B 312 9.96 47.29 -18.53
C THR B 312 8.88 47.92 -17.66
N VAL B 313 9.13 49.12 -17.16
CA VAL B 313 8.13 49.86 -16.40
C VAL B 313 7.12 50.47 -17.36
N LEU B 314 5.84 50.35 -17.01
CA LEU B 314 4.76 50.86 -17.84
C LEU B 314 4.18 52.14 -17.21
N GLU C 6 -26.79 -22.75 7.88
CA GLU C 6 -28.13 -22.95 7.33
C GLU C 6 -28.58 -21.73 6.54
N CYS C 7 -27.66 -21.16 5.77
CA CYS C 7 -27.93 -19.96 4.98
C CYS C 7 -27.48 -20.22 3.55
N ARG C 8 -28.41 -20.10 2.60
CA ARG C 8 -28.16 -20.44 1.21
C ARG C 8 -28.14 -19.17 0.35
N VAL C 9 -27.13 -19.07 -0.50
CA VAL C 9 -26.91 -17.93 -1.38
C VAL C 9 -27.08 -18.38 -2.81
N LEU C 10 -27.89 -17.66 -3.58
CA LEU C 10 -27.99 -17.87 -5.02
C LEU C 10 -27.07 -16.86 -5.70
N SER C 11 -25.93 -17.35 -6.22
CA SER C 11 -24.94 -16.50 -6.86
C SER C 11 -24.97 -16.76 -8.36
N ILE C 12 -25.27 -15.72 -9.13
CA ILE C 12 -25.33 -15.79 -10.58
C ILE C 12 -24.17 -14.96 -11.12
N GLN C 13 -23.09 -15.63 -11.52
CA GLN C 13 -21.89 -14.91 -11.93
C GLN C 13 -21.08 -15.73 -12.92
N SER C 14 -20.03 -15.10 -13.45
CA SER C 14 -19.18 -15.73 -14.45
C SER C 14 -18.32 -16.82 -13.83
N HIS C 15 -17.88 -17.75 -14.67
CA HIS C 15 -17.01 -18.84 -14.28
C HIS C 15 -15.84 -18.91 -15.23
N VAL C 16 -14.63 -19.06 -14.68
CA VAL C 16 -13.41 -19.24 -15.46
C VAL C 16 -12.81 -20.59 -15.11
N VAL C 17 -12.22 -21.24 -16.11
CA VAL C 17 -11.55 -22.51 -15.88
C VAL C 17 -10.33 -22.30 -14.99
N ARG C 18 -9.43 -21.40 -15.41
CA ARG C 18 -8.32 -20.97 -14.58
C ARG C 18 -8.63 -19.57 -14.04
N GLY C 19 -8.31 -19.36 -12.78
CA GLY C 19 -8.37 -18.05 -12.18
C GLY C 19 -9.51 -17.92 -11.20
N TYR C 20 -9.68 -16.69 -10.69
CA TYR C 20 -10.66 -16.39 -9.65
C TYR C 20 -11.36 -15.08 -10.00
N VAL C 21 -12.49 -15.20 -10.69
CA VAL C 21 -13.39 -14.09 -10.95
C VAL C 21 -14.81 -14.64 -10.88
N GLY C 22 -15.77 -13.74 -10.69
CA GLY C 22 -17.16 -14.17 -10.59
C GLY C 22 -17.32 -15.24 -9.52
N ASN C 23 -18.02 -16.32 -9.88
CA ASN C 23 -18.30 -17.37 -8.91
C ASN C 23 -17.01 -18.01 -8.39
N ARG C 24 -16.01 -18.16 -9.24
CA ARG C 24 -14.73 -18.71 -8.78
C ARG C 24 -14.18 -17.88 -7.62
N ALA C 25 -14.39 -16.57 -7.64
CA ALA C 25 -13.93 -15.70 -6.57
C ALA C 25 -14.91 -15.61 -5.42
N ALA C 26 -16.15 -16.06 -5.60
CA ALA C 26 -17.19 -15.92 -4.59
C ALA C 26 -17.56 -17.23 -3.91
N MET C 27 -17.66 -18.33 -4.67
CA MET C 27 -18.10 -19.59 -4.08
C MET C 27 -17.15 -20.04 -2.98
N PHE C 28 -15.85 -20.13 -3.29
CA PHE C 28 -14.91 -20.70 -2.33
C PHE C 28 -14.94 -19.94 -1.00
N PRO C 29 -14.71 -18.62 -0.96
CA PRO C 29 -14.81 -17.92 0.34
C PRO C 29 -16.14 -18.19 1.04
N LEU C 30 -17.25 -17.94 0.36
CA LEU C 30 -18.56 -18.16 0.98
C LEU C 30 -18.65 -19.57 1.56
N GLN C 31 -18.15 -20.57 0.82
CA GLN C 31 -18.22 -21.94 1.31
C GLN C 31 -17.38 -22.12 2.56
N VAL C 32 -16.16 -21.58 2.57
CA VAL C 32 -15.30 -21.79 3.74
C VAL C 32 -15.79 -20.99 4.94
N LEU C 33 -16.61 -19.96 4.71
CA LEU C 33 -17.20 -19.18 5.78
C LEU C 33 -18.55 -19.74 6.22
N GLY C 34 -18.93 -20.92 5.73
CA GLY C 34 -20.06 -21.65 6.25
C GLY C 34 -21.35 -21.50 5.48
N PHE C 35 -21.32 -20.89 4.30
CA PHE C 35 -22.53 -20.62 3.53
C PHE C 35 -22.72 -21.67 2.45
N GLU C 36 -23.94 -22.20 2.37
CA GLU C 36 -24.33 -23.00 1.21
C GLU C 36 -24.49 -22.07 0.01
N VAL C 37 -23.96 -22.48 -1.14
CA VAL C 37 -23.96 -21.65 -2.33
C VAL C 37 -24.50 -22.44 -3.50
N ASP C 38 -25.58 -21.95 -4.11
CA ASP C 38 -26.06 -22.40 -5.41
C ASP C 38 -25.54 -21.43 -6.46
N ALA C 39 -24.78 -21.94 -7.43
CA ALA C 39 -24.05 -21.11 -8.38
C ALA C 39 -24.59 -21.32 -9.79
N VAL C 40 -25.11 -20.24 -10.38
CA VAL C 40 -25.44 -20.19 -11.80
C VAL C 40 -24.28 -19.48 -12.50
N ASN C 41 -23.55 -20.21 -13.34
CA ASN C 41 -22.40 -19.68 -14.05
C ASN C 41 -22.90 -18.94 -15.30
N SER C 42 -22.88 -17.61 -15.23
CA SER C 42 -23.41 -16.81 -16.33
C SER C 42 -22.60 -16.99 -17.60
N VAL C 43 -21.32 -17.35 -17.48
CA VAL C 43 -20.48 -17.64 -18.63
C VAL C 43 -19.46 -18.69 -18.20
N GLN C 44 -18.82 -19.32 -19.19
CA GLN C 44 -17.67 -20.19 -18.94
C GLN C 44 -16.58 -19.80 -19.93
N PHE C 45 -15.55 -19.12 -19.43
CA PHE C 45 -14.39 -18.73 -20.21
C PHE C 45 -13.17 -19.51 -19.72
N SER C 46 -12.17 -19.63 -20.60
CA SER C 46 -10.91 -20.23 -20.18
C SER C 46 -10.20 -19.35 -19.17
N ASN C 47 -10.28 -18.04 -19.35
CA ASN C 47 -9.59 -17.08 -18.50
C ASN C 47 -10.38 -15.78 -18.52
N HIS C 48 -9.98 -14.84 -17.68
CA HIS C 48 -10.61 -13.53 -17.70
C HIS C 48 -10.07 -12.70 -18.86
N THR C 49 -10.84 -11.68 -19.24
CA THR C 49 -10.57 -10.91 -20.45
C THR C 49 -9.30 -10.06 -20.36
N GLY C 50 -8.60 -10.09 -19.23
CA GLY C 50 -7.34 -9.39 -19.11
C GLY C 50 -6.18 -10.09 -19.80
N TYR C 51 -6.29 -11.39 -20.04
CA TYR C 51 -5.27 -12.13 -20.76
C TYR C 51 -5.19 -11.63 -22.21
N ALA C 52 -4.13 -12.06 -22.91
CA ALA C 52 -4.00 -11.74 -24.32
C ALA C 52 -5.06 -12.45 -25.15
N HIS C 53 -5.51 -13.61 -24.70
CA HIS C 53 -6.52 -14.38 -25.42
C HIS C 53 -7.50 -14.99 -24.42
N TRP C 54 -8.70 -15.27 -24.92
CA TRP C 54 -9.74 -15.89 -24.11
C TRP C 54 -10.73 -16.58 -25.04
N LYS C 55 -11.20 -17.76 -24.63
CA LYS C 55 -12.18 -18.51 -25.40
C LYS C 55 -13.19 -19.11 -24.44
N GLY C 56 -14.46 -19.08 -24.84
CA GLY C 56 -15.51 -19.63 -24.02
C GLY C 56 -16.88 -19.22 -24.54
N GLN C 57 -17.89 -19.52 -23.73
CA GLN C 57 -19.28 -19.31 -24.09
C GLN C 57 -20.02 -18.53 -23.01
N VAL C 58 -21.14 -17.92 -23.42
CA VAL C 58 -21.97 -17.09 -22.56
C VAL C 58 -23.31 -17.80 -22.36
N LEU C 59 -23.87 -17.66 -21.16
CA LEU C 59 -25.18 -18.22 -20.85
C LEU C 59 -26.26 -17.28 -21.38
N LYS C 60 -27.24 -17.77 -22.13
CA LYS C 60 -28.26 -16.93 -22.68
C LYS C 60 -29.34 -16.73 -21.65
N SER C 61 -30.15 -15.71 -21.79
CA SER C 61 -31.15 -15.44 -20.80
C SER C 61 -32.15 -16.55 -20.61
N GLN C 62 -32.54 -17.18 -21.69
CA GLN C 62 -33.47 -18.28 -21.66
C GLN C 62 -32.91 -19.45 -20.88
N GLU C 63 -31.63 -19.71 -21.00
CA GLU C 63 -30.94 -20.72 -20.25
C GLU C 63 -30.93 -20.41 -18.77
N LEU C 64 -30.84 -19.14 -18.41
CA LEU C 64 -30.92 -18.73 -17.03
C LEU C 64 -32.29 -19.03 -16.50
N HIS C 65 -33.29 -18.73 -17.28
CA HIS C 65 -34.64 -18.99 -16.88
C HIS C 65 -34.90 -20.48 -16.73
N GLU C 66 -34.32 -21.30 -17.60
CA GLU C 66 -34.46 -22.73 -17.51
C GLU C 66 -33.85 -23.31 -16.25
N LEU C 67 -32.68 -22.86 -15.88
CA LEU C 67 -32.07 -23.31 -14.63
C LEU C 67 -32.91 -22.89 -13.42
N TYR C 68 -33.38 -21.64 -13.41
CA TYR C 68 -34.20 -21.19 -12.29
C TYR C 68 -35.49 -22.00 -12.19
N GLU C 69 -36.16 -22.26 -13.32
CA GLU C 69 -37.38 -23.03 -13.28
C GLU C 69 -37.13 -24.47 -12.83
N GLY C 70 -35.97 -25.03 -13.18
CA GLY C 70 -35.59 -26.31 -12.63
C GLY C 70 -35.49 -26.28 -11.12
N LEU C 71 -34.91 -25.20 -10.58
CA LEU C 71 -34.92 -25.03 -9.13
C LEU C 71 -36.34 -24.91 -8.60
N LYS C 72 -37.20 -24.17 -9.31
CA LYS C 72 -38.52 -23.84 -8.79
C LYS C 72 -39.42 -25.06 -8.72
N VAL C 73 -39.52 -25.82 -9.81
CA VAL C 73 -40.44 -26.95 -9.84
C VAL C 73 -40.06 -28.02 -8.83
N ASN C 74 -38.81 -28.04 -8.38
CA ASN C 74 -38.39 -28.92 -7.30
C ASN C 74 -38.63 -28.33 -5.92
N ASP C 75 -39.16 -27.10 -5.86
CA ASP C 75 -39.39 -26.39 -4.60
C ASP C 75 -38.08 -26.27 -3.81
N VAL C 76 -36.99 -26.05 -4.54
CA VAL C 76 -35.70 -25.75 -3.94
C VAL C 76 -35.20 -24.36 -4.33
N ASN C 77 -36.12 -23.50 -4.74
CA ASN C 77 -35.81 -22.08 -5.00
C ASN C 77 -36.01 -21.25 -3.73
N LYS C 78 -35.52 -21.78 -2.62
CA LYS C 78 -35.61 -21.12 -1.32
C LYS C 78 -34.24 -20.55 -0.99
N TYR C 79 -34.18 -19.23 -0.81
CA TYR C 79 -32.90 -18.56 -0.61
C TYR C 79 -33.01 -17.49 0.45
N ASP C 80 -31.94 -17.35 1.23
CA ASP C 80 -31.78 -16.22 2.13
C ASP C 80 -31.05 -15.05 1.47
N TYR C 81 -30.27 -15.33 0.42
CA TYR C 81 -29.50 -14.31 -0.25
C TYR C 81 -29.51 -14.55 -1.75
N VAL C 82 -29.26 -13.49 -2.50
CA VAL C 82 -28.93 -13.56 -3.92
C VAL C 82 -27.73 -12.67 -4.16
N LEU C 83 -26.81 -13.14 -5.01
CA LEU C 83 -25.54 -12.47 -5.24
C LEU C 83 -25.29 -12.39 -6.74
N THR C 84 -25.01 -11.19 -7.23
CA THR C 84 -24.78 -10.98 -8.64
C THR C 84 -23.65 -9.96 -8.83
N GLY C 85 -23.07 -9.98 -10.03
CA GLY C 85 -21.99 -9.08 -10.36
C GLY C 85 -21.98 -8.65 -11.81
N TYR C 86 -20.94 -9.06 -12.55
CA TYR C 86 -20.73 -8.58 -13.90
C TYR C 86 -21.73 -9.22 -14.87
N THR C 87 -22.51 -8.38 -15.54
CA THR C 87 -23.46 -8.82 -16.56
C THR C 87 -23.37 -7.87 -17.75
N ARG C 88 -23.50 -8.41 -18.95
CA ARG C 88 -23.34 -7.62 -20.17
C ARG C 88 -24.61 -7.51 -21.02
N ASP C 89 -25.68 -8.23 -20.69
CA ASP C 89 -26.89 -8.24 -21.52
C ASP C 89 -28.07 -7.74 -20.71
N LYS C 90 -28.88 -6.86 -21.33
CA LYS C 90 -30.07 -6.35 -20.67
C LYS C 90 -31.03 -7.47 -20.32
N SER C 91 -31.27 -8.38 -21.27
CA SER C 91 -32.21 -9.48 -21.02
C SER C 91 -31.78 -10.29 -19.80
N PHE C 92 -30.49 -10.55 -19.66
CA PHE C 92 -30.01 -11.33 -18.52
C PHE C 92 -30.30 -10.60 -17.20
N LEU C 93 -29.96 -9.31 -17.15
CA LEU C 93 -30.20 -8.54 -15.93
C LEU C 93 -31.69 -8.47 -15.60
N ALA C 94 -32.53 -8.30 -16.62
CA ALA C 94 -33.97 -8.24 -16.40
C ALA C 94 -34.50 -9.57 -15.87
N MET C 95 -33.92 -10.65 -16.34
CA MET C 95 -34.29 -11.95 -15.93
C MET C 95 -33.91 -12.16 -14.48
N VAL C 96 -32.75 -11.70 -14.11
CA VAL C 96 -32.28 -11.76 -12.73
C VAL C 96 -33.19 -10.95 -11.83
N VAL C 97 -33.63 -9.77 -12.30
CA VAL C 97 -34.54 -8.95 -11.52
C VAL C 97 -35.86 -9.68 -11.28
N ASP C 98 -36.40 -10.29 -12.35
CA ASP C 98 -37.64 -11.05 -12.19
C ASP C 98 -37.48 -12.16 -11.16
N ILE C 99 -36.37 -12.89 -11.22
CA ILE C 99 -36.14 -13.98 -10.28
C ILE C 99 -36.10 -13.45 -8.85
N VAL C 100 -35.37 -12.34 -8.64
CA VAL C 100 -35.26 -11.77 -7.30
C VAL C 100 -36.63 -11.32 -6.80
N ARG C 101 -37.44 -10.73 -7.68
CA ARG C 101 -38.76 -10.27 -7.27
C ARG C 101 -39.64 -11.44 -6.85
N GLU C 102 -39.62 -12.52 -7.62
CA GLU C 102 -40.40 -13.70 -7.24
C GLU C 102 -39.93 -14.26 -5.90
N LEU C 103 -38.61 -14.37 -5.73
CA LEU C 103 -38.07 -14.93 -4.49
C LEU C 103 -38.42 -14.06 -3.29
N LYS C 104 -38.37 -12.74 -3.46
CA LYS C 104 -38.72 -11.84 -2.35
C LYS C 104 -40.19 -11.96 -2.00
N GLN C 105 -41.07 -12.09 -3.01
CA GLN C 105 -42.47 -12.31 -2.69
C GLN C 105 -42.66 -13.63 -1.95
N GLN C 106 -41.86 -14.64 -2.29
CA GLN C 106 -41.95 -15.92 -1.58
C GLN C 106 -41.38 -15.81 -0.16
N ASN C 107 -40.33 -15.01 0.03
CA ASN C 107 -39.72 -14.83 1.34
C ASN C 107 -39.27 -13.37 1.45
N SER C 108 -39.94 -12.61 2.32
CA SER C 108 -39.65 -11.19 2.48
C SER C 108 -38.32 -10.93 3.19
N ARG C 109 -37.73 -11.94 3.80
CA ARG C 109 -36.46 -11.78 4.51
C ARG C 109 -35.25 -11.97 3.60
N LEU C 110 -35.46 -12.14 2.29
CA LEU C 110 -34.34 -12.37 1.38
C LEU C 110 -33.53 -11.09 1.17
N VAL C 111 -32.22 -11.24 1.13
CA VAL C 111 -31.28 -10.13 0.92
C VAL C 111 -30.67 -10.28 -0.46
N TYR C 112 -30.76 -9.24 -1.27
CA TYR C 112 -30.16 -9.22 -2.60
C TYR C 112 -28.89 -8.39 -2.54
N VAL C 113 -27.75 -9.03 -2.74
CA VAL C 113 -26.45 -8.36 -2.80
C VAL C 113 -26.05 -8.23 -4.26
N CYS C 114 -25.82 -7.01 -4.71
CA CYS C 114 -25.57 -6.73 -6.13
C CYS C 114 -24.35 -5.84 -6.28
N ASP C 115 -23.38 -6.30 -7.06
CA ASP C 115 -22.29 -5.45 -7.50
C ASP C 115 -22.66 -4.87 -8.86
N PRO C 116 -23.08 -3.60 -8.94
CA PRO C 116 -23.53 -3.05 -10.24
C PRO C 116 -22.36 -2.69 -11.15
N VAL C 117 -21.76 -3.72 -11.74
CA VAL C 117 -20.53 -3.55 -12.52
C VAL C 117 -20.86 -2.82 -13.82
N MET C 118 -20.21 -1.70 -14.04
CA MET C 118 -20.41 -0.90 -15.25
C MET C 118 -19.14 -0.24 -15.75
N GLY C 119 -18.23 0.14 -14.87
CA GLY C 119 -16.99 0.73 -15.30
C GLY C 119 -16.11 1.12 -14.14
N ASP C 120 -15.11 1.94 -14.44
CA ASP C 120 -14.18 2.46 -13.43
C ASP C 120 -13.44 3.64 -14.04
N LYS C 121 -12.50 4.19 -13.25
CA LYS C 121 -11.78 5.40 -13.62
C LYS C 121 -12.67 6.40 -14.35
N SER C 127 -14.01 4.78 -17.87
CA SER C 127 -15.05 4.43 -18.84
C SER C 127 -15.71 3.12 -18.47
N MET C 128 -16.68 2.70 -19.28
CA MET C 128 -17.52 1.55 -18.98
C MET C 128 -16.98 0.28 -19.62
N TYR C 129 -17.26 -0.86 -18.98
CA TYR C 129 -17.03 -2.16 -19.60
C TYR C 129 -18.33 -2.84 -20.00
N VAL C 130 -19.44 -2.11 -20.03
CA VAL C 130 -20.73 -2.69 -20.37
C VAL C 130 -21.44 -1.84 -21.42
N PRO C 131 -22.33 -2.42 -22.21
CA PRO C 131 -23.18 -1.61 -23.09
C PRO C 131 -23.93 -0.55 -22.29
N GLN C 132 -23.99 0.66 -22.84
CA GLN C 132 -24.59 1.77 -22.09
C GLN C 132 -26.04 1.50 -21.73
N ASP C 133 -26.76 0.76 -22.57
CA ASP C 133 -28.18 0.50 -22.32
C ASP C 133 -28.42 -0.22 -21.00
N LEU C 134 -27.38 -0.67 -20.30
CA LEU C 134 -27.56 -1.33 -19.02
C LEU C 134 -27.61 -0.37 -17.85
N LEU C 135 -27.16 0.88 -18.04
CA LEU C 135 -27.27 1.85 -16.95
C LEU C 135 -28.72 2.09 -16.55
N PRO C 136 -29.65 2.35 -17.47
CA PRO C 136 -31.06 2.44 -17.06
C PRO C 136 -31.53 1.21 -16.32
N VAL C 137 -31.22 0.02 -16.85
CA VAL C 137 -31.67 -1.22 -16.24
C VAL C 137 -31.20 -1.30 -14.79
N TYR C 138 -29.91 -1.03 -14.55
CA TYR C 138 -29.40 -1.02 -13.19
C TYR C 138 -30.07 0.08 -12.37
N ARG C 139 -30.34 1.22 -12.98
CA ARG C 139 -30.85 2.36 -12.23
C ARG C 139 -32.31 2.19 -11.89
N ASP C 140 -33.13 1.79 -12.88
CA ASP C 140 -34.57 1.76 -12.72
C ASP C 140 -35.12 0.39 -12.36
N LYS C 141 -34.31 -0.67 -12.42
CA LYS C 141 -34.83 -2.01 -12.16
C LYS C 141 -34.03 -2.79 -11.13
N VAL C 142 -32.70 -2.81 -11.26
CA VAL C 142 -31.89 -3.68 -10.40
C VAL C 142 -31.75 -3.09 -9.01
N VAL C 143 -31.15 -1.88 -8.91
CA VAL C 143 -30.91 -1.29 -7.60
C VAL C 143 -32.20 -1.17 -6.79
N PRO C 144 -33.35 -0.83 -7.38
CA PRO C 144 -34.58 -0.74 -6.57
C PRO C 144 -34.91 -1.97 -5.75
N VAL C 145 -34.55 -3.18 -6.22
CA VAL C 145 -34.83 -4.39 -5.45
C VAL C 145 -33.59 -4.90 -4.72
N ALA C 146 -32.48 -4.19 -4.79
CA ALA C 146 -31.27 -4.60 -4.10
C ALA C 146 -31.29 -4.12 -2.64
N ASP C 147 -30.65 -4.90 -1.78
CA ASP C 147 -30.53 -4.60 -0.36
C ASP C 147 -29.12 -4.21 0.04
N ILE C 148 -28.10 -4.70 -0.69
CA ILE C 148 -26.70 -4.36 -0.47
C ILE C 148 -26.08 -4.19 -1.85
N ILE C 149 -25.48 -3.02 -2.10
CA ILE C 149 -24.77 -2.78 -3.35
C ILE C 149 -23.35 -2.33 -3.04
N THR C 150 -22.40 -2.75 -3.87
CA THR C 150 -20.98 -2.43 -3.69
C THR C 150 -20.41 -1.81 -4.97
N PRO C 151 -20.91 -0.65 -5.36
CA PRO C 151 -20.37 0.02 -6.54
C PRO C 151 -19.03 0.71 -6.25
N ASN C 152 -18.32 1.02 -7.31
CA ASN C 152 -17.16 1.86 -7.24
C ASN C 152 -17.65 3.32 -7.44
N GLN C 153 -16.78 4.29 -7.36
CA GLN C 153 -17.21 5.64 -7.47
C GLN C 153 -17.82 5.96 -8.80
N PHE C 154 -17.27 5.45 -9.86
CA PHE C 154 -17.80 5.67 -11.16
C PHE C 154 -19.20 5.05 -11.31
N GLU C 155 -19.42 3.88 -10.80
CA GLU C 155 -20.75 3.27 -10.87
C GLU C 155 -21.75 4.04 -10.00
N ALA C 156 -21.32 4.51 -8.84
CA ALA C 156 -22.21 5.32 -8.01
C ALA C 156 -22.59 6.61 -8.72
N GLU C 157 -21.65 7.22 -9.44
CA GLU C 157 -21.94 8.42 -10.21
C GLU C 157 -22.94 8.11 -11.32
N LEU C 158 -22.71 7.02 -12.06
CA LEU C 158 -23.63 6.65 -13.13
C LEU C 158 -25.04 6.44 -12.58
N LEU C 159 -25.16 5.71 -11.47
CA LEU C 159 -26.49 5.43 -10.93
C LEU C 159 -27.13 6.67 -10.32
N SER C 160 -26.34 7.60 -9.80
CA SER C 160 -26.88 8.78 -9.15
C SER C 160 -27.15 9.91 -10.13
N GLY C 161 -26.49 9.92 -11.28
CA GLY C 161 -26.57 11.05 -12.18
C GLY C 161 -25.75 12.24 -11.74
N ARG C 162 -25.05 12.13 -10.61
CA ARG C 162 -24.21 13.20 -10.08
C ARG C 162 -22.78 12.72 -10.01
N LYS C 163 -21.82 13.61 -10.26
CA LYS C 163 -20.41 13.29 -10.20
C LYS C 163 -19.92 13.52 -8.79
N ILE C 164 -18.88 12.85 -8.36
CA ILE C 164 -18.47 12.99 -6.99
C ILE C 164 -17.16 13.73 -6.90
N HIS C 165 -17.08 14.76 -6.10
CA HIS C 165 -15.82 15.43 -5.87
C HIS C 165 -15.37 15.45 -4.45
N SER C 166 -16.11 14.87 -3.55
CA SER C 166 -15.73 14.93 -2.14
C SER C 166 -16.41 13.78 -1.40
N GLN C 167 -15.95 13.54 -0.17
CA GLN C 167 -16.59 12.53 0.68
C GLN C 167 -18.04 12.93 0.98
N GLU C 168 -18.28 14.21 1.23
CA GLU C 168 -19.64 14.67 1.50
C GLU C 168 -20.55 14.36 0.32
N GLU C 169 -20.10 14.69 -0.90
CA GLU C 169 -20.88 14.37 -2.08
C GLU C 169 -21.03 12.86 -2.24
N ALA C 170 -20.00 12.10 -1.88
CA ALA C 170 -20.08 10.65 -1.98
C ALA C 170 -21.19 10.10 -1.09
N PHE C 171 -21.27 10.60 0.14
CA PHE C 171 -22.32 10.11 1.04
C PHE C 171 -23.69 10.66 0.67
N GLU C 172 -23.75 11.86 0.08
CA GLU C 172 -25.03 12.33 -0.46
C GLU C 172 -25.52 11.42 -1.58
N VAL C 173 -24.60 11.00 -2.45
CA VAL C 173 -24.97 10.08 -3.52
C VAL C 173 -25.36 8.72 -2.96
N MET C 174 -24.68 8.30 -1.88
CA MET C 174 -25.06 7.05 -1.24
C MET C 174 -26.43 7.16 -0.57
N ASP C 175 -26.80 8.35 -0.09
CA ASP C 175 -28.15 8.56 0.40
C ASP C 175 -29.16 8.48 -0.73
N MET C 176 -28.83 9.05 -1.88
CA MET C 176 -29.71 8.89 -3.04
C MET C 176 -29.87 7.41 -3.40
N LEU C 177 -28.77 6.65 -3.36
CA LEU C 177 -28.83 5.23 -3.66
C LEU C 177 -29.68 4.49 -2.63
N HIS C 178 -29.50 4.81 -1.35
CA HIS C 178 -30.40 4.31 -0.31
C HIS C 178 -31.85 4.55 -0.70
N CYS C 179 -32.15 5.79 -1.09
CA CYS C 179 -33.52 6.13 -1.48
C CYS C 179 -33.98 5.28 -2.66
N MET C 180 -33.07 4.91 -3.55
CA MET C 180 -33.46 4.07 -4.68
C MET C 180 -33.84 2.67 -4.23
N GLY C 181 -33.33 2.20 -3.09
CA GLY C 181 -33.71 0.90 -2.59
C GLY C 181 -32.82 0.33 -1.50
N PRO C 182 -31.56 0.04 -1.83
CA PRO C 182 -30.72 -0.73 -0.90
C PRO C 182 -30.45 0.00 0.40
N ASP C 183 -30.66 -0.70 1.52
CA ASP C 183 -30.38 -0.15 2.83
C ASP C 183 -28.90 -0.18 3.19
N THR C 184 -28.07 -0.90 2.42
CA THR C 184 -26.62 -0.91 2.64
C THR C 184 -25.93 -0.60 1.32
N VAL C 185 -25.03 0.38 1.34
CA VAL C 185 -24.30 0.84 0.16
C VAL C 185 -22.84 0.98 0.55
N VAL C 186 -21.96 0.31 -0.20
CA VAL C 186 -20.52 0.40 0.02
C VAL C 186 -19.85 0.83 -1.27
N ILE C 187 -19.13 1.95 -1.21
CA ILE C 187 -18.36 2.43 -2.29
C ILE C 187 -17.00 1.76 -2.07
N THR C 188 -16.72 0.72 -2.84
CA THR C 188 -15.54 -0.07 -2.73
C THR C 188 -14.26 0.63 -3.07
N SER C 189 -14.30 1.52 -4.04
CA SER C 189 -13.13 2.27 -4.48
C SER C 189 -13.47 3.67 -4.92
N SER C 190 -12.61 4.62 -4.67
CA SER C 190 -12.88 5.98 -5.06
C SER C 190 -11.63 6.69 -5.40
N ASP C 191 -11.76 7.86 -5.98
CA ASP C 191 -10.63 8.69 -6.29
C ASP C 191 -10.34 9.67 -5.18
N LEU C 192 -11.06 9.60 -4.07
CA LEU C 192 -10.85 10.46 -2.96
C LEU C 192 -9.45 10.29 -2.40
N PRO C 193 -8.78 11.39 -2.11
CA PRO C 193 -7.42 11.29 -1.65
C PRO C 193 -7.26 11.03 -0.21
N SER C 194 -6.14 10.43 0.13
CA SER C 194 -5.85 10.12 1.45
C SER C 194 -4.79 11.03 1.94
N SER C 195 -4.76 11.27 3.22
CA SER C 195 -3.71 12.05 3.85
C SER C 195 -2.43 11.24 4.03
N GLN C 196 -2.51 9.92 3.99
CA GLN C 196 -1.38 9.06 4.31
C GLN C 196 -0.50 8.77 3.10
N GLY C 197 -0.86 9.23 1.92
CA GLY C 197 -0.06 8.95 0.74
C GLY C 197 -0.88 8.57 -0.47
N SER C 198 -0.23 8.30 -1.62
CA SER C 198 -0.85 7.90 -2.84
C SER C 198 -1.15 6.43 -2.90
N ASP C 199 -0.64 5.68 -1.95
CA ASP C 199 -0.83 4.27 -1.88
C ASP C 199 -1.96 3.83 -0.98
N TYR C 200 -2.82 4.75 -0.56
CA TYR C 200 -3.92 4.40 0.23
C TYR C 200 -5.18 4.78 -0.57
N LEU C 201 -6.12 3.86 -0.71
CA LEU C 201 -7.35 4.02 -1.46
C LEU C 201 -8.46 4.17 -0.46
N ILE C 202 -9.44 5.03 -0.72
CA ILE C 202 -10.52 5.27 0.23
C ILE C 202 -11.82 4.53 -0.06
N ALA C 203 -12.41 3.88 0.92
CA ALA C 203 -13.67 3.23 0.72
C ALA C 203 -14.66 3.74 1.74
N LEU C 204 -15.91 3.91 1.36
CA LEU C 204 -16.93 4.40 2.28
C LEU C 204 -18.02 3.42 2.41
N GLY C 205 -18.85 3.40 3.49
CA GLY C 205 -20.01 2.53 3.76
C GLY C 205 -21.13 3.28 4.44
N SER C 206 -22.37 2.89 4.10
CA SER C 206 -23.57 3.56 4.61
C SER C 206 -24.68 2.52 4.77
N GLN C 207 -25.24 2.40 5.97
CA GLN C 207 -26.27 1.41 6.25
C GLN C 207 -27.42 2.05 7.02
N ARG C 208 -28.64 1.88 6.53
CA ARG C 208 -29.83 2.41 7.19
C ARG C 208 -30.32 1.37 8.20
N MET C 209 -30.24 1.71 9.49
CA MET C 209 -30.42 0.74 10.56
C MET C 209 -31.88 0.34 10.74
N ARG C 210 -32.71 1.29 11.19
CA ARG C 210 -34.13 1.03 11.37
C ARG C 210 -34.37 -0.02 12.44
N ASP C 213 -38.75 1.18 17.02
CA ASP C 213 -39.37 2.47 17.26
C ASP C 213 -40.02 3.02 15.99
N GLY C 214 -39.64 2.44 14.85
CA GLY C 214 -40.03 2.97 13.57
C GLY C 214 -39.08 4.01 13.01
N SER C 215 -38.18 4.55 13.83
CA SER C 215 -37.20 5.50 13.36
C SER C 215 -36.12 4.79 12.54
N THR C 216 -35.49 5.53 11.65
CA THR C 216 -34.41 5.02 10.81
C THR C 216 -33.23 5.98 10.88
N VAL C 217 -32.05 5.43 11.14
CA VAL C 217 -30.82 6.21 11.20
C VAL C 217 -29.77 5.54 10.33
N THR C 218 -28.94 6.34 9.68
CA THR C 218 -27.93 5.85 8.75
C THR C 218 -26.56 5.89 9.42
N GLN C 219 -25.98 4.72 9.62
CA GLN C 219 -24.60 4.58 10.07
C GLN C 219 -23.65 4.73 8.89
N ARG C 220 -22.59 5.52 9.08
CA ARG C 220 -21.62 5.77 8.03
C ARG C 220 -20.22 5.43 8.51
N ILE C 221 -19.40 4.87 7.62
CA ILE C 221 -18.05 4.45 7.97
C ILE C 221 -17.09 4.75 6.82
N ARG C 222 -15.83 4.88 7.12
CA ARG C 222 -14.85 5.14 6.12
C ARG C 222 -13.63 4.29 6.38
N MET C 223 -12.96 3.84 5.34
CA MET C 223 -11.77 3.01 5.48
C MET C 223 -10.68 3.38 4.50
N GLU C 224 -9.42 3.20 4.86
CA GLU C 224 -8.31 3.44 3.95
C GLU C 224 -7.54 2.15 3.74
N MET C 225 -7.29 1.76 2.51
CA MET C 225 -6.65 0.50 2.25
C MET C 225 -5.36 0.68 1.52
N ARG C 226 -4.35 -0.11 1.79
CA ARG C 226 -3.13 0.03 1.08
C ARG C 226 -3.35 -0.37 -0.34
N LYS C 227 -2.79 0.33 -1.29
CA LYS C 227 -2.94 0.01 -2.67
C LYS C 227 -1.81 -0.92 -3.02
N VAL C 228 -2.07 -1.86 -3.90
CA VAL C 228 -1.07 -2.78 -4.34
C VAL C 228 -0.88 -2.36 -5.77
N GLU C 229 0.32 -2.18 -6.20
CA GLU C 229 0.68 -1.70 -7.53
C GLU C 229 0.68 -2.87 -8.49
N ALA C 230 -0.52 -3.30 -8.88
CA ALA C 230 -0.69 -4.36 -9.85
C ALA C 230 -2.16 -4.40 -10.25
N VAL C 231 -2.43 -4.94 -11.43
CA VAL C 231 -3.79 -5.06 -11.95
C VAL C 231 -4.35 -6.41 -11.56
N PHE C 232 -5.40 -6.42 -10.73
CA PHE C 232 -6.05 -7.63 -10.29
C PHE C 232 -7.47 -7.69 -10.85
N VAL C 233 -7.90 -8.89 -11.22
CA VAL C 233 -9.26 -9.14 -11.69
C VAL C 233 -9.95 -10.04 -10.68
N GLY C 234 -11.25 -9.83 -10.50
CA GLY C 234 -12.04 -10.57 -9.54
C GLY C 234 -12.07 -9.99 -8.15
N THR C 235 -11.44 -8.85 -7.93
CA THR C 235 -11.46 -8.23 -6.60
C THR C 235 -12.89 -7.90 -6.16
N GLY C 236 -13.67 -7.32 -7.06
CA GLY C 236 -15.02 -6.92 -6.68
C GLY C 236 -15.90 -8.09 -6.28
N ASP C 237 -15.74 -9.23 -6.97
CA ASP C 237 -16.58 -10.38 -6.65
C ASP C 237 -16.22 -10.98 -5.30
N LEU C 238 -14.92 -11.13 -5.03
CA LEU C 238 -14.49 -11.59 -3.71
C LEU C 238 -14.95 -10.63 -2.62
N PHE C 239 -14.83 -9.32 -2.87
CA PHE C 239 -15.27 -8.33 -1.91
C PHE C 239 -16.75 -8.49 -1.60
N ALA C 240 -17.58 -8.55 -2.64
CA ALA C 240 -19.02 -8.66 -2.43
C ALA C 240 -19.38 -9.95 -1.69
N ALA C 241 -18.71 -11.06 -2.03
CA ALA C 241 -19.00 -12.31 -1.36
C ALA C 241 -18.68 -12.23 0.13
N MET C 242 -17.48 -11.74 0.46
CA MET C 242 -17.09 -11.67 1.87
C MET C 242 -17.91 -10.62 2.62
N LEU C 243 -18.35 -9.56 1.94
CA LEU C 243 -19.24 -8.61 2.58
C LEU C 243 -20.58 -9.24 2.90
N LEU C 244 -21.13 -10.02 1.97
CA LEU C 244 -22.33 -10.79 2.28
C LEU C 244 -22.12 -11.61 3.54
N ALA C 245 -21.04 -12.38 3.58
CA ALA C 245 -20.79 -13.27 4.71
C ALA C 245 -20.73 -12.48 6.02
N TRP C 246 -19.92 -11.42 6.05
CA TRP C 246 -19.67 -10.73 7.32
C TRP C 246 -20.84 -9.85 7.73
N THR C 247 -21.63 -9.34 6.80
CA THR C 247 -22.84 -8.62 7.20
C THR C 247 -23.90 -9.60 7.70
N HIS C 248 -23.94 -10.82 7.16
CA HIS C 248 -24.81 -11.82 7.77
C HIS C 248 -24.34 -12.13 9.19
N LYS C 249 -23.02 -12.14 9.42
CA LYS C 249 -22.52 -12.40 10.76
C LYS C 249 -22.68 -11.19 11.67
N HIS C 250 -22.66 -9.98 11.11
CA HIS C 250 -22.74 -8.74 11.88
C HIS C 250 -23.83 -7.87 11.29
N PRO C 251 -25.10 -8.26 11.44
CA PRO C 251 -26.18 -7.59 10.71
C PRO C 251 -26.35 -6.12 11.07
N ASP C 252 -25.91 -5.69 12.25
CA ASP C 252 -26.10 -4.31 12.70
C ASP C 252 -24.78 -3.61 12.96
N ASN C 253 -23.67 -4.15 12.43
CA ASN C 253 -22.34 -3.59 12.65
C ASN C 253 -21.61 -3.61 11.30
N LEU C 254 -21.93 -2.63 10.45
CA LEU C 254 -21.25 -2.52 9.17
C LEU C 254 -19.76 -2.30 9.36
N LYS C 255 -19.36 -1.61 10.44
CA LYS C 255 -17.96 -1.34 10.68
C LYS C 255 -17.13 -2.63 10.70
N VAL C 256 -17.51 -3.57 11.57
CA VAL C 256 -16.71 -4.77 11.75
C VAL C 256 -16.81 -5.67 10.52
N ALA C 257 -17.99 -5.73 9.89
CA ALA C 257 -18.14 -6.52 8.68
C ALA C 257 -17.20 -6.03 7.59
N CYS C 258 -17.17 -4.70 7.36
CA CYS C 258 -16.27 -4.15 6.37
C CYS C 258 -14.82 -4.30 6.78
N GLU C 259 -14.51 -4.19 8.07
CA GLU C 259 -13.14 -4.38 8.51
C GLU C 259 -12.64 -5.78 8.16
N LYS C 260 -13.46 -6.80 8.46
CA LYS C 260 -13.08 -8.17 8.14
C LYS C 260 -12.96 -8.37 6.63
N THR C 261 -13.95 -7.87 5.88
CA THR C 261 -13.90 -8.00 4.42
C THR C 261 -12.61 -7.40 3.87
N VAL C 262 -12.32 -6.16 4.22
CA VAL C 262 -11.18 -5.45 3.65
C VAL C 262 -9.86 -6.05 4.12
N SER C 263 -9.80 -6.53 5.36
CA SER C 263 -8.57 -7.16 5.85
C SER C 263 -8.30 -8.47 5.10
N ALA C 264 -9.35 -9.28 4.89
CA ALA C 264 -9.19 -10.49 4.09
C ALA C 264 -8.72 -10.16 2.68
N MET C 265 -9.30 -9.12 2.08
CA MET C 265 -8.86 -8.69 0.76
C MET C 265 -7.37 -8.32 0.78
N GLN C 266 -6.95 -7.60 1.82
CA GLN C 266 -5.55 -7.19 1.91
C GLN C 266 -4.63 -8.40 2.00
N HIS C 267 -4.99 -9.38 2.83
CA HIS C 267 -4.20 -10.60 2.91
C HIS C 267 -4.07 -11.25 1.54
N VAL C 268 -5.21 -11.46 0.87
CA VAL C 268 -5.20 -12.12 -0.43
C VAL C 268 -4.30 -11.37 -1.41
N LEU C 269 -4.49 -10.05 -1.51
CA LEU C 269 -3.76 -9.27 -2.51
C LEU C 269 -2.27 -9.23 -2.20
N GLN C 270 -1.90 -9.14 -0.91
CA GLN C 270 -0.49 -9.10 -0.54
C GLN C 270 0.20 -10.42 -0.90
N ARG C 271 -0.42 -11.55 -0.52
CA ARG C 271 0.17 -12.84 -0.87
C ARG C 271 0.26 -12.98 -2.39
N THR C 272 -0.78 -12.55 -3.11
CA THR C 272 -0.76 -12.68 -4.56
C THR C 272 0.36 -11.85 -5.18
N ILE C 273 0.54 -10.61 -4.72
CA ILE C 273 1.57 -9.76 -5.30
C ILE C 273 2.95 -10.34 -5.02
N ARG C 274 3.16 -10.86 -3.81
CA ARG C 274 4.47 -11.43 -3.50
C ARG C 274 4.76 -12.66 -4.37
N CYS C 275 3.79 -13.57 -4.47
CA CYS C 275 4.03 -14.78 -5.27
C CYS C 275 4.19 -14.44 -6.75
N ALA C 276 3.44 -13.45 -7.24
CA ALA C 276 3.53 -13.08 -8.65
C ALA C 276 4.90 -12.50 -8.97
N LYS C 277 5.38 -11.56 -8.14
CA LYS C 277 6.70 -10.99 -8.41
C LYS C 277 7.80 -12.02 -8.21
N ALA C 278 7.58 -13.00 -7.33
CA ALA C 278 8.54 -14.10 -7.24
C ALA C 278 8.59 -14.89 -8.54
N GLU C 279 7.42 -15.23 -9.09
CA GLU C 279 7.39 -15.99 -10.34
C GLU C 279 8.01 -15.20 -11.49
N ALA C 280 7.75 -13.90 -11.55
CA ALA C 280 8.24 -13.11 -12.68
C ALA C 280 9.73 -12.84 -12.60
N GLY C 281 10.27 -12.72 -11.41
CA GLY C 281 11.67 -12.37 -11.24
C GLY C 281 11.86 -10.89 -10.96
N GLU C 282 12.95 -10.55 -10.30
CA GLU C 282 13.20 -9.17 -9.90
C GLU C 282 13.34 -8.27 -11.11
N GLY C 283 12.62 -7.15 -11.10
CA GLY C 283 12.61 -6.22 -12.20
C GLY C 283 11.68 -6.58 -13.35
N GLN C 284 11.00 -7.73 -13.27
CA GLN C 284 10.10 -8.17 -14.33
C GLN C 284 8.66 -7.92 -13.90
N LYS C 285 7.87 -7.34 -14.80
CA LYS C 285 6.48 -7.05 -14.50
C LYS C 285 5.66 -8.34 -14.54
N PRO C 286 4.91 -8.66 -13.48
CA PRO C 286 4.14 -9.92 -13.50
C PRO C 286 3.06 -9.90 -14.57
N SER C 287 2.90 -11.04 -15.23
CA SER C 287 1.89 -11.21 -16.26
C SER C 287 0.52 -11.36 -15.62
N PRO C 288 -0.56 -11.23 -16.42
CA PRO C 288 -1.89 -11.49 -15.85
C PRO C 288 -2.04 -12.87 -15.25
N ALA C 289 -1.46 -13.89 -15.87
CA ALA C 289 -1.55 -15.24 -15.33
C ALA C 289 -0.83 -15.35 -13.99
N GLN C 290 0.26 -14.61 -13.82
CA GLN C 290 0.99 -14.64 -12.55
C GLN C 290 0.26 -13.88 -11.46
N LEU C 291 -0.67 -13.00 -11.81
CA LEU C 291 -1.36 -12.17 -10.85
C LEU C 291 -2.69 -12.75 -10.37
N GLU C 292 -3.03 -13.98 -10.78
CA GLU C 292 -4.25 -14.61 -10.32
C GLU C 292 -4.32 -14.60 -8.80
N LEU C 293 -5.48 -14.23 -8.27
CA LEU C 293 -5.67 -14.20 -6.83
C LEU C 293 -5.31 -15.56 -6.23
N ARG C 294 -4.48 -15.53 -5.18
CA ARG C 294 -4.05 -16.75 -4.50
C ARG C 294 -5.10 -17.08 -3.44
N MET C 295 -6.23 -17.62 -3.91
CA MET C 295 -7.37 -17.86 -3.04
C MET C 295 -7.11 -19.02 -2.10
N VAL C 296 -6.72 -20.18 -2.65
CA VAL C 296 -6.56 -21.37 -1.84
C VAL C 296 -5.51 -21.12 -0.75
N GLN C 297 -4.36 -20.57 -1.11
CA GLN C 297 -3.32 -20.31 -0.14
C GLN C 297 -3.74 -19.28 0.90
N SER C 298 -4.83 -18.56 0.68
CA SER C 298 -5.33 -17.58 1.65
C SER C 298 -6.51 -18.11 2.45
N LYS C 299 -6.86 -19.40 2.31
CA LYS C 299 -8.04 -19.94 2.95
C LYS C 299 -8.22 -19.44 4.38
N ARG C 300 -7.21 -19.68 5.23
CA ARG C 300 -7.35 -19.35 6.64
C ARG C 300 -7.54 -17.85 6.84
N ASP C 301 -6.78 -17.03 6.11
CA ASP C 301 -6.98 -15.59 6.19
C ASP C 301 -8.43 -15.22 5.87
N ILE C 302 -9.08 -15.96 4.96
CA ILE C 302 -10.47 -15.69 4.64
C ILE C 302 -11.37 -16.16 5.78
N GLU C 303 -11.06 -17.32 6.38
CA GLU C 303 -11.91 -17.84 7.44
C GLU C 303 -11.97 -16.90 8.63
N ASP C 304 -10.80 -16.39 9.05
CA ASP C 304 -10.70 -15.53 10.22
C ASP C 304 -9.61 -14.51 9.96
N PRO C 305 -9.93 -13.42 9.25
CA PRO C 305 -8.87 -12.48 8.86
C PRO C 305 -8.29 -11.75 10.05
N GLU C 306 -6.98 -11.65 10.08
CA GLU C 306 -6.33 -10.72 11.00
C GLU C 306 -6.71 -9.30 10.62
N ILE C 307 -7.29 -8.57 11.56
CA ILE C 307 -7.75 -7.21 11.27
C ILE C 307 -6.53 -6.33 11.07
N VAL C 308 -6.30 -5.91 9.81
CA VAL C 308 -5.21 -5.01 9.47
C VAL C 308 -5.71 -3.68 8.95
N VAL C 309 -7.03 -3.46 8.93
CA VAL C 309 -7.62 -2.20 8.55
C VAL C 309 -8.75 -1.89 9.53
N GLN C 310 -8.80 -0.65 9.99
CA GLN C 310 -9.82 -0.20 10.94
C GLN C 310 -10.67 0.87 10.29
N ALA C 311 -12.00 0.69 10.38
CA ALA C 311 -12.94 1.65 9.84
C ALA C 311 -13.28 2.69 10.90
N THR C 312 -13.50 3.92 10.45
CA THR C 312 -13.87 5.03 11.33
C THR C 312 -15.35 5.34 11.13
N VAL C 313 -16.13 5.22 12.20
CA VAL C 313 -17.56 5.51 12.12
C VAL C 313 -17.75 7.02 12.10
N LEU C 314 -18.60 7.49 11.19
CA LEU C 314 -18.84 8.91 11.03
C LEU C 314 -20.22 9.27 11.58
N GLU D 6 1.18 -24.57 -5.35
CA GLU D 6 2.28 -25.49 -5.62
C GLU D 6 1.84 -26.60 -6.58
N CYS D 7 0.63 -27.10 -6.39
CA CYS D 7 0.13 -28.27 -7.10
C CYS D 7 -1.21 -27.94 -7.74
N ARG D 8 -1.25 -27.96 -9.07
CA ARG D 8 -2.43 -27.56 -9.82
C ARG D 8 -3.11 -28.78 -10.44
N VAL D 9 -4.42 -28.87 -10.27
CA VAL D 9 -5.23 -29.97 -10.77
C VAL D 9 -6.16 -29.45 -11.84
N LEU D 10 -6.23 -30.15 -12.97
CA LEU D 10 -7.22 -29.88 -14.00
C LEU D 10 -8.38 -30.85 -13.82
N SER D 11 -9.52 -30.32 -13.37
CA SER D 11 -10.71 -31.11 -13.12
C SER D 11 -11.75 -30.81 -14.19
N ILE D 12 -12.12 -31.83 -14.95
CA ILE D 12 -13.10 -31.71 -16.02
C ILE D 12 -14.31 -32.53 -15.59
N GLN D 13 -15.33 -31.88 -15.05
CA GLN D 13 -16.46 -32.61 -14.48
C GLN D 13 -17.72 -31.75 -14.55
N SER D 14 -18.82 -32.32 -14.09
CA SER D 14 -20.12 -31.68 -14.16
C SER D 14 -20.24 -30.57 -13.12
N HIS D 15 -21.15 -29.64 -13.38
CA HIS D 15 -21.47 -28.57 -12.45
C HIS D 15 -22.98 -28.51 -12.27
N VAL D 16 -23.43 -28.41 -11.02
CA VAL D 16 -24.83 -28.23 -10.70
C VAL D 16 -24.98 -26.92 -9.94
N VAL D 17 -26.08 -26.23 -10.20
CA VAL D 17 -26.38 -25.00 -9.46
C VAL D 17 -26.54 -25.32 -7.98
N ARG D 18 -27.48 -26.20 -7.66
CA ARG D 18 -27.63 -26.72 -6.30
C ARG D 18 -27.04 -28.11 -6.22
N GLY D 19 -26.32 -28.37 -5.13
CA GLY D 19 -25.88 -29.70 -4.78
C GLY D 19 -24.38 -29.88 -4.97
N TYR D 20 -23.96 -31.12 -4.75
CA TYR D 20 -22.53 -31.47 -4.76
C TYR D 20 -22.35 -32.77 -5.54
N VAL D 21 -22.02 -32.62 -6.83
CA VAL D 21 -21.58 -33.72 -7.67
C VAL D 21 -20.56 -33.14 -8.64
N GLY D 22 -19.75 -34.02 -9.21
CA GLY D 22 -18.71 -33.54 -10.12
C GLY D 22 -17.86 -32.49 -9.45
N ASN D 23 -17.64 -31.37 -10.17
CA ASN D 23 -16.74 -30.35 -9.66
C ASN D 23 -17.24 -29.76 -8.34
N ARG D 24 -18.56 -29.62 -8.18
CA ARG D 24 -19.08 -29.09 -6.92
C ARG D 24 -18.62 -29.95 -5.75
N ALA D 25 -18.53 -31.27 -5.96
CA ALA D 25 -18.07 -32.19 -4.92
C ALA D 25 -16.56 -32.34 -4.89
N ALA D 26 -15.85 -31.85 -5.91
CA ALA D 26 -14.40 -32.05 -6.00
C ALA D 26 -13.60 -30.77 -5.79
N MET D 27 -14.04 -29.64 -6.36
CA MET D 27 -13.25 -28.42 -6.26
C MET D 27 -13.10 -27.98 -4.80
N PHE D 28 -14.21 -27.90 -4.08
CA PHE D 28 -14.16 -27.39 -2.70
C PHE D 28 -13.26 -28.24 -1.81
N PRO D 29 -13.39 -29.58 -1.76
CA PRO D 29 -12.44 -30.36 -0.96
C PRO D 29 -10.99 -30.12 -1.37
N LEU D 30 -10.67 -30.32 -2.66
CA LEU D 30 -9.31 -30.09 -3.13
C LEU D 30 -8.83 -28.70 -2.74
N GLN D 31 -9.69 -27.69 -2.86
CA GLN D 31 -9.28 -26.34 -2.52
C GLN D 31 -8.98 -26.21 -1.03
N VAL D 32 -9.79 -26.86 -0.18
CA VAL D 32 -9.54 -26.74 1.26
C VAL D 32 -8.34 -27.59 1.67
N LEU D 33 -7.99 -28.60 0.88
CA LEU D 33 -6.83 -29.43 1.15
C LEU D 33 -5.54 -28.85 0.56
N GLY D 34 -5.61 -27.66 -0.04
CA GLY D 34 -4.42 -26.95 -0.46
C GLY D 34 -4.06 -27.02 -1.93
N PHE D 35 -4.96 -27.52 -2.78
CA PHE D 35 -4.66 -27.71 -4.19
C PHE D 35 -5.33 -26.63 -5.03
N GLU D 36 -4.55 -26.03 -5.93
CA GLU D 36 -5.12 -25.15 -6.94
C GLU D 36 -5.89 -25.99 -7.95
N VAL D 37 -7.02 -25.46 -8.43
CA VAL D 37 -7.92 -26.21 -9.28
C VAL D 37 -8.33 -25.34 -10.47
N ASP D 38 -8.03 -25.82 -11.68
CA ASP D 38 -8.64 -25.31 -12.91
C ASP D 38 -9.77 -26.24 -13.28
N ALA D 39 -10.99 -25.71 -13.36
CA ALA D 39 -12.18 -26.54 -13.48
C ALA D 39 -12.92 -26.25 -14.78
N VAL D 40 -13.04 -27.27 -15.62
CA VAL D 40 -13.91 -27.23 -16.79
C VAL D 40 -15.23 -27.90 -16.42
N ASN D 41 -16.31 -27.11 -16.43
CA ASN D 41 -17.64 -27.62 -16.13
C ASN D 41 -18.20 -28.27 -17.39
N SER D 42 -18.25 -29.60 -17.38
CA SER D 42 -18.72 -30.34 -18.54
C SER D 42 -20.20 -30.15 -18.79
N VAL D 43 -20.97 -29.77 -17.76
CA VAL D 43 -22.39 -29.44 -17.90
C VAL D 43 -22.73 -28.41 -16.84
N GLN D 44 -23.89 -27.76 -17.02
CA GLN D 44 -24.46 -26.90 -15.99
C GLN D 44 -25.94 -27.26 -15.86
N PHE D 45 -26.29 -27.99 -14.80
CA PHE D 45 -27.66 -28.38 -14.51
C PHE D 45 -28.12 -27.70 -13.23
N SER D 46 -29.43 -27.53 -13.09
CA SER D 46 -29.97 -26.95 -11.86
C SER D 46 -29.68 -27.84 -10.66
N ASN D 47 -29.60 -29.15 -10.86
CA ASN D 47 -29.39 -30.11 -9.78
C ASN D 47 -29.07 -31.45 -10.42
N HIS D 48 -28.75 -32.44 -9.59
CA HIS D 48 -28.43 -33.75 -10.14
C HIS D 48 -29.71 -34.51 -10.48
N THR D 49 -29.56 -35.52 -11.34
CA THR D 49 -30.69 -36.22 -11.94
C THR D 49 -31.49 -37.05 -10.96
N GLY D 50 -31.06 -37.14 -9.69
CA GLY D 50 -31.86 -37.82 -8.69
C GLY D 50 -33.10 -37.06 -8.27
N TYR D 51 -33.17 -35.77 -8.59
CA TYR D 51 -34.37 -35.00 -8.33
C TYR D 51 -35.48 -35.41 -9.30
N ALA D 52 -36.71 -35.00 -8.98
CA ALA D 52 -37.83 -35.27 -9.87
C ALA D 52 -37.67 -34.51 -11.19
N HIS D 53 -37.05 -33.34 -11.14
CA HIS D 53 -36.77 -32.56 -12.35
C HIS D 53 -35.30 -32.14 -12.35
N TRP D 54 -34.79 -31.88 -13.54
CA TRP D 54 -33.47 -31.30 -13.73
C TRP D 54 -33.41 -30.67 -15.12
N LYS D 55 -32.97 -29.42 -15.18
CA LYS D 55 -32.83 -28.70 -16.43
C LYS D 55 -31.45 -28.07 -16.49
N GLY D 56 -30.91 -27.95 -17.70
CA GLY D 56 -29.64 -27.29 -17.87
C GLY D 56 -29.10 -27.48 -19.27
N GLN D 57 -27.80 -27.23 -19.41
CA GLN D 57 -27.12 -27.30 -20.69
C GLN D 57 -25.88 -28.18 -20.56
N VAL D 58 -25.47 -28.77 -21.68
CA VAL D 58 -24.33 -29.67 -21.73
C VAL D 58 -23.24 -29.01 -22.56
N LEU D 59 -21.99 -29.19 -22.13
CA LEU D 59 -20.85 -28.63 -22.86
C LEU D 59 -20.48 -29.55 -24.01
N LYS D 60 -20.35 -29.01 -25.21
CA LYS D 60 -19.99 -29.81 -26.32
C LYS D 60 -18.49 -29.96 -26.35
N SER D 61 -18.01 -30.96 -27.04
CA SER D 61 -16.59 -31.23 -27.16
C SER D 61 -15.82 -30.09 -27.79
N GLN D 62 -16.41 -29.46 -28.78
CA GLN D 62 -15.80 -28.35 -29.41
C GLN D 62 -15.60 -27.23 -28.43
N GLU D 63 -16.55 -26.96 -27.56
CA GLU D 63 -16.41 -25.93 -26.57
C GLU D 63 -15.30 -26.25 -25.58
N LEU D 64 -15.16 -27.51 -25.23
CA LEU D 64 -14.10 -27.99 -24.38
C LEU D 64 -12.77 -27.77 -25.02
N HIS D 65 -12.69 -28.03 -26.31
CA HIS D 65 -11.50 -27.83 -27.03
C HIS D 65 -11.10 -26.41 -27.06
N GLU D 66 -12.06 -25.53 -27.23
CA GLU D 66 -11.78 -24.13 -27.27
C GLU D 66 -11.25 -23.68 -25.96
N LEU D 67 -11.85 -24.11 -24.88
CA LEU D 67 -11.35 -23.73 -23.56
C LEU D 67 -9.90 -24.15 -23.37
N TYR D 68 -9.59 -25.40 -23.71
CA TYR D 68 -8.20 -25.86 -23.57
C TYR D 68 -7.27 -25.06 -24.47
N GLU D 69 -7.74 -24.69 -25.66
CA GLU D 69 -6.90 -23.89 -26.56
C GLU D 69 -6.67 -22.50 -25.99
N GLY D 70 -7.69 -21.93 -25.33
CA GLY D 70 -7.48 -20.67 -24.64
C GLY D 70 -6.43 -20.78 -23.56
N LEU D 71 -6.45 -21.88 -22.80
CA LEU D 71 -5.41 -22.09 -21.80
C LEU D 71 -4.03 -22.22 -22.47
N LYS D 72 -3.96 -22.99 -23.56
CA LYS D 72 -2.67 -23.26 -24.19
C LYS D 72 -2.06 -22.00 -24.79
N VAL D 73 -2.84 -21.23 -25.55
CA VAL D 73 -2.31 -20.04 -26.20
C VAL D 73 -1.77 -19.05 -25.18
N ASN D 74 -2.26 -19.11 -23.94
CA ASN D 74 -1.72 -18.30 -22.85
C ASN D 74 -0.61 -19.02 -22.09
N ASP D 75 -0.20 -20.21 -22.55
CA ASP D 75 0.88 -20.96 -21.93
C ASP D 75 0.59 -21.23 -20.45
N VAL D 76 -0.69 -21.44 -20.13
CA VAL D 76 -1.09 -21.75 -18.77
C VAL D 76 -1.79 -23.10 -18.74
N ASN D 77 -1.44 -23.97 -19.70
CA ASN D 77 -1.91 -25.35 -19.74
C ASN D 77 -0.94 -26.31 -19.06
N LYS D 78 -0.38 -25.92 -17.92
CA LYS D 78 0.62 -26.71 -17.22
C LYS D 78 0.03 -27.20 -15.90
N TYR D 79 0.01 -28.52 -15.71
CA TYR D 79 -0.67 -29.10 -14.57
C TYR D 79 0.18 -30.20 -13.94
N ASP D 80 0.03 -30.35 -12.63
CA ASP D 80 0.63 -31.46 -11.90
C ASP D 80 -0.29 -32.66 -11.79
N TYR D 81 -1.60 -32.43 -11.90
CA TYR D 81 -2.58 -33.50 -11.83
C TYR D 81 -3.66 -33.25 -12.88
N VAL D 82 -4.41 -34.31 -13.18
CA VAL D 82 -5.64 -34.22 -13.94
C VAL D 82 -6.66 -35.13 -13.26
N LEU D 83 -7.90 -34.67 -13.20
CA LEU D 83 -8.95 -35.35 -12.46
C LEU D 83 -10.24 -35.33 -13.27
N THR D 84 -10.86 -36.49 -13.43
CA THR D 84 -12.13 -36.59 -14.13
C THR D 84 -13.00 -37.64 -13.45
N GLY D 85 -14.30 -37.57 -13.76
CA GLY D 85 -15.26 -38.51 -13.22
C GLY D 85 -16.27 -38.91 -14.28
N TYR D 86 -17.54 -38.57 -14.05
CA TYR D 86 -18.58 -39.00 -14.96
C TYR D 86 -18.51 -38.22 -16.27
N THR D 87 -18.43 -38.95 -17.38
CA THR D 87 -18.49 -38.39 -18.72
C THR D 87 -19.52 -39.18 -19.52
N ARG D 88 -20.33 -38.47 -20.29
CA ARG D 88 -21.46 -39.08 -20.98
C ARG D 88 -21.31 -39.17 -22.48
N ASP D 89 -20.32 -38.49 -23.08
CA ASP D 89 -20.16 -38.46 -24.53
C ASP D 89 -18.77 -38.96 -24.90
N LYS D 90 -18.72 -39.85 -25.90
CA LYS D 90 -17.45 -40.42 -26.34
C LYS D 90 -16.48 -39.35 -26.81
N SER D 91 -16.97 -38.35 -27.55
CA SER D 91 -16.11 -37.29 -28.05
C SER D 91 -15.44 -36.54 -26.90
N PHE D 92 -16.22 -36.22 -25.86
CA PHE D 92 -15.67 -35.49 -24.72
C PHE D 92 -14.55 -36.27 -24.05
N LEU D 93 -14.77 -37.57 -23.84
CA LEU D 93 -13.76 -38.40 -23.19
C LEU D 93 -12.51 -38.53 -24.05
N ALA D 94 -12.67 -38.64 -25.38
CA ALA D 94 -11.51 -38.69 -26.25
C ALA D 94 -10.73 -37.38 -26.22
N MET D 95 -11.42 -36.29 -26.17
CA MET D 95 -10.78 -35.03 -26.10
C MET D 95 -10.03 -34.93 -24.77
N VAL D 96 -10.58 -35.44 -23.68
CA VAL D 96 -9.90 -35.45 -22.39
C VAL D 96 -8.63 -36.30 -22.47
N VAL D 97 -8.70 -37.44 -23.15
CA VAL D 97 -7.51 -38.29 -23.26
C VAL D 97 -6.42 -37.57 -24.06
N ASP D 98 -6.80 -36.89 -25.15
CA ASP D 98 -5.82 -36.12 -25.91
C ASP D 98 -5.16 -35.07 -25.02
N ILE D 99 -5.97 -34.36 -24.22
CA ILE D 99 -5.42 -33.35 -23.32
C ILE D 99 -4.44 -33.98 -22.35
N VAL D 100 -4.81 -35.13 -21.78
CA VAL D 100 -3.93 -35.79 -20.81
C VAL D 100 -2.61 -36.18 -21.48
N ARG D 101 -2.68 -36.70 -22.70
CA ARG D 101 -1.46 -37.13 -23.38
C ARG D 101 -0.55 -35.94 -23.66
N GLU D 102 -1.11 -34.84 -24.14
CA GLU D 102 -0.30 -33.65 -24.38
C GLU D 102 0.34 -33.15 -23.09
N LEU D 103 -0.46 -33.08 -22.01
CA LEU D 103 0.09 -32.58 -20.74
C LEU D 103 1.18 -33.49 -20.21
N LYS D 104 1.00 -34.82 -20.33
CA LYS D 104 2.00 -35.76 -19.84
C LYS D 104 3.26 -35.73 -20.68
N GLN D 105 3.13 -35.42 -21.98
CA GLN D 105 4.32 -35.16 -22.77
C GLN D 105 5.01 -33.88 -22.30
N GLN D 106 4.24 -32.91 -21.79
CA GLN D 106 4.84 -31.69 -21.27
C GLN D 106 5.38 -31.86 -19.85
N ASN D 107 4.81 -32.79 -19.07
CA ASN D 107 5.27 -33.06 -17.72
C ASN D 107 5.18 -34.56 -17.49
N SER D 108 6.34 -35.23 -17.42
CA SER D 108 6.34 -36.69 -17.29
C SER D 108 5.90 -37.17 -15.92
N ARG D 109 5.94 -36.31 -14.90
CA ARG D 109 5.50 -36.68 -13.56
C ARG D 109 4.03 -36.44 -13.33
N LEU D 110 3.29 -35.98 -14.34
CA LEU D 110 1.88 -35.66 -14.16
C LEU D 110 1.08 -36.92 -13.81
N VAL D 111 0.17 -36.78 -12.85
CA VAL D 111 -0.64 -37.88 -12.34
C VAL D 111 -2.08 -37.64 -12.78
N TYR D 112 -2.62 -38.59 -13.54
CA TYR D 112 -4.01 -38.54 -14.00
C TYR D 112 -4.86 -39.39 -13.06
N VAL D 113 -5.71 -38.74 -12.27
CA VAL D 113 -6.66 -39.43 -11.40
C VAL D 113 -7.98 -39.53 -12.13
N CYS D 114 -8.51 -40.75 -12.25
CA CYS D 114 -9.70 -41.00 -13.05
C CYS D 114 -10.65 -41.90 -12.29
N ASP D 115 -11.87 -41.41 -12.07
CA ASP D 115 -12.95 -42.27 -11.61
C ASP D 115 -13.70 -42.76 -12.84
N PRO D 116 -13.44 -43.98 -13.32
CA PRO D 116 -14.11 -44.45 -14.54
C PRO D 116 -15.58 -44.74 -14.30
N VAL D 117 -16.38 -43.67 -14.18
CA VAL D 117 -17.79 -43.80 -13.81
C VAL D 117 -18.56 -44.41 -14.98
N MET D 118 -19.19 -45.56 -14.73
CA MET D 118 -19.95 -46.22 -15.79
C MET D 118 -21.22 -46.89 -15.27
N GLY D 119 -21.18 -47.44 -14.06
CA GLY D 119 -22.38 -48.01 -13.49
C GLY D 119 -22.08 -48.77 -12.20
N ASP D 120 -23.11 -49.46 -11.72
CA ASP D 120 -23.04 -50.32 -10.55
C ASP D 120 -24.32 -51.13 -10.49
N LYS D 121 -24.53 -51.84 -9.38
CA LYS D 121 -25.71 -52.68 -9.22
C LYS D 121 -25.58 -53.52 -7.95
N TYR D 129 -25.02 -47.28 -16.55
CA TYR D 129 -25.84 -46.09 -16.45
C TYR D 129 -25.30 -44.98 -17.36
N VAL D 130 -24.50 -45.37 -18.34
CA VAL D 130 -23.94 -44.42 -19.30
C VAL D 130 -23.96 -45.06 -20.69
N PRO D 131 -23.82 -44.26 -21.73
CA PRO D 131 -23.77 -44.82 -23.09
C PRO D 131 -22.72 -45.90 -23.20
N GLN D 132 -23.11 -47.04 -23.78
CA GLN D 132 -22.22 -48.19 -23.83
C GLN D 132 -20.91 -47.86 -24.53
N ASP D 133 -20.96 -47.02 -25.57
CA ASP D 133 -19.78 -46.78 -26.38
C ASP D 133 -18.62 -46.17 -25.61
N LEU D 134 -18.81 -45.81 -24.34
CA LEU D 134 -17.73 -45.26 -23.54
C LEU D 134 -16.90 -46.33 -22.83
N LEU D 135 -17.42 -47.53 -22.63
CA LEU D 135 -16.62 -48.56 -21.98
C LEU D 135 -15.34 -48.83 -22.74
N PRO D 136 -15.36 -49.05 -24.06
CA PRO D 136 -14.08 -49.20 -24.78
C PRO D 136 -13.13 -48.03 -24.53
N VAL D 137 -13.63 -46.80 -24.61
CA VAL D 137 -12.77 -45.64 -24.46
C VAL D 137 -12.06 -45.66 -23.11
N TYR D 138 -12.78 -45.99 -22.05
CA TYR D 138 -12.15 -46.07 -20.73
C TYR D 138 -11.10 -47.17 -20.70
N ARG D 139 -11.36 -48.29 -21.39
CA ARG D 139 -10.48 -49.44 -21.27
C ARG D 139 -9.23 -49.31 -22.11
N ASP D 140 -9.37 -48.85 -23.36
CA ASP D 140 -8.28 -48.85 -24.31
C ASP D 140 -7.60 -47.49 -24.47
N LYS D 141 -8.20 -46.42 -23.95
CA LYS D 141 -7.66 -45.08 -24.15
C LYS D 141 -7.41 -44.34 -22.84
N VAL D 142 -8.38 -44.35 -21.93
CA VAL D 142 -8.29 -43.50 -20.74
C VAL D 142 -7.40 -44.15 -19.68
N VAL D 143 -7.80 -45.34 -19.21
CA VAL D 143 -7.04 -46.00 -18.14
C VAL D 143 -5.58 -46.21 -18.53
N PRO D 144 -5.25 -46.52 -19.78
CA PRO D 144 -3.82 -46.64 -20.14
C PRO D 144 -2.97 -45.43 -19.79
N VAL D 145 -3.55 -44.22 -19.79
CA VAL D 145 -2.83 -43.02 -19.41
C VAL D 145 -3.19 -42.56 -18.01
N ALA D 146 -3.99 -43.34 -17.28
CA ALA D 146 -4.34 -43.02 -15.91
C ALA D 146 -3.29 -43.54 -14.95
N ASP D 147 -3.08 -42.80 -13.87
CA ASP D 147 -2.14 -43.16 -12.82
C ASP D 147 -2.81 -43.62 -11.54
N ILE D 148 -4.00 -43.11 -11.25
CA ILE D 148 -4.79 -43.53 -10.09
C ILE D 148 -6.24 -43.66 -10.55
N ILE D 149 -6.84 -44.82 -10.34
CA ILE D 149 -8.23 -45.06 -10.69
C ILE D 149 -8.98 -45.53 -9.46
N THR D 150 -10.23 -45.10 -9.33
CA THR D 150 -11.09 -45.44 -8.20
C THR D 150 -12.39 -46.08 -8.69
N PRO D 151 -12.29 -47.18 -9.42
CA PRO D 151 -13.51 -47.85 -9.88
C PRO D 151 -14.21 -48.54 -8.72
N ASN D 152 -15.52 -48.71 -8.87
CA ASN D 152 -16.24 -49.64 -8.01
C ASN D 152 -15.97 -51.05 -8.49
N GLN D 153 -16.51 -52.05 -7.83
CA GLN D 153 -16.32 -53.40 -8.28
C GLN D 153 -16.86 -53.62 -9.67
N PHE D 154 -18.02 -53.10 -9.94
CA PHE D 154 -18.60 -53.28 -11.27
C PHE D 154 -17.72 -52.71 -12.36
N GLU D 155 -17.19 -51.50 -12.14
CA GLU D 155 -16.34 -50.88 -13.15
C GLU D 155 -15.00 -51.61 -13.28
N ALA D 156 -14.46 -52.11 -12.16
CA ALA D 156 -13.25 -52.92 -12.24
C ALA D 156 -13.48 -54.17 -13.08
N GLU D 157 -14.62 -54.82 -12.88
CA GLU D 157 -14.97 -55.99 -13.67
C GLU D 157 -15.10 -55.63 -15.14
N LEU D 158 -15.82 -54.55 -15.44
CA LEU D 158 -16.00 -54.14 -16.83
C LEU D 158 -14.66 -53.85 -17.51
N LEU D 159 -13.75 -53.16 -16.82
CA LEU D 159 -12.47 -52.82 -17.43
C LEU D 159 -11.59 -54.05 -17.57
N SER D 160 -11.64 -54.97 -16.60
CA SER D 160 -10.80 -56.15 -16.67
C SER D 160 -11.41 -57.24 -17.54
N GLY D 161 -12.73 -57.26 -17.69
CA GLY D 161 -13.41 -58.35 -18.34
C GLY D 161 -13.60 -59.58 -17.47
N ARG D 162 -13.21 -59.52 -16.19
CA ARG D 162 -13.32 -60.64 -15.28
C ARG D 162 -14.28 -60.29 -14.15
N LYS D 163 -15.13 -61.25 -13.79
CA LYS D 163 -16.01 -61.07 -12.64
C LYS D 163 -15.27 -61.42 -11.35
N ILE D 164 -15.56 -60.70 -10.29
CA ILE D 164 -14.91 -60.88 -9.04
C ILE D 164 -15.87 -61.56 -8.07
N HIS D 165 -15.46 -62.69 -7.49
CA HIS D 165 -16.23 -63.41 -6.51
C HIS D 165 -15.51 -63.61 -5.18
N SER D 166 -14.25 -63.21 -5.09
CA SER D 166 -13.46 -63.37 -3.87
C SER D 166 -12.43 -62.25 -3.81
N GLN D 167 -11.86 -62.05 -2.63
CA GLN D 167 -10.82 -61.03 -2.48
C GLN D 167 -9.61 -61.37 -3.35
N GLU D 168 -9.29 -62.66 -3.48
CA GLU D 168 -8.18 -63.06 -4.34
C GLU D 168 -8.42 -62.59 -5.77
N GLU D 169 -9.62 -62.87 -6.30
CA GLU D 169 -9.95 -62.45 -7.65
C GLU D 169 -10.02 -60.93 -7.76
N ALA D 170 -10.47 -60.25 -6.70
CA ALA D 170 -10.46 -58.78 -6.72
C ALA D 170 -9.04 -58.26 -6.91
N PHE D 171 -8.08 -58.82 -6.16
CA PHE D 171 -6.70 -58.35 -6.28
C PHE D 171 -6.07 -58.78 -7.60
N GLU D 172 -6.49 -59.93 -8.15
CA GLU D 172 -6.01 -60.30 -9.48
C GLU D 172 -6.50 -59.33 -10.54
N VAL D 173 -7.76 -58.91 -10.43
CA VAL D 173 -8.29 -57.90 -11.35
C VAL D 173 -7.57 -56.57 -11.17
N MET D 174 -7.28 -56.21 -9.91
CA MET D 174 -6.53 -54.99 -9.66
C MET D 174 -5.13 -55.07 -10.24
N ASP D 175 -4.53 -56.26 -10.23
CA ASP D 175 -3.24 -56.46 -10.89
C ASP D 175 -3.36 -56.30 -12.40
N MET D 176 -4.42 -56.85 -12.98
CA MET D 176 -4.67 -56.64 -14.41
C MET D 176 -4.80 -55.15 -14.74
N LEU D 177 -5.54 -54.41 -13.90
CA LEU D 177 -5.68 -52.97 -14.11
C LEU D 177 -4.34 -52.27 -13.97
N HIS D 178 -3.53 -52.66 -12.98
CA HIS D 178 -2.16 -52.16 -12.89
C HIS D 178 -1.44 -52.34 -14.22
N CYS D 179 -1.52 -53.54 -14.78
CA CYS D 179 -0.86 -53.80 -16.06
C CYS D 179 -1.40 -52.89 -17.15
N MET D 180 -2.70 -52.58 -17.11
CA MET D 180 -3.28 -51.71 -18.13
C MET D 180 -2.75 -50.27 -18.05
N GLY D 181 -2.25 -49.84 -16.90
CA GLY D 181 -1.67 -48.52 -16.80
C GLY D 181 -1.44 -48.01 -15.39
N PRO D 182 -2.53 -47.74 -14.66
CA PRO D 182 -2.40 -47.01 -13.39
C PRO D 182 -1.61 -47.81 -12.35
N ASP D 183 -0.64 -47.14 -11.73
CA ASP D 183 0.15 -47.77 -10.68
C ASP D 183 -0.61 -47.89 -9.37
N THR D 184 -1.74 -47.19 -9.22
CA THR D 184 -2.56 -47.28 -8.02
C THR D 184 -3.99 -47.57 -8.41
N VAL D 185 -4.61 -48.53 -7.73
CA VAL D 185 -5.97 -48.97 -8.02
C VAL D 185 -6.70 -49.17 -6.70
N VAL D 186 -7.84 -48.51 -6.55
CA VAL D 186 -8.68 -48.62 -5.37
C VAL D 186 -10.08 -49.03 -5.80
N ILE D 187 -10.50 -50.22 -5.41
CA ILE D 187 -11.90 -50.62 -5.54
C ILE D 187 -12.63 -50.08 -4.32
N THR D 188 -13.48 -49.08 -4.51
CA THR D 188 -14.16 -48.40 -3.43
C THR D 188 -15.33 -49.09 -2.79
N SER D 189 -16.13 -49.81 -3.56
CA SER D 189 -17.27 -50.50 -3.02
C SER D 189 -17.29 -51.86 -3.59
N SER D 190 -17.66 -52.85 -2.81
CA SER D 190 -17.66 -54.17 -3.30
C SER D 190 -18.67 -55.01 -2.61
N ASP D 191 -18.94 -56.17 -3.17
CA ASP D 191 -19.90 -57.13 -2.62
C ASP D 191 -19.24 -58.22 -1.84
N LEU D 192 -17.94 -58.11 -1.58
CA LEU D 192 -17.22 -59.13 -0.84
C LEU D 192 -17.72 -59.25 0.60
N PRO D 193 -17.78 -60.48 1.13
CA PRO D 193 -18.28 -60.69 2.49
C PRO D 193 -17.31 -60.29 3.61
N SER D 194 -17.79 -59.52 4.58
CA SER D 194 -16.98 -59.01 5.68
C SER D 194 -17.17 -59.87 6.92
N SER D 195 -16.14 -59.90 7.76
CA SER D 195 -16.22 -60.61 9.02
C SER D 195 -17.20 -59.98 9.99
N GLN D 196 -17.50 -58.69 9.83
CA GLN D 196 -18.37 -57.96 10.74
C GLN D 196 -19.85 -58.11 10.40
N GLY D 197 -20.19 -58.64 9.24
CA GLY D 197 -21.56 -58.80 8.82
C GLY D 197 -21.79 -58.20 7.45
N SER D 198 -23.05 -58.20 6.99
CA SER D 198 -23.42 -57.67 5.71
C SER D 198 -23.54 -56.17 5.76
N ASP D 199 -23.64 -55.61 6.95
CA ASP D 199 -23.74 -54.17 7.10
C ASP D 199 -22.47 -53.40 6.80
N TYR D 200 -21.32 -54.05 6.70
CA TYR D 200 -20.08 -53.44 6.34
C TYR D 200 -19.75 -53.69 4.87
N LEU D 201 -19.05 -52.75 4.25
CA LEU D 201 -18.67 -52.87 2.88
C LEU D 201 -17.16 -52.97 2.87
N ILE D 202 -16.62 -53.65 1.88
CA ILE D 202 -15.20 -53.88 1.83
C ILE D 202 -14.55 -53.07 0.74
N ALA D 203 -13.44 -52.42 0.99
CA ALA D 203 -12.77 -51.77 -0.08
C ALA D 203 -11.34 -52.24 -0.04
N LEU D 204 -10.73 -52.41 -1.18
CA LEU D 204 -9.36 -52.84 -1.22
C LEU D 204 -8.59 -51.84 -2.00
N GLY D 205 -7.23 -51.79 -1.91
CA GLY D 205 -6.27 -50.89 -2.52
C GLY D 205 -4.99 -51.61 -2.91
N SER D 206 -4.39 -51.22 -4.03
CA SER D 206 -3.18 -51.85 -4.54
C SER D 206 -2.32 -50.80 -5.20
N GLN D 207 -1.03 -50.77 -4.85
CA GLN D 207 -0.09 -49.83 -5.44
C GLN D 207 1.18 -50.57 -5.79
N ARG D 208 1.57 -50.51 -7.06
CA ARG D 208 2.82 -51.09 -7.52
C ARG D 208 3.86 -49.98 -7.62
N MET D 209 4.89 -50.06 -6.79
CA MET D 209 5.94 -49.05 -6.75
C MET D 209 7.27 -49.69 -7.15
N ARG D 210 8.03 -48.97 -7.96
CA ARG D 210 9.31 -49.46 -8.48
C ARG D 210 10.40 -49.07 -7.49
N LYS D 211 10.96 -50.06 -6.81
CA LYS D 211 12.07 -49.80 -5.91
C LYS D 211 13.26 -49.26 -6.72
N PRO D 212 14.14 -48.47 -6.08
CA PRO D 212 15.34 -48.00 -6.80
C PRO D 212 16.22 -49.14 -7.28
N ASP D 213 16.12 -50.31 -6.64
CA ASP D 213 16.77 -51.52 -7.13
C ASP D 213 16.43 -51.83 -8.57
N GLY D 214 15.36 -51.22 -9.11
CA GLY D 214 14.77 -51.65 -10.35
C GLY D 214 13.67 -52.66 -10.18
N SER D 215 13.54 -53.25 -8.99
CA SER D 215 12.46 -54.17 -8.69
C SER D 215 11.16 -53.41 -8.44
N THR D 216 10.04 -54.12 -8.57
CA THR D 216 8.71 -53.55 -8.39
C THR D 216 7.96 -54.38 -7.34
N VAL D 217 7.26 -53.68 -6.45
CA VAL D 217 6.58 -54.32 -5.32
C VAL D 217 5.14 -53.84 -5.26
N THR D 218 4.24 -54.74 -4.88
CA THR D 218 2.81 -54.45 -4.76
C THR D 218 2.43 -54.35 -3.29
N GLN D 219 2.04 -53.16 -2.85
CA GLN D 219 1.43 -52.96 -1.54
C GLN D 219 -0.08 -53.11 -1.68
N ARG D 220 -0.67 -53.96 -0.83
CA ARG D 220 -2.10 -54.23 -0.89
C ARG D 220 -2.73 -54.00 0.46
N ILE D 221 -3.94 -53.44 0.47
CA ILE D 221 -4.62 -53.08 1.71
C ILE D 221 -6.11 -53.41 1.59
N ARG D 222 -6.73 -53.66 2.73
CA ARG D 222 -8.15 -53.95 2.81
C ARG D 222 -8.86 -53.07 3.85
N MET D 223 -10.00 -52.50 3.50
CA MET D 223 -10.72 -51.63 4.41
C MET D 223 -12.16 -52.01 4.58
N GLU D 224 -12.66 -51.99 5.80
CA GLU D 224 -14.01 -52.32 6.03
C GLU D 224 -14.70 -51.11 6.57
N MET D 225 -15.77 -50.64 5.93
CA MET D 225 -16.47 -49.48 6.41
C MET D 225 -17.89 -49.87 6.66
N ARG D 226 -18.53 -49.27 7.65
CA ARG D 226 -19.89 -49.57 7.93
C ARG D 226 -20.74 -48.94 6.88
N LYS D 227 -21.86 -49.54 6.52
CA LYS D 227 -22.72 -48.91 5.50
C LYS D 227 -23.75 -47.97 6.05
N VAL D 228 -24.13 -46.98 5.26
CA VAL D 228 -25.11 -46.05 5.69
C VAL D 228 -26.27 -46.36 4.82
N GLU D 229 -27.45 -46.47 5.41
CA GLU D 229 -28.64 -46.85 4.66
C GLU D 229 -29.30 -45.59 4.11
N ALA D 230 -28.72 -45.06 3.04
CA ALA D 230 -29.29 -43.91 2.35
C ALA D 230 -28.61 -43.75 1.00
N VAL D 231 -29.35 -43.19 0.04
CA VAL D 231 -28.86 -43.00 -1.32
C VAL D 231 -28.22 -41.62 -1.42
N PHE D 232 -26.91 -41.58 -1.61
CA PHE D 232 -26.16 -40.34 -1.73
C PHE D 232 -25.58 -40.20 -3.13
N VAL D 233 -25.51 -38.96 -3.61
CA VAL D 233 -24.98 -38.64 -4.92
C VAL D 233 -23.70 -37.80 -4.73
N GLY D 234 -22.72 -38.06 -5.58
CA GLY D 234 -21.46 -37.34 -5.52
C GLY D 234 -20.38 -38.00 -4.69
N THR D 235 -20.67 -39.14 -4.05
CA THR D 235 -19.68 -39.77 -3.18
C THR D 235 -18.42 -40.15 -3.94
N GLY D 236 -18.56 -40.70 -5.15
CA GLY D 236 -17.38 -41.10 -5.90
C GLY D 236 -16.46 -39.93 -6.23
N ASP D 237 -17.06 -38.79 -6.59
CA ASP D 237 -16.25 -37.63 -6.96
C ASP D 237 -15.46 -37.10 -5.76
N LEU D 238 -16.16 -36.91 -4.63
CA LEU D 238 -15.47 -36.51 -3.41
C LEU D 238 -14.37 -37.49 -3.04
N PHE D 239 -14.66 -38.79 -3.14
CA PHE D 239 -13.68 -39.79 -2.76
C PHE D 239 -12.43 -39.68 -3.63
N ALA D 240 -12.62 -39.58 -4.94
CA ALA D 240 -11.45 -39.49 -5.83
C ALA D 240 -10.64 -38.23 -5.56
N ALA D 241 -11.32 -37.10 -5.32
CA ALA D 241 -10.61 -35.87 -5.04
C ALA D 241 -9.76 -36.00 -3.77
N MET D 242 -10.36 -36.50 -2.69
CA MET D 242 -9.61 -36.60 -1.44
C MET D 242 -8.51 -37.64 -1.53
N LEU D 243 -8.71 -38.71 -2.31
CA LEU D 243 -7.64 -39.67 -2.52
C LEU D 243 -6.48 -39.03 -3.27
N LEU D 244 -6.79 -38.20 -4.28
CA LEU D 244 -5.73 -37.45 -4.94
C LEU D 244 -4.90 -36.69 -3.92
N ALA D 245 -5.58 -35.91 -3.07
CA ALA D 245 -4.86 -35.09 -2.10
C ALA D 245 -3.99 -35.96 -1.18
N TRP D 246 -4.58 -37.00 -0.59
CA TRP D 246 -3.87 -37.75 0.44
C TRP D 246 -2.77 -38.62 -0.15
N THR D 247 -2.91 -39.07 -1.41
CA THR D 247 -1.80 -39.76 -2.05
C THR D 247 -0.70 -38.78 -2.43
N HIS D 248 -1.05 -37.51 -2.70
CA HIS D 248 -0.01 -36.51 -2.90
C HIS D 248 0.79 -36.32 -1.61
N LYS D 249 0.11 -36.30 -0.46
CA LYS D 249 0.84 -36.16 0.80
C LYS D 249 1.66 -37.40 1.10
N HIS D 250 1.12 -38.59 0.85
CA HIS D 250 1.76 -39.86 1.19
C HIS D 250 1.95 -40.68 -0.09
N PRO D 251 2.87 -40.27 -0.96
CA PRO D 251 3.00 -40.93 -2.27
C PRO D 251 3.37 -42.40 -2.18
N ASP D 252 3.91 -42.86 -1.05
CA ASP D 252 4.42 -44.22 -0.93
C ASP D 252 3.75 -45.01 0.19
N ASN D 253 2.66 -44.50 0.77
CA ASN D 253 1.95 -45.18 1.86
C ASN D 253 0.46 -45.13 1.53
N LEU D 254 0.02 -46.09 0.72
CA LEU D 254 -1.40 -46.15 0.37
C LEU D 254 -2.28 -46.38 1.58
N LYS D 255 -1.76 -47.06 2.60
CA LYS D 255 -2.57 -47.35 3.78
C LYS D 255 -3.13 -46.08 4.40
N VAL D 256 -2.25 -45.13 4.74
CA VAL D 256 -2.68 -43.93 5.43
C VAL D 256 -3.54 -43.05 4.52
N ALA D 257 -3.15 -42.95 3.24
CA ALA D 257 -3.95 -42.16 2.31
C ALA D 257 -5.38 -42.66 2.26
N CYS D 258 -5.56 -43.97 2.11
CA CYS D 258 -6.90 -44.52 2.05
C CYS D 258 -7.61 -44.41 3.39
N GLU D 259 -6.89 -44.60 4.50
CA GLU D 259 -7.49 -44.43 5.82
C GLU D 259 -8.09 -43.03 5.96
N LYS D 260 -7.32 -42.01 5.61
CA LYS D 260 -7.79 -40.63 5.73
C LYS D 260 -8.96 -40.37 4.79
N THR D 261 -8.85 -40.81 3.53
CA THR D 261 -9.94 -40.58 2.58
C THR D 261 -11.24 -41.22 3.08
N VAL D 262 -11.17 -42.49 3.49
CA VAL D 262 -12.39 -43.19 3.90
C VAL D 262 -12.95 -42.61 5.19
N SER D 263 -12.08 -42.19 6.11
CA SER D 263 -12.55 -41.61 7.36
C SER D 263 -13.25 -40.27 7.11
N ALA D 264 -12.68 -39.44 6.24
CA ALA D 264 -13.34 -38.19 5.87
C ALA D 264 -14.69 -38.46 5.22
N MET D 265 -14.73 -39.44 4.32
CA MET D 265 -16.00 -39.84 3.70
C MET D 265 -17.03 -40.21 4.76
N GLN D 266 -16.61 -41.03 5.73
CA GLN D 266 -17.52 -41.46 6.79
C GLN D 266 -18.05 -40.28 7.58
N HIS D 267 -17.16 -39.36 7.97
CA HIS D 267 -17.61 -38.17 8.70
C HIS D 267 -18.65 -37.41 7.90
N VAL D 268 -18.35 -37.13 6.63
CA VAL D 268 -19.26 -36.34 5.80
C VAL D 268 -20.62 -37.02 5.69
N LEU D 269 -20.61 -38.33 5.40
CA LEU D 269 -21.88 -39.01 5.15
C LEU D 269 -22.70 -39.17 6.42
N GLN D 270 -22.05 -39.39 7.57
CA GLN D 270 -22.80 -39.47 8.82
C GLN D 270 -23.45 -38.13 9.14
N ARG D 271 -22.68 -37.04 9.05
CA ARG D 271 -23.27 -35.72 9.23
C ARG D 271 -24.46 -35.52 8.29
N THR D 272 -24.30 -35.93 7.03
CA THR D 272 -25.34 -35.67 6.04
C THR D 272 -26.60 -36.45 6.36
N ILE D 273 -26.49 -37.72 6.75
CA ILE D 273 -27.68 -38.50 7.03
C ILE D 273 -28.37 -37.99 8.30
N ARG D 274 -27.58 -37.58 9.30
CA ARG D 274 -28.19 -36.99 10.49
C ARG D 274 -29.02 -35.77 10.12
N CYS D 275 -28.40 -34.82 9.39
CA CYS D 275 -29.11 -33.60 9.03
C CYS D 275 -30.30 -33.90 8.12
N ALA D 276 -30.19 -34.90 7.25
CA ALA D 276 -31.28 -35.21 6.34
C ALA D 276 -32.48 -35.76 7.10
N LYS D 277 -32.26 -36.73 7.98
CA LYS D 277 -33.38 -37.28 8.76
C LYS D 277 -33.95 -36.22 9.70
N ALA D 278 -33.12 -35.31 10.20
CA ALA D 278 -33.65 -34.20 10.98
C ALA D 278 -34.57 -33.33 10.12
N GLU D 279 -34.12 -32.97 8.92
CA GLU D 279 -34.91 -32.11 8.05
C GLU D 279 -36.18 -32.82 7.60
N ALA D 280 -36.11 -34.12 7.35
CA ALA D 280 -37.29 -34.90 7.07
C ALA D 280 -38.02 -35.25 8.37
N GLY D 281 -39.28 -35.65 8.25
CA GLY D 281 -40.03 -36.06 9.41
C GLY D 281 -39.56 -37.38 9.96
N GLU D 282 -39.81 -37.58 11.25
CA GLU D 282 -39.45 -38.84 11.90
C GLU D 282 -40.23 -40.00 11.29
N GLY D 283 -39.50 -41.02 10.87
CA GLY D 283 -40.09 -42.14 10.17
C GLY D 283 -40.33 -41.92 8.69
N GLN D 284 -39.97 -40.76 8.16
CA GLN D 284 -40.13 -40.44 6.74
C GLN D 284 -38.77 -40.46 6.07
N LYS D 285 -38.72 -40.99 4.85
CA LYS D 285 -37.47 -41.04 4.12
C LYS D 285 -37.06 -39.62 3.72
N PRO D 286 -35.78 -39.26 3.89
CA PRO D 286 -35.33 -37.95 3.39
C PRO D 286 -35.36 -37.91 1.87
N SER D 287 -35.73 -36.75 1.33
CA SER D 287 -35.78 -36.56 -0.11
C SER D 287 -34.37 -36.40 -0.66
N PRO D 288 -34.21 -36.50 -1.99
CA PRO D 288 -32.89 -36.23 -2.57
C PRO D 288 -32.37 -34.85 -2.22
N ALA D 289 -33.25 -33.84 -2.18
CA ALA D 289 -32.81 -32.50 -1.80
C ALA D 289 -32.32 -32.48 -0.36
N GLN D 290 -32.94 -33.26 0.51
CA GLN D 290 -32.55 -33.33 1.92
C GLN D 290 -31.32 -34.18 2.14
N LEU D 291 -30.92 -34.98 1.15
CA LEU D 291 -29.78 -35.87 1.27
C LEU D 291 -28.50 -35.30 0.64
N GLU D 292 -28.55 -34.07 0.12
CA GLU D 292 -27.37 -33.45 -0.46
C GLU D 292 -26.21 -33.50 0.54
N LEU D 293 -25.03 -33.85 0.04
CA LEU D 293 -23.85 -33.90 0.89
C LEU D 293 -23.68 -32.59 1.62
N ARG D 294 -23.50 -32.67 2.94
CA ARG D 294 -23.24 -31.48 3.76
C ARG D 294 -21.75 -31.17 3.69
N MET D 295 -21.33 -30.75 2.49
CA MET D 295 -19.91 -30.54 2.20
C MET D 295 -19.34 -29.39 3.03
N VAL D 296 -20.02 -28.24 3.02
CA VAL D 296 -19.53 -27.08 3.74
C VAL D 296 -19.39 -27.40 5.24
N GLN D 297 -20.46 -27.90 5.83
CA GLN D 297 -20.47 -28.16 7.27
C GLN D 297 -19.42 -29.17 7.69
N SER D 298 -18.86 -29.92 6.74
CA SER D 298 -17.87 -30.95 7.04
C SER D 298 -16.44 -30.50 6.72
N LYS D 299 -16.25 -29.22 6.38
CA LYS D 299 -14.93 -28.74 5.96
C LYS D 299 -13.82 -29.28 6.85
N ARG D 300 -13.93 -29.07 8.16
CA ARG D 300 -12.85 -29.45 9.07
C ARG D 300 -12.52 -30.93 8.95
N ASP D 301 -13.55 -31.78 8.94
CA ASP D 301 -13.30 -33.22 8.83
C ASP D 301 -12.56 -33.55 7.54
N ILE D 302 -12.79 -32.77 6.49
CA ILE D 302 -12.07 -32.99 5.23
C ILE D 302 -10.62 -32.58 5.37
N GLU D 303 -10.35 -31.50 6.12
CA GLU D 303 -8.98 -31.00 6.24
C GLU D 303 -8.09 -32.01 6.96
N ASP D 304 -8.56 -32.55 8.07
CA ASP D 304 -7.77 -33.46 8.90
C ASP D 304 -8.71 -34.46 9.53
N PRO D 305 -9.03 -35.54 8.83
CA PRO D 305 -10.05 -36.47 9.35
C PRO D 305 -9.53 -37.28 10.53
N GLU D 306 -10.39 -37.45 11.53
CA GLU D 306 -10.10 -38.40 12.61
C GLU D 306 -10.19 -39.81 12.04
N ILE D 307 -9.09 -40.56 12.14
CA ILE D 307 -9.05 -41.90 11.59
C ILE D 307 -10.01 -42.78 12.39
N VAL D 308 -11.12 -43.16 11.75
CA VAL D 308 -12.10 -44.08 12.34
C VAL D 308 -12.15 -45.40 11.60
N VAL D 309 -11.27 -45.60 10.63
CA VAL D 309 -11.14 -46.86 9.90
C VAL D 309 -9.66 -47.13 9.68
N GLN D 310 -9.25 -48.37 9.91
CA GLN D 310 -7.87 -48.78 9.75
C GLN D 310 -7.80 -49.88 8.69
N ALA D 311 -6.87 -49.72 7.74
CA ALA D 311 -6.66 -50.72 6.71
C ALA D 311 -5.63 -51.74 7.19
N THR D 312 -5.75 -52.95 6.66
CA THR D 312 -4.85 -54.05 7.00
C THR D 312 -3.92 -54.28 5.81
N VAL D 313 -2.62 -54.12 6.03
CA VAL D 313 -1.65 -54.36 4.97
C VAL D 313 -1.47 -55.87 4.80
N LEU D 314 -1.52 -56.32 3.56
CA LEU D 314 -1.52 -57.74 3.26
C LEU D 314 -0.16 -58.21 2.73
O1 PG4 E . 6.20 11.57 24.66
C1 PG4 E . 6.63 12.61 25.50
C2 PG4 E . 7.38 13.66 24.69
O2 PG4 E . 7.88 14.64 25.55
C3 PG4 E . 8.92 15.42 25.03
C4 PG4 E . 10.24 14.67 25.15
O3 PG4 E . 11.03 14.92 24.02
C5 PG4 E . 10.73 14.13 22.90
C6 PG4 E . 11.90 14.24 21.92
O4 PG4 E . 11.87 15.54 21.39
C7 PG4 E . 12.96 16.33 21.78
C8 PG4 E . 12.68 17.77 21.37
O5 PG4 E . 13.90 18.44 21.19
HO1 PG4 E . 6.94 11.03 24.43
H11 PG4 E . 7.29 12.20 26.26
H12 PG4 E . 5.77 13.07 25.98
H21 PG4 E . 6.69 14.12 23.98
H22 PG4 E . 8.20 13.19 24.16
H31 PG4 E . 8.71 15.63 23.98
H32 PG4 E . 8.99 16.35 25.58
H41 PG4 E . 10.76 15.00 26.04
H42 PG4 E . 10.04 13.60 25.21
H51 PG4 E . 9.82 14.49 22.43
H52 PG4 E . 10.61 13.10 23.20
H61 PG4 E . 12.83 14.08 22.44
H62 PG4 E . 11.78 13.51 21.12
H71 PG4 E . 13.86 15.97 21.30
H72 PG4 E . 13.08 16.27 22.86
H81 PG4 E . 12.12 17.78 20.44
H82 PG4 E . 12.11 18.27 22.14
HO5 PG4 E . 14.14 18.40 20.27
C1 GOL F . 31.49 19.95 -0.43
O1 GOL F . 30.95 20.88 -1.31
C2 GOL F . 31.40 18.57 -1.11
O2 GOL F . 32.32 17.68 -0.61
C3 GOL F . 29.94 18.10 -0.86
O3 GOL F . 29.85 16.80 -1.35
H11 GOL F . 31.00 19.92 0.42
H12 GOL F . 32.41 20.13 -0.21
HO1 GOL F . 31.22 21.65 -1.05
H2 GOL F . 31.58 18.64 -2.06
HO2 GOL F . 32.62 17.22 -1.25
H31 GOL F . 29.34 18.72 -1.29
H32 GOL F . 29.75 18.18 0.08
HO3 GOL F . 30.64 16.48 -1.36
C1 EDO G . 39.64 -1.92 35.18
O1 EDO G . 40.67 -1.73 34.20
C2 EDO G . 39.36 -0.59 35.88
O2 EDO G . 38.82 0.35 34.95
H11 EDO G . 39.95 -2.67 35.90
H12 EDO G . 38.73 -2.27 34.70
HO1 EDO G . 40.85 -2.57 33.76
H21 EDO G . 40.28 -0.20 36.32
H22 EDO G . 38.65 -0.76 36.70
HO2 EDO G . 38.66 1.20 35.40
C1 EDO H . 27.01 14.10 23.17
O1 EDO H . 27.82 14.77 22.20
C2 EDO H . 25.71 14.87 23.39
O2 EDO H . 25.01 14.34 24.52
H11 EDO H . 27.56 14.01 24.11
H12 EDO H . 26.78 13.08 22.83
HO1 EDO H . 28.65 14.30 22.09
H21 EDO H . 25.09 14.80 22.49
H22 EDO H . 25.94 15.93 23.55
HO2 EDO H . 24.22 14.87 24.68
O1 PG4 I . 27.96 19.01 23.11
C1 PG4 I . 28.62 18.54 21.99
C2 PG4 I . 29.09 19.71 21.19
O2 PG4 I . 29.69 20.67 22.03
C3 PG4 I . 31.10 20.45 22.20
C4 PG4 I . 31.93 21.66 21.86
O3 PG4 I . 32.44 22.24 23.05
C5 PG4 I . 32.99 23.53 22.82
C6 PG4 I . 33.34 24.20 24.12
O4 PG4 I . 32.20 24.81 24.65
C7 PG4 I . 31.28 23.80 24.95
C8 PG4 I . 30.96 23.97 26.40
O5 PG4 I . 29.73 24.65 26.47
HO1 PG4 I . 27.69 18.26 23.66
H11 PG4 I . 27.96 17.92 21.40
H12 PG4 I . 29.48 17.94 22.31
H21 PG4 I . 28.24 20.16 20.67
H22 PG4 I . 29.81 19.37 20.44
H31 PG4 I . 31.29 20.16 23.24
H32 PG4 I . 31.41 19.62 21.56
H41 PG4 I . 32.76 21.38 21.20
H42 PG4 I . 31.32 22.40 21.33
H51 PG4 I . 32.27 24.13 22.27
H52 PG4 I . 33.88 23.44 22.20
H61 PG4 I . 34.12 24.95 23.95
H62 PG4 I . 33.72 23.46 24.82
H71 PG4 I . 31.72 22.82 24.76
H72 PG4 I . 30.38 23.92 24.35
H81 PG4 I . 30.88 23.00 26.88
H82 PG4 I . 31.74 24.55 26.90
HO5 PG4 I . 29.46 24.72 27.40
C1 GOL J . 1.62 11.17 15.55
O1 GOL J . 2.77 10.75 14.88
C2 GOL J . 0.55 11.44 14.47
O2 GOL J . -0.22 10.31 14.22
C3 GOL J . -0.29 12.62 15.02
O3 GOL J . 0.56 13.73 15.12
H11 GOL J . 1.76 11.96 16.09
H12 GOL J . 1.29 10.49 16.17
HO1 GOL J . 3.35 10.59 15.47
H2 GOL J . 0.98 11.68 13.64
HO2 GOL J . 0.18 9.85 13.63
H31 GOL J . -1.04 12.77 14.42
H32 GOL J . -0.68 12.35 15.87
HO3 GOL J . 0.10 14.36 15.46
C1 EDO K . 13.14 -2.08 5.75
O1 EDO K . 12.92 -0.88 5.00
C2 EDO K . 13.98 -1.76 6.97
O2 EDO K . 13.29 -0.78 7.76
H11 EDO K . 13.64 -2.83 5.13
H12 EDO K . 12.17 -2.50 6.05
HO1 EDO K . 12.36 -1.07 4.23
H21 EDO K . 14.96 -1.38 6.67
H22 EDO K . 14.15 -2.66 7.56
HO2 EDO K . 13.84 -0.55 8.53
C1 EDO L . 6.23 16.28 11.40
O1 EDO L . 7.33 16.04 12.29
C2 EDO L . 6.49 17.51 10.53
O2 EDO L . 7.78 17.43 9.92
H11 EDO L . 5.32 16.41 11.97
H12 EDO L . 6.09 15.40 10.75
HO1 EDO L . 7.16 15.26 12.81
H21 EDO L . 6.44 18.41 11.16
H22 EDO L . 5.71 17.59 9.77
HO2 EDO L . 7.89 18.18 9.31
C1 EDO M . 12.90 37.93 16.32
O1 EDO M . 11.61 38.07 15.73
C2 EDO M . 13.95 37.79 15.22
O2 EDO M . 15.22 37.47 15.81
H11 EDO M . 13.12 38.80 16.95
H12 EDO M . 12.92 37.04 16.96
HO1 EDO M . 10.94 38.13 16.43
H21 EDO M . 14.03 38.73 14.68
H22 EDO M . 13.66 37.01 14.52
HO2 EDO M . 15.87 37.37 15.11
C1 GOL N . 17.13 40.16 6.90
O1 GOL N . 17.17 39.17 5.93
C2 GOL N . 17.45 41.50 6.20
O2 GOL N . 17.29 42.59 7.05
C3 GOL N . 18.91 41.37 5.72
O3 GOL N . 18.94 40.28 4.85
H11 GOL N . 17.77 40.02 7.61
H12 GOL N . 16.26 40.23 7.33
HO1 GOL N . 17.96 38.85 5.94
H2 GOL N . 16.85 41.65 5.45
HO2 GOL N . 17.90 42.56 7.63
H31 GOL N . 19.19 42.20 5.32
H32 GOL N . 19.48 41.26 6.50
HO3 GOL N . 18.34 40.43 4.25
C1 EDO O . 1.66 30.60 -8.16
O1 EDO O . 2.51 31.20 -9.13
C2 EDO O . 0.92 29.40 -8.76
O2 EDO O . 1.85 28.35 -9.03
H11 EDO O . 0.93 31.33 -7.79
H12 EDO O . 2.25 30.26 -7.31
HO1 EDO O . 2.96 31.95 -8.75
H21 EDO O . 0.42 29.71 -9.68
H22 EDO O . 0.16 29.06 -8.07
HO2 EDO O . 1.38 27.61 -9.44
C1 EDO P . -6.93 31.22 17.16
O1 EDO P . -6.10 32.22 16.58
C2 EDO P . -6.52 29.84 16.63
O2 EDO P . -5.13 29.60 16.92
H11 EDO P . -7.97 31.40 16.91
H12 EDO P . -6.83 31.24 18.25
HO1 EDO P . -6.38 33.09 16.90
H21 EDO P . -6.68 29.80 15.55
H22 EDO P . -7.13 29.07 17.09
HO2 EDO P . -4.87 28.75 16.54
C1 EDO Q . 2.05 18.67 -1.40
O1 EDO Q . 1.74 19.39 -0.22
C2 EDO Q . 3.50 18.93 -1.83
O2 EDO Q . 3.73 18.37 -3.13
H11 EDO Q . 1.38 18.97 -2.21
H12 EDO Q . 1.91 17.60 -1.25
HO1 EDO Q . 0.81 19.24 0.02
H21 EDO Q . 3.69 20.00 -1.85
H22 EDO Q . 4.18 18.47 -1.11
HO2 EDO Q . 4.61 18.63 -3.44
C1 GOL R . -21.89 -19.40 9.01
O1 GOL R . -21.62 -19.77 10.34
C2 GOL R . -23.38 -18.99 8.94
O2 GOL R . -23.73 -18.52 7.68
C3 GOL R . -24.17 -20.25 9.35
O3 GOL R . -25.47 -20.08 8.87
H11 GOL R . -21.74 -20.13 8.39
H12 GOL R . -21.34 -18.67 8.72
HO1 GOL R . -20.83 -20.09 10.34
H2 GOL R . -23.57 -18.26 9.56
HO2 GOL R . -24.57 -18.57 7.61
H31 GOL R . -24.12 -20.36 10.31
H32 GOL R . -23.72 -21.03 8.98
HO3 GOL R . -25.50 -20.43 8.10
C1 EDO S . -8.43 8.43 -16.03
O1 EDO S . -8.83 9.58 -15.27
C2 EDO S . -7.22 7.78 -15.36
O2 EDO S . -7.54 7.48 -14.00
H11 EDO S . -8.18 8.72 -17.05
H12 EDO S . -9.25 7.71 -16.08
HO1 EDO S . -9.58 10.01 -15.71
H21 EDO S . -6.36 8.46 -15.40
H22 EDO S . -6.95 6.86 -15.88
HO2 EDO S . -6.77 7.09 -13.56
C1 EDO T . -22.23 10.27 -14.44
O1 EDO T . -21.70 10.68 -15.71
C2 EDO T . -23.59 10.91 -14.23
O2 EDO T . -24.52 10.42 -15.19
H11 EDO T . -21.55 10.57 -13.64
H12 EDO T . -22.33 9.18 -14.42
HO1 EDO T . -20.85 10.25 -15.85
H21 EDO T . -23.50 12.01 -14.32
H22 EDO T . -23.95 10.70 -13.22
HO2 EDO T . -25.39 10.84 -15.05
C1 EDO U . -14.54 -10.92 -17.64
O1 EDO U . -13.56 -10.77 -16.59
C2 EDO U . -14.58 -12.38 -18.10
O2 EDO U . -15.14 -13.20 -17.07
H11 EDO U . -14.28 -10.27 -18.48
H12 EDO U . -15.52 -10.62 -17.27
HO1 EDO U . -13.53 -9.84 -16.32
H21 EDO U . -13.56 -12.72 -18.32
H22 EDO U . -15.17 -12.46 -19.00
HO2 EDO U . -15.10 -14.12 -17.34
C1 EDO V . -24.14 -12.21 -19.01
O1 EDO V . -23.34 -12.28 -17.83
C2 EDO V . -24.35 -13.61 -19.54
O2 EDO V . -25.15 -14.34 -18.59
H11 EDO V . -23.62 -11.59 -19.76
H12 EDO V . -25.09 -11.73 -18.79
HO1 EDO V . -23.63 -11.61 -17.20
H21 EDO V . -23.39 -14.11 -19.70
H22 EDO V . -24.87 -13.58 -20.50
HO2 EDO V . -25.17 -13.85 -17.76
C1 EDO W . -39.63 -15.32 -13.69
O1 EDO W . -39.63 -16.08 -12.47
C2 EDO W . -38.37 -15.68 -14.46
O2 EDO W . -38.08 -17.06 -14.20
H11 EDO W . -39.63 -14.26 -13.46
H12 EDO W . -40.52 -15.55 -14.27
HO1 EDO W . -40.38 -15.82 -11.93
H21 EDO W . -37.53 -15.05 -14.15
H22 EDO W . -38.53 -15.53 -15.53
HO2 EDO W . -37.13 -17.21 -14.33
C1 EDO X . -21.55 13.32 7.17
O1 EDO X . -22.98 13.25 7.00
C2 EDO X . -20.88 12.76 5.94
O2 EDO X . -21.29 13.52 4.80
H11 EDO X . -21.27 12.73 8.05
H12 EDO X . -21.25 14.35 7.35
HO1 EDO X . -23.42 13.60 7.79
H21 EDO X . -21.15 11.71 5.80
H22 EDO X . -19.79 12.82 6.05
HO2 EDO X . -20.85 13.18 4.01
C1 GOL Y . 0.20 -28.53 -2.35
O1 GOL Y . -0.91 -28.13 -3.10
C2 GOL Y . -0.21 -29.75 -1.52
O2 GOL Y . 0.85 -30.31 -0.84
C3 GOL Y . -1.30 -29.22 -0.56
O3 GOL Y . -1.28 -30.04 0.57
H11 GOL Y . 0.52 -27.82 -1.76
H12 GOL Y . 0.96 -28.77 -2.91
HO1 GOL Y . -1.24 -27.45 -2.70
H2 GOL Y . -0.58 -30.44 -2.09
HO2 GOL Y . 1.54 -30.25 -1.33
H31 GOL Y . -2.16 -29.22 -1.01
H32 GOL Y . -1.11 -28.29 -0.36
HO3 GOL Y . -0.46 -30.16 0.77
C1 EDO Z . 0.95 -24.65 -12.59
O1 EDO Z . 1.24 -23.78 -11.49
C2 EDO Z . 1.97 -25.79 -12.65
O2 EDO Z . 1.81 -26.64 -11.50
H11 EDO Z . 0.97 -24.10 -13.52
H12 EDO Z . -0.06 -25.06 -12.47
HO1 EDO Z . 0.59 -23.07 -11.45
H21 EDO Z . 2.98 -25.37 -12.67
H22 EDO Z . 1.82 -26.37 -13.57
HO2 EDO Z . 2.49 -27.33 -11.52
#